data_3QAN
#
_entry.id   3QAN
#
_cell.length_a   101.897
_cell.length_b   75.559
_cell.length_c   217.390
_cell.angle_alpha   90.00
_cell.angle_beta   98.48
_cell.angle_gamma   90.00
#
_symmetry.space_group_name_H-M   'C 1 2 1'
#
loop_
_entity.id
_entity.type
_entity.pdbx_description
1 polymer '1-pyrroline-5-carboxylate dehydrogenase 1'
2 non-polymer 'ACETATE ION'
3 water water
#
_entity_poly.entity_id   1
_entity_poly.type   'polypeptide(L)'
_entity_poly.pdbx_seq_one_letter_code
;VMLQPYKHEPFTDFTVEANRKAFEEALGLVEKELGKEYPLIINGERVTTEDKIQSWNPARKDQLVGSVSKANQDLAEKAI
QSADEAFQTWRNVNPEERANILVKAAAIIRRRKHEFSAWLVHEAGKPWKEADADTAEAIDFLEYYARQMIELNRGKEILS
RPGEQNRYFYTPMGVTVTISPWNFALAIMVGTAVAPIVTGNTVVLKPASTTPVVAAKFVEVLEDAGLPKGVINYVPGSGA
EVGDYLVDHPKTSLITFTGSKDVGVRLYERAAVVRPGQNHLKRVIVEMGGKDTVVVDRDADLDLAAESILVSAFGFSGQK
CSAGSRAVIHKDVYDEVLEKTVALAKNLTVGDPTNRDNYMGPVIDEKAFEKIMSYIEIGKKEGRLMTGGEGDSSTGFFIQ
PTIIADLDPEAVIMQEEIFGPVVAFSKANDFDHALEIANNTEYGLTGAVITRNRAHIEQAKREFHVGNLYFNRNCTGAIV
GYHPFGGFKMSGTDSKAGGPDYLALHMQAKTVSEMYAENLYFQSHHHHHHWSHPQFEK
;
_entity_poly.pdbx_strand_id   A,B,C
#
# COMPACT_ATOMS: atom_id res chain seq x y z
N VAL A 1 -33.00 29.22 11.35
CA VAL A 1 -33.08 27.82 11.73
C VAL A 1 -31.94 27.01 11.16
N MET A 2 -30.76 27.25 11.68
CA MET A 2 -29.60 26.49 11.36
C MET A 2 -28.74 26.90 12.56
N LEU A 3 -27.85 26.10 13.07
CA LEU A 3 -27.10 26.65 14.16
C LEU A 3 -26.01 27.54 13.61
N GLN A 4 -25.70 28.64 14.27
CA GLN A 4 -24.54 29.49 13.95
C GLN A 4 -23.25 28.70 14.12
N PRO A 5 -22.22 28.96 13.29
CA PRO A 5 -20.95 28.22 13.35
C PRO A 5 -20.38 28.12 14.75
N TYR A 6 -19.78 26.97 15.06
CA TYR A 6 -19.11 26.77 16.32
C TYR A 6 -17.90 27.70 16.48
N LYS A 7 -17.75 28.26 17.65
CA LYS A 7 -16.57 28.99 18.09
C LYS A 7 -16.38 28.77 19.58
N HIS A 8 -15.14 28.85 20.05
CA HIS A 8 -14.90 28.53 21.44
C HIS A 8 -15.45 29.59 22.40
N GLU A 9 -15.93 29.14 23.55
CA GLU A 9 -16.43 30.02 24.59
C GLU A 9 -15.25 30.78 25.15
N PRO A 10 -15.31 32.14 25.11
CA PRO A 10 -14.23 32.99 25.57
C PRO A 10 -13.89 32.75 27.04
N PHE A 11 -12.62 32.87 27.37
CA PHE A 11 -12.19 32.80 28.75
C PHE A 11 -12.59 34.12 29.44
N THR A 12 -12.88 34.04 30.73
CA THR A 12 -13.25 35.22 31.50
C THR A 12 -12.01 36.04 31.86
N ASP A 13 -12.05 37.33 31.51
CA ASP A 13 -11.00 38.28 31.84
C ASP A 13 -11.25 38.81 33.27
N PHE A 14 -10.52 38.27 34.24
CA PHE A 14 -10.64 38.71 35.63
C PHE A 14 -9.87 40.01 35.97
N THR A 15 -9.48 40.77 34.95
CA THR A 15 -8.96 42.13 35.15
C THR A 15 -10.07 43.17 35.01
N VAL A 16 -11.19 42.76 34.42
CA VAL A 16 -12.42 43.55 34.39
C VAL A 16 -13.05 43.46 35.77
N GLU A 17 -13.39 44.62 36.34
CA GLU A 17 -13.92 44.73 37.70
C GLU A 17 -15.19 43.91 37.93
N ALA A 18 -16.10 43.97 36.96
CA ALA A 18 -17.39 43.29 37.05
C ALA A 18 -17.31 41.76 36.96
N ASN A 19 -16.23 41.23 36.38
CA ASN A 19 -16.06 39.78 36.26
C ASN A 19 -15.64 39.15 37.58
N ARG A 20 -14.74 39.81 38.31
CA ARG A 20 -14.28 39.36 39.63
C ARG A 20 -15.43 39.39 40.62
N LYS A 21 -16.15 40.51 40.65
CA LYS A 21 -17.31 40.70 41.52
C LYS A 21 -18.30 39.56 41.32
N ALA A 22 -18.57 39.27 40.05
CA ALA A 22 -19.49 38.20 39.64
C ALA A 22 -18.97 36.82 40.08
N PHE A 23 -17.66 36.61 39.95
CA PHE A 23 -17.04 35.35 40.36
C PHE A 23 -17.05 35.15 41.88
N GLU A 24 -16.77 36.22 42.63
CA GLU A 24 -16.85 36.19 44.10
C GLU A 24 -18.25 35.91 44.60
N GLU A 25 -19.26 36.47 43.92
CA GLU A 25 -20.66 36.18 44.25
C GLU A 25 -21.00 34.71 44.06
N ALA A 26 -20.51 34.12 42.97
CA ALA A 26 -20.69 32.68 42.71
C ALA A 26 -19.97 31.81 43.72
N LEU A 27 -18.82 32.28 44.24
CA LEU A 27 -18.09 31.56 45.28
C LEU A 27 -18.86 31.56 46.61
N GLY A 28 -19.56 32.65 46.90
CA GLY A 28 -20.43 32.76 48.07
C GLY A 28 -21.63 31.82 47.95
N LEU A 29 -22.18 31.76 46.74
CA LEU A 29 -23.32 30.90 46.38
C LEU A 29 -23.02 29.43 46.64
N VAL A 30 -21.85 28.98 46.16
CA VAL A 30 -21.42 27.59 46.35
C VAL A 30 -21.08 27.29 47.81
N GLU A 31 -20.42 28.23 48.48
CA GLU A 31 -20.02 28.04 49.88
C GLU A 31 -21.22 27.75 50.78
N LYS A 32 -22.31 28.47 50.54
CA LYS A 32 -23.55 28.26 51.28
C LYS A 32 -24.20 26.91 50.94
N GLU A 33 -23.93 26.41 49.73
CA GLU A 33 -24.45 25.11 49.27
C GLU A 33 -23.61 23.92 49.66
N LEU A 34 -22.42 24.16 50.22
CA LEU A 34 -21.53 23.08 50.67
C LEU A 34 -22.17 22.23 51.75
N GLY A 35 -21.93 20.92 51.69
CA GLY A 35 -22.36 20.00 52.74
C GLY A 35 -23.68 19.28 52.46
N LYS A 36 -24.22 19.49 51.28
CA LYS A 36 -25.48 18.92 50.82
C LYS A 36 -25.39 17.42 50.47
N GLU A 37 -26.52 16.72 50.47
CA GLU A 37 -26.53 15.31 50.16
C GLU A 37 -27.05 15.05 48.73
N TYR A 38 -26.38 14.14 48.01
CA TYR A 38 -26.73 13.87 46.61
C TYR A 38 -27.13 12.42 46.36
N PRO A 39 -28.35 12.21 45.85
CA PRO A 39 -28.79 10.86 45.52
C PRO A 39 -28.15 10.37 44.22
N LEU A 40 -28.12 9.05 44.05
CA LEU A 40 -27.94 8.42 42.75
C LEU A 40 -29.14 8.77 41.87
N ILE A 41 -28.94 8.75 40.56
CA ILE A 41 -30.01 8.97 39.60
C ILE A 41 -30.08 7.74 38.71
N ILE A 42 -31.17 6.99 38.83
CA ILE A 42 -31.38 5.78 38.05
C ILE A 42 -32.80 5.84 37.47
N ASN A 43 -32.91 5.89 36.13
CA ASN A 43 -34.20 6.01 35.42
C ASN A 43 -35.03 7.22 35.87
N GLY A 44 -34.33 8.31 36.16
CA GLY A 44 -34.96 9.58 36.55
C GLY A 44 -35.31 9.66 38.03
N GLU A 45 -35.26 8.51 38.71
CA GLU A 45 -35.58 8.42 40.13
C GLU A 45 -34.35 8.72 40.97
N ARG A 46 -34.56 9.41 42.07
CA ARG A 46 -33.54 9.66 43.08
C ARG A 46 -33.44 8.46 44.02
N VAL A 47 -32.25 7.87 44.13
CA VAL A 47 -32.02 6.70 44.99
C VAL A 47 -30.93 6.99 46.02
N THR A 48 -31.33 7.13 47.28
CA THR A 48 -30.43 7.38 48.39
C THR A 48 -29.99 6.06 49.06
N THR A 49 -28.70 5.90 49.29
CA THR A 49 -28.18 4.82 50.13
C THR A 49 -27.76 5.45 51.46
N GLU A 50 -27.63 4.65 52.52
CA GLU A 50 -27.08 5.19 53.78
C GLU A 50 -25.55 5.05 53.83
N ASP A 51 -25.01 4.17 52.99
CA ASP A 51 -23.58 4.14 52.70
C ASP A 51 -23.25 5.30 51.75
N LYS A 52 -22.22 6.08 52.06
CA LYS A 52 -21.93 7.31 51.28
C LYS A 52 -20.48 7.59 50.89
N ILE A 53 -20.33 8.44 49.88
CA ILE A 53 -19.03 8.97 49.48
C ILE A 53 -18.94 10.42 49.92
N GLN A 54 -18.00 10.69 50.80
CA GLN A 54 -17.79 12.06 51.24
C GLN A 54 -16.78 12.74 50.35
N SER A 55 -17.14 13.93 49.88
CA SER A 55 -16.26 14.73 49.02
C SER A 55 -15.74 15.96 49.77
N TRP A 56 -14.41 16.06 49.91
CA TRP A 56 -13.76 17.09 50.74
C TRP A 56 -12.97 18.13 49.94
N ASN A 57 -13.03 19.38 50.37
CA ASN A 57 -12.21 20.47 49.80
C ASN A 57 -10.72 20.11 49.92
N PRO A 58 -9.98 20.07 48.77
CA PRO A 58 -8.55 19.74 48.89
C PRO A 58 -7.73 20.84 49.55
N ALA A 59 -8.24 22.08 49.52
CA ALA A 59 -7.58 23.21 50.18
C ALA A 59 -7.94 23.32 51.66
N ARG A 60 -9.05 22.68 52.07
CA ARG A 60 -9.51 22.67 53.46
C ARG A 60 -10.03 21.28 53.80
N LYS A 61 -9.15 20.38 54.23
CA LYS A 61 -9.44 18.94 54.22
C LYS A 61 -10.58 18.47 55.14
N ASP A 62 -11.01 19.34 56.04
CA ASP A 62 -12.15 19.07 56.93
CA ASP A 62 -12.13 19.10 56.95
C ASP A 62 -13.41 19.82 56.52
N GLN A 63 -13.39 20.42 55.34
CA GLN A 63 -14.60 21.03 54.79
C GLN A 63 -15.31 20.08 53.83
N LEU A 64 -16.51 19.67 54.21
CA LEU A 64 -17.33 18.81 53.36
C LEU A 64 -17.98 19.59 52.22
N VAL A 65 -17.59 19.26 50.99
CA VAL A 65 -18.20 19.85 49.81
C VAL A 65 -19.60 19.23 49.62
N GLY A 66 -19.68 17.92 49.81
CA GLY A 66 -20.94 17.19 49.72
C GLY A 66 -20.74 15.73 50.02
N SER A 67 -21.83 15.04 50.29
CA SER A 67 -21.80 13.59 50.41
C SER A 67 -22.81 13.03 49.43
N VAL A 68 -22.36 12.10 48.61
CA VAL A 68 -23.21 11.49 47.61
C VAL A 68 -23.50 10.05 48.00
N SER A 69 -24.59 9.49 47.49
CA SER A 69 -24.91 8.08 47.68
C SER A 69 -23.92 7.22 46.90
N LYS A 70 -23.77 5.97 47.32
CA LYS A 70 -22.76 5.10 46.77
C LYS A 70 -23.46 3.91 46.18
N ALA A 71 -23.26 3.67 44.88
CA ALA A 71 -23.87 2.50 44.25
C ALA A 71 -23.18 1.20 44.66
N ASN A 72 -23.90 0.10 44.49
CA ASN A 72 -23.32 -1.22 44.60
C ASN A 72 -23.66 -1.99 43.33
N GLN A 73 -23.25 -3.26 43.27
CA GLN A 73 -23.50 -4.14 42.13
C GLN A 73 -24.95 -4.19 41.67
N ASP A 74 -25.86 -4.24 42.65
CA ASP A 74 -27.29 -4.35 42.41
C ASP A 74 -27.88 -3.07 41.82
N LEU A 75 -27.34 -1.93 42.24
CA LEU A 75 -27.81 -0.66 41.69
C LEU A 75 -27.14 -0.38 40.35
N ALA A 76 -25.94 -0.91 40.16
CA ALA A 76 -25.24 -0.85 38.87
C ALA A 76 -26.02 -1.63 37.81
N GLU A 77 -26.54 -2.78 38.21
CA GLU A 77 -27.40 -3.62 37.39
C GLU A 77 -28.69 -2.90 36.98
N LYS A 78 -29.36 -2.28 37.95
CA LYS A 78 -30.53 -1.46 37.68
C LYS A 78 -30.21 -0.27 36.75
N ALA A 79 -29.05 0.35 36.95
CA ALA A 79 -28.59 1.47 36.12
C ALA A 79 -28.40 1.05 34.67
N ILE A 80 -27.73 -0.09 34.46
CA ILE A 80 -27.59 -0.70 33.13
C ILE A 80 -28.95 -1.00 32.47
N GLN A 81 -29.87 -1.59 33.25
CA GLN A 81 -31.18 -1.97 32.74
C GLN A 81 -32.03 -0.76 32.37
N SER A 82 -31.91 0.31 33.15
CA SER A 82 -32.57 1.57 32.85
C SER A 82 -32.07 2.17 31.53
N ALA A 83 -30.75 2.11 31.35
CA ALA A 83 -30.07 2.65 30.17
C ALA A 83 -30.50 1.87 28.94
N ASP A 84 -30.55 0.54 29.08
CA ASP A 84 -30.93 -0.34 27.98
C ASP A 84 -32.36 -0.10 27.54
N GLU A 85 -33.26 0.11 28.51
CA GLU A 85 -34.67 0.38 28.27
C GLU A 85 -34.86 1.72 27.56
N ALA A 86 -34.18 2.75 28.05
CA ALA A 86 -34.28 4.11 27.49
C ALA A 86 -33.74 4.17 26.05
N PHE A 87 -32.74 3.35 25.77
CA PHE A 87 -32.10 3.23 24.44
C PHE A 87 -33.07 2.82 23.35
N GLN A 88 -34.07 2.01 23.69
CA GLN A 88 -35.05 1.53 22.72
C GLN A 88 -35.82 2.70 22.08
N THR A 89 -36.01 3.77 22.84
CA THR A 89 -36.66 4.98 22.32
C THR A 89 -35.66 6.08 21.97
N TRP A 90 -34.57 6.17 22.75
CA TRP A 90 -33.57 7.21 22.55
C TRP A 90 -32.85 7.13 21.19
N ARG A 91 -32.58 5.90 20.74
CA ARG A 91 -31.97 5.66 19.42
C ARG A 91 -32.82 6.18 18.25
N ASN A 92 -34.10 6.42 18.48
CA ASN A 92 -35.00 6.87 17.42
C ASN A 92 -35.42 8.34 17.51
N VAL A 93 -35.01 9.03 18.58
CA VAL A 93 -35.25 10.48 18.71
C VAL A 93 -34.41 11.18 17.63
N ASN A 94 -35.03 12.07 16.86
CA ASN A 94 -34.34 12.77 15.76
C ASN A 94 -33.04 13.41 16.19
N PRO A 95 -31.95 13.20 15.42
CA PRO A 95 -30.64 13.75 15.77
C PRO A 95 -30.61 15.26 16.00
N GLU A 96 -31.49 15.98 15.31
CA GLU A 96 -31.68 17.41 15.51
C GLU A 96 -32.19 17.73 16.92
N GLU A 97 -33.09 16.89 17.43
CA GLU A 97 -33.63 17.08 18.78
CA GLU A 97 -33.62 17.07 18.78
C GLU A 97 -32.59 16.75 19.85
N ARG A 98 -31.79 15.70 19.60
CA ARG A 98 -30.72 15.25 20.50
C ARG A 98 -29.68 16.37 20.65
N ALA A 99 -29.29 16.96 19.51
CA ALA A 99 -28.35 18.07 19.49
C ALA A 99 -28.91 19.29 20.21
N ASN A 100 -30.20 19.57 20.01
CA ASN A 100 -30.86 20.68 20.70
C ASN A 100 -30.81 20.60 22.22
N ILE A 101 -30.91 19.39 22.76
CA ILE A 101 -30.79 19.17 24.20
C ILE A 101 -29.36 19.51 24.69
N LEU A 102 -28.35 19.21 23.87
CA LEU A 102 -26.97 19.63 24.20
C LEU A 102 -26.84 21.16 24.12
N VAL A 103 -27.46 21.76 23.11
CA VAL A 103 -27.43 23.23 22.96
C VAL A 103 -28.14 23.93 24.13
N LYS A 104 -29.30 23.41 24.54
CA LYS A 104 -30.00 23.94 25.72
C LYS A 104 -29.18 23.75 27.00
N ALA A 105 -28.49 22.62 27.12
CA ALA A 105 -27.63 22.35 28.28
C ALA A 105 -26.47 23.35 28.37
N ALA A 106 -25.87 23.66 27.22
CA ALA A 106 -24.78 24.65 27.11
C ALA A 106 -25.23 26.03 27.58
N ALA A 107 -26.42 26.45 27.15
CA ALA A 107 -26.97 27.74 27.54
C ALA A 107 -27.27 27.83 29.05
N ILE A 108 -27.63 26.71 29.68
CA ILE A 108 -27.83 26.69 31.14
C ILE A 108 -26.48 26.85 31.84
N ILE A 109 -25.48 26.08 31.38
CA ILE A 109 -24.13 26.22 31.94
C ILE A 109 -23.56 27.61 31.68
N ARG A 110 -23.74 28.15 30.48
CA ARG A 110 -23.29 29.51 30.14
C ARG A 110 -23.90 30.59 31.06
N ARG A 111 -25.19 30.47 31.31
CA ARG A 111 -25.90 31.36 32.23
C ARG A 111 -25.36 31.20 33.66
N ARG A 112 -25.00 29.97 34.03
CA ARG A 112 -24.53 29.68 35.39
C ARG A 112 -23.04 29.39 35.44
N LYS A 113 -22.30 30.01 34.53
CA LYS A 113 -20.87 29.74 34.31
C LYS A 113 -19.98 29.83 35.55
N HIS A 114 -20.10 30.91 36.30
CA HIS A 114 -19.21 31.14 37.43
C HIS A 114 -19.57 30.24 38.60
N GLU A 115 -20.83 29.86 38.67
CA GLU A 115 -21.29 28.88 39.66
C GLU A 115 -20.66 27.51 39.39
N PHE A 116 -20.64 27.08 38.13
CA PHE A 116 -19.98 25.82 37.80
C PHE A 116 -18.48 25.88 38.06
N SER A 117 -17.87 27.02 37.73
CA SER A 117 -16.47 27.25 38.06
C SER A 117 -16.19 27.22 39.55
N ALA A 118 -17.02 27.91 40.34
CA ALA A 118 -16.84 27.94 41.80
C ALA A 118 -17.06 26.58 42.44
N TRP A 119 -17.83 25.71 41.79
CA TRP A 119 -17.93 24.31 42.21
C TRP A 119 -16.61 23.57 42.05
N LEU A 120 -15.91 23.86 40.96
CA LEU A 120 -14.62 23.25 40.66
C LEU A 120 -13.56 23.80 41.56
N VAL A 121 -13.61 25.11 41.85
CA VAL A 121 -12.72 25.74 42.83
C VAL A 121 -12.79 25.01 44.16
N HIS A 122 -14.01 24.78 44.64
CA HIS A 122 -14.23 24.14 45.96
C HIS A 122 -13.92 22.65 46.01
N GLU A 123 -14.38 21.89 45.01
CA GLU A 123 -14.31 20.43 45.03
C GLU A 123 -13.03 19.86 44.40
N ALA A 124 -12.57 20.46 43.30
CA ALA A 124 -11.33 20.01 42.65
C ALA A 124 -10.10 20.84 43.07
N GLY A 125 -10.34 21.99 43.71
CA GLY A 125 -9.26 22.87 44.15
C GLY A 125 -8.63 23.63 43.02
N LYS A 126 -9.40 23.85 41.94
CA LYS A 126 -8.92 24.58 40.78
C LYS A 126 -8.79 26.09 41.05
N PRO A 127 -7.64 26.67 40.68
CA PRO A 127 -7.51 28.11 40.63
C PRO A 127 -8.55 28.76 39.71
N TRP A 128 -8.85 30.03 39.96
CA TRP A 128 -9.84 30.78 39.16
C TRP A 128 -9.71 30.51 37.65
N LYS A 129 -8.52 30.74 37.13
CA LYS A 129 -8.22 30.59 35.68
C LYS A 129 -8.52 29.19 35.12
N GLU A 130 -8.10 28.17 35.86
CA GLU A 130 -8.29 26.77 35.47
C GLU A 130 -9.76 26.35 35.56
N ALA A 131 -10.47 26.85 36.59
CA ALA A 131 -11.87 26.55 36.79
C ALA A 131 -12.69 27.12 35.66
N ASP A 132 -12.42 28.38 35.33
CA ASP A 132 -13.10 29.05 34.23
C ASP A 132 -12.87 28.30 32.93
N ALA A 133 -11.60 27.96 32.65
CA ALA A 133 -11.22 27.24 31.43
C ALA A 133 -11.93 25.90 31.28
N ASP A 134 -12.06 25.20 32.40
CA ASP A 134 -12.77 23.92 32.50
C ASP A 134 -14.25 24.10 32.13
N THR A 135 -14.92 25.04 32.78
CA THR A 135 -16.35 25.33 32.49
C THR A 135 -16.55 25.74 31.02
N ALA A 136 -15.65 26.58 30.51
CA ALA A 136 -15.67 26.97 29.09
C ALA A 136 -15.59 25.74 28.17
N GLU A 137 -14.72 24.81 28.53
CA GLU A 137 -14.49 23.58 27.77
C GLU A 137 -15.72 22.67 27.78
N ALA A 138 -16.43 22.58 28.91
CA ALA A 138 -17.67 21.80 28.95
C ALA A 138 -18.75 22.42 28.05
N ILE A 139 -18.83 23.75 28.07
CA ILE A 139 -19.72 24.48 27.19
C ILE A 139 -19.40 24.14 25.71
N ASP A 140 -18.12 24.18 25.38
CA ASP A 140 -17.61 23.83 24.06
C ASP A 140 -17.94 22.41 23.61
N PHE A 141 -17.79 21.44 24.51
CA PHE A 141 -18.08 20.05 24.17
C PHE A 141 -19.53 19.93 23.76
N LEU A 142 -20.39 20.67 24.45
CA LEU A 142 -21.80 20.61 24.21
C LEU A 142 -22.12 21.21 22.85
N GLU A 143 -21.56 22.40 22.57
CA GLU A 143 -21.83 23.12 21.32
C GLU A 143 -21.20 22.44 20.12
N TYR A 144 -19.97 21.96 20.30
CA TYR A 144 -19.23 21.22 19.27
C TYR A 144 -19.88 19.90 18.85
N TYR A 145 -20.19 19.02 19.81
CA TYR A 145 -20.77 17.71 19.48
C TYR A 145 -22.20 17.79 19.02
N ALA A 146 -22.93 18.81 19.46
CA ALA A 146 -24.25 19.09 18.93
C ALA A 146 -24.16 19.32 17.43
N ARG A 147 -23.27 20.21 17.03
CA ARG A 147 -23.03 20.46 15.60
C ARG A 147 -22.49 19.22 14.85
N GLN A 148 -21.60 18.48 15.47
CA GLN A 148 -21.03 17.30 14.83
C GLN A 148 -22.08 16.25 14.49
N MET A 149 -23.05 16.06 15.40
CA MET A 149 -24.08 15.03 15.18
C MET A 149 -24.97 15.35 13.99
N ILE A 150 -25.35 16.62 13.87
CA ILE A 150 -26.12 17.08 12.72
C ILE A 150 -25.34 16.90 11.41
N GLU A 151 -24.03 17.16 11.43
CA GLU A 151 -23.18 16.89 10.26
C GLU A 151 -23.13 15.41 9.92
N LEU A 152 -22.89 14.58 10.94
CA LEU A 152 -22.79 13.13 10.80
C LEU A 152 -24.11 12.48 10.37
N ASN A 153 -25.24 13.08 10.78
CA ASN A 153 -26.57 12.59 10.38
C ASN A 153 -26.80 12.61 8.85
N ARG A 154 -26.02 13.45 8.16
CA ARG A 154 -26.04 13.50 6.69
C ARG A 154 -25.47 12.24 6.06
N GLY A 155 -24.63 11.52 6.81
CA GLY A 155 -23.98 10.32 6.30
C GLY A 155 -22.87 10.65 5.33
N LYS A 156 -22.43 9.64 4.57
CA LYS A 156 -21.32 9.85 3.64
C LYS A 156 -21.66 9.38 2.23
N GLU A 157 -21.22 10.16 1.23
CA GLU A 157 -21.52 9.85 -0.16
C GLU A 157 -20.74 8.64 -0.69
N ILE A 158 -21.48 7.67 -1.19
CA ILE A 158 -20.86 6.51 -1.86
C ILE A 158 -21.41 6.41 -3.26
N LEU A 159 -20.87 5.49 -4.05
CA LEU A 159 -21.28 5.38 -5.44
C LEU A 159 -22.49 4.46 -5.61
N SER A 160 -23.33 4.80 -6.58
CA SER A 160 -24.42 3.94 -7.05
C SER A 160 -24.32 3.83 -8.58
N ARG A 161 -24.33 2.61 -9.11
CA ARG A 161 -24.40 2.43 -10.57
C ARG A 161 -25.86 2.58 -11.02
N PRO A 162 -26.12 2.84 -12.32
CA PRO A 162 -27.51 3.01 -12.78
C PRO A 162 -28.37 1.81 -12.44
N GLY A 163 -29.57 2.07 -11.94
CA GLY A 163 -30.51 1.02 -11.55
C GLY A 163 -30.44 0.60 -10.09
N GLU A 164 -29.68 1.33 -9.28
CA GLU A 164 -29.59 1.08 -7.84
C GLU A 164 -29.44 2.36 -7.04
N GLN A 165 -29.78 2.33 -5.75
CA GLN A 165 -29.57 3.45 -4.84
C GLN A 165 -28.86 3.01 -3.56
N ASN A 166 -27.62 3.46 -3.42
CA ASN A 166 -26.78 3.08 -2.27
C ASN A 166 -26.58 4.24 -1.31
N ARG A 167 -26.76 3.98 -0.01
CA ARG A 167 -26.61 5.01 1.04
C ARG A 167 -25.80 4.45 2.21
N TYR A 168 -24.98 5.32 2.79
CA TYR A 168 -24.06 5.02 3.88
C TYR A 168 -24.40 5.99 4.99
N PHE A 169 -24.68 5.47 6.17
CA PHE A 169 -25.08 6.33 7.30
C PHE A 169 -24.72 5.69 8.62
N TYR A 170 -24.92 6.44 9.72
CA TYR A 170 -24.47 6.02 11.04
C TYR A 170 -25.63 5.67 11.97
N THR A 171 -25.45 4.64 12.79
CA THR A 171 -26.52 4.21 13.69
C THR A 171 -26.04 4.08 15.14
N PRO A 172 -26.91 4.45 16.12
CA PRO A 172 -26.63 4.29 17.55
C PRO A 172 -26.29 2.83 17.93
N MET A 173 -25.55 2.65 19.01
CA MET A 173 -25.05 1.33 19.37
C MET A 173 -25.72 0.68 20.59
N GLY A 174 -25.83 1.41 21.69
CA GLY A 174 -26.42 0.81 22.90
C GLY A 174 -26.01 1.48 24.17
N VAL A 175 -25.85 0.68 25.22
CA VAL A 175 -25.49 1.17 26.53
C VAL A 175 -24.01 1.54 26.53
N THR A 176 -23.74 2.75 26.97
CA THR A 176 -22.39 3.25 27.15
C THR A 176 -22.08 3.39 28.63
N VAL A 177 -20.92 2.89 29.05
CA VAL A 177 -20.39 3.13 30.38
C VAL A 177 -19.34 4.24 30.32
N THR A 178 -19.63 5.36 30.97
CA THR A 178 -18.71 6.49 31.02
C THR A 178 -18.03 6.53 32.38
N ILE A 179 -16.69 6.42 32.37
CA ILE A 179 -15.89 6.48 33.59
C ILE A 179 -14.95 7.71 33.49
N SER A 180 -15.25 8.72 34.29
CA SER A 180 -14.65 10.06 34.12
C SER A 180 -13.60 10.41 35.19
N PRO A 181 -12.73 11.40 34.89
CA PRO A 181 -11.67 11.70 35.84
C PRO A 181 -12.04 12.84 36.79
N TRP A 182 -11.16 13.11 37.73
CA TRP A 182 -11.38 14.16 38.71
C TRP A 182 -10.69 15.42 38.32
N ASN A 183 -9.63 15.30 37.53
CA ASN A 183 -8.81 16.47 37.20
C ASN A 183 -9.51 17.42 36.25
N PHE A 184 -10.39 16.87 35.41
CA PHE A 184 -11.33 17.67 34.65
C PHE A 184 -12.74 17.20 35.00
N ALA A 185 -13.06 17.48 36.26
CA ALA A 185 -14.27 17.00 36.91
C ALA A 185 -15.55 17.37 36.18
N LEU A 186 -15.56 18.53 35.52
CA LEU A 186 -16.68 18.94 34.69
C LEU A 186 -16.46 18.64 33.20
N ALA A 187 -15.42 19.23 32.60
CA ALA A 187 -15.20 19.19 31.14
C ALA A 187 -15.21 17.78 30.51
N ILE A 188 -14.33 16.91 30.99
CA ILE A 188 -14.18 15.58 30.38
C ILE A 188 -15.37 14.68 30.71
N MET A 189 -15.91 14.82 31.93
CA MET A 189 -17.13 14.15 32.33
C MET A 189 -18.29 14.52 31.39
N VAL A 190 -18.40 15.81 31.08
CA VAL A 190 -19.38 16.32 30.12
C VAL A 190 -19.16 15.78 28.70
N GLY A 191 -17.96 15.98 28.14
CA GLY A 191 -17.60 15.42 26.82
C GLY A 191 -17.84 13.93 26.61
N THR A 192 -17.30 13.11 27.51
CA THR A 192 -17.44 11.67 27.42
C THR A 192 -18.83 11.13 27.84
N ALA A 193 -19.70 11.99 28.35
CA ALA A 193 -21.10 11.61 28.56
C ALA A 193 -21.96 12.04 27.40
N VAL A 194 -21.73 13.24 26.88
CA VAL A 194 -22.64 13.74 25.85
C VAL A 194 -22.34 13.25 24.44
N ALA A 195 -21.07 12.98 24.13
CA ALA A 195 -20.74 12.34 22.86
C ALA A 195 -21.55 11.03 22.65
N PRO A 196 -21.56 10.11 23.64
CA PRO A 196 -22.47 8.98 23.47
C PRO A 196 -23.95 9.38 23.41
N ILE A 197 -24.37 10.30 24.28
CA ILE A 197 -25.78 10.70 24.35
C ILE A 197 -26.29 11.26 23.01
N VAL A 198 -25.51 12.16 22.41
CA VAL A 198 -25.94 12.86 21.21
C VAL A 198 -25.93 11.94 20.00
N THR A 199 -25.09 10.90 20.06
CA THR A 199 -25.08 9.90 19.01
C THR A 199 -26.16 8.81 19.23
N GLY A 200 -27.13 9.10 20.10
CA GLY A 200 -28.28 8.20 20.28
C GLY A 200 -28.06 6.99 21.17
N ASN A 201 -26.88 6.92 21.80
CA ASN A 201 -26.60 5.92 22.83
C ASN A 201 -27.14 6.41 24.17
N THR A 202 -27.23 5.51 25.15
CA THR A 202 -27.56 5.91 26.53
C THR A 202 -26.32 5.71 27.40
N VAL A 203 -26.30 6.36 28.57
CA VAL A 203 -25.09 6.41 29.41
C VAL A 203 -25.36 5.95 30.84
N VAL A 204 -24.47 5.08 31.33
CA VAL A 204 -24.31 4.88 32.77
C VAL A 204 -23.00 5.56 33.21
N LEU A 205 -23.14 6.62 34.01
CA LEU A 205 -22.02 7.47 34.41
C LEU A 205 -21.49 7.19 35.82
N LYS A 206 -20.22 6.81 35.90
CA LYS A 206 -19.53 6.66 37.16
C LYS A 206 -18.46 7.75 37.24
N PRO A 207 -18.76 8.86 37.94
CA PRO A 207 -17.74 9.91 38.05
C PRO A 207 -16.68 9.50 39.04
N ALA A 208 -15.54 10.21 39.02
CA ALA A 208 -14.49 9.98 40.00
C ALA A 208 -15.05 10.24 41.41
N SER A 209 -14.66 9.38 42.34
CA SER A 209 -15.20 9.43 43.71
C SER A 209 -14.68 10.63 44.50
N THR A 210 -13.59 11.21 44.00
CA THR A 210 -13.02 12.43 44.58
C THR A 210 -13.75 13.69 44.11
N THR A 211 -14.47 13.63 42.98
CA THR A 211 -15.24 14.80 42.51
C THR A 211 -16.69 14.49 42.03
N PRO A 212 -17.51 13.86 42.89
CA PRO A 212 -18.81 13.45 42.33
C PRO A 212 -19.89 14.53 42.38
N VAL A 213 -19.66 15.60 43.13
CA VAL A 213 -20.69 16.61 43.36
C VAL A 213 -20.95 17.46 42.11
N VAL A 214 -19.88 17.86 41.42
CA VAL A 214 -20.06 18.64 40.20
C VAL A 214 -20.78 17.81 39.11
N ALA A 215 -20.52 16.50 39.09
CA ALA A 215 -21.21 15.58 38.17
C ALA A 215 -22.71 15.47 38.46
N ALA A 216 -23.09 15.53 39.75
CA ALA A 216 -24.50 15.56 40.13
C ALA A 216 -25.15 16.86 39.67
N LYS A 217 -24.40 17.96 39.79
CA LYS A 217 -24.86 19.26 39.30
C LYS A 217 -25.11 19.21 37.79
N PHE A 218 -24.22 18.53 37.07
CA PHE A 218 -24.36 18.49 35.62
C PHE A 218 -25.56 17.62 35.17
N VAL A 219 -25.75 16.48 35.82
CA VAL A 219 -26.91 15.60 35.48
C VAL A 219 -28.23 16.34 35.73
N GLU A 220 -28.30 17.14 36.82
CA GLU A 220 -29.44 18.06 37.05
C GLU A 220 -29.70 18.97 35.85
N VAL A 221 -28.64 19.57 35.30
CA VAL A 221 -28.73 20.41 34.09
C VAL A 221 -29.31 19.66 32.90
N LEU A 222 -28.84 18.42 32.68
CA LEU A 222 -29.32 17.57 31.59
C LEU A 222 -30.84 17.36 31.67
N GLU A 223 -31.31 17.08 32.88
CA GLU A 223 -32.73 16.99 33.17
C GLU A 223 -33.46 18.29 32.84
N ASP A 224 -32.91 19.43 33.25
CA ASP A 224 -33.50 20.76 32.98
C ASP A 224 -33.50 21.15 31.49
N ALA A 225 -32.55 20.59 30.74
CA ALA A 225 -32.46 20.79 29.28
C ALA A 225 -33.39 19.87 28.51
N GLY A 226 -34.06 18.97 29.24
CA GLY A 226 -35.08 18.10 28.68
C GLY A 226 -34.68 16.67 28.31
N LEU A 227 -33.57 16.17 28.84
CA LEU A 227 -33.14 14.81 28.56
C LEU A 227 -34.08 13.82 29.24
N PRO A 228 -34.62 12.86 28.46
CA PRO A 228 -35.51 11.81 28.97
C PRO A 228 -34.86 10.94 30.05
N LYS A 229 -35.69 10.34 30.91
CA LYS A 229 -35.24 9.48 32.01
C LYS A 229 -34.46 8.25 31.54
N GLY A 230 -33.43 7.90 32.29
CA GLY A 230 -32.59 6.75 31.96
C GLY A 230 -31.57 6.96 30.86
N VAL A 231 -31.63 8.09 30.16
CA VAL A 231 -30.67 8.37 29.09
C VAL A 231 -29.27 8.63 29.69
N ILE A 232 -29.23 9.34 30.81
CA ILE A 232 -28.07 9.29 31.70
C ILE A 232 -28.50 8.73 33.04
N ASN A 233 -27.56 8.03 33.68
CA ASN A 233 -27.73 7.47 35.00
C ASN A 233 -26.48 7.82 35.80
N TYR A 234 -26.68 8.33 37.01
CA TYR A 234 -25.59 8.84 37.84
C TYR A 234 -25.29 7.87 38.98
N VAL A 235 -24.18 7.14 38.86
CA VAL A 235 -23.83 6.09 39.84
C VAL A 235 -22.34 6.06 40.29
N PRO A 236 -21.92 7.06 41.09
CA PRO A 236 -20.62 6.98 41.77
C PRO A 236 -20.52 5.74 42.69
N GLY A 237 -19.30 5.29 42.96
CA GLY A 237 -19.09 4.07 43.77
C GLY A 237 -17.68 3.54 43.67
N SER A 238 -17.45 2.33 44.19
CA SER A 238 -16.13 1.72 44.18
CA SER A 238 -16.12 1.75 44.17
C SER A 238 -15.81 1.05 42.84
N GLY A 239 -14.53 0.97 42.50
CA GLY A 239 -14.07 0.28 41.31
C GLY A 239 -14.32 -1.22 41.39
N ALA A 240 -14.07 -1.78 42.58
CA ALA A 240 -14.23 -3.22 42.83
C ALA A 240 -15.67 -3.70 42.71
N GLU A 241 -16.62 -2.89 43.15
CA GLU A 241 -18.04 -3.26 43.12
C GLU A 241 -18.76 -2.75 41.88
N VAL A 242 -18.59 -1.48 41.56
CA VAL A 242 -19.37 -0.87 40.47
C VAL A 242 -18.58 -0.78 39.15
N GLY A 243 -17.36 -0.25 39.23
CA GLY A 243 -16.49 -0.10 38.05
C GLY A 243 -16.36 -1.36 37.23
N ASP A 244 -15.83 -2.42 37.85
CA ASP A 244 -15.63 -3.72 37.21
C ASP A 244 -16.92 -4.38 36.72
N TYR A 245 -18.01 -4.20 37.47
CA TYR A 245 -19.33 -4.72 37.10
C TYR A 245 -19.91 -4.07 35.85
N LEU A 246 -19.72 -2.76 35.70
CA LEU A 246 -20.26 -2.02 34.55
C LEU A 246 -19.55 -2.38 33.24
N VAL A 247 -18.23 -2.51 33.30
CA VAL A 247 -17.40 -2.87 32.14
C VAL A 247 -17.71 -4.30 31.69
N ASP A 248 -17.88 -5.20 32.66
CA ASP A 248 -18.12 -6.62 32.39
C ASP A 248 -19.53 -6.99 31.93
N HIS A 249 -20.49 -6.08 32.08
CA HIS A 249 -21.88 -6.40 31.76
C HIS A 249 -22.04 -6.75 30.28
N PRO A 250 -22.81 -7.82 29.97
CA PRO A 250 -23.04 -8.23 28.58
C PRO A 250 -23.81 -7.23 27.72
N LYS A 251 -24.56 -6.32 28.37
CA LYS A 251 -25.34 -5.30 27.69
C LYS A 251 -24.58 -3.99 27.46
N THR A 252 -23.36 -3.91 27.95
CA THR A 252 -22.52 -2.73 27.74
C THR A 252 -21.94 -2.83 26.32
N SER A 253 -22.22 -1.85 25.49
CA SER A 253 -21.79 -1.84 24.09
C SER A 253 -20.51 -1.03 23.91
N LEU A 254 -20.39 0.02 24.69
CA LEU A 254 -19.34 1.00 24.53
C LEU A 254 -18.84 1.41 25.91
N ILE A 255 -17.52 1.53 26.05
CA ILE A 255 -16.91 2.08 27.26
C ILE A 255 -16.01 3.25 26.88
N THR A 256 -16.14 4.33 27.64
CA THR A 256 -15.30 5.50 27.47
C THR A 256 -14.66 5.89 28.80
N PHE A 257 -13.34 5.77 28.82
CA PHE A 257 -12.54 5.91 30.04
C PHE A 257 -11.50 7.01 29.93
N THR A 258 -11.38 7.80 30.98
CA THR A 258 -10.28 8.75 31.08
C THR A 258 -9.69 8.69 32.49
N GLY A 259 -8.41 8.34 32.58
CA GLY A 259 -7.75 8.21 33.88
C GLY A 259 -6.35 7.66 33.75
N SER A 260 -5.88 6.95 34.78
CA SER A 260 -4.49 6.50 34.80
C SER A 260 -4.27 5.26 33.94
N LYS A 261 -3.00 5.00 33.62
CA LYS A 261 -2.58 3.89 32.77
C LYS A 261 -2.91 2.54 33.38
N ASP A 262 -2.55 2.37 34.66
CA ASP A 262 -2.74 1.09 35.35
C ASP A 262 -4.21 0.64 35.43
N VAL A 263 -5.12 1.58 35.67
CA VAL A 263 -6.57 1.27 35.64
C VAL A 263 -7.02 1.04 34.19
N GLY A 264 -6.51 1.86 33.27
CA GLY A 264 -6.89 1.79 31.84
C GLY A 264 -6.59 0.46 31.16
N VAL A 265 -5.33 0.01 31.28
CA VAL A 265 -4.85 -1.28 30.74
C VAL A 265 -5.75 -2.42 31.21
N ARG A 266 -5.94 -2.52 32.54
CA ARG A 266 -6.84 -3.51 33.13
C ARG A 266 -8.29 -3.37 32.63
N LEU A 267 -8.77 -2.14 32.45
CA LEU A 267 -10.10 -1.93 31.85
C LEU A 267 -10.14 -2.42 30.40
N TYR A 268 -9.11 -2.08 29.64
CA TYR A 268 -9.05 -2.43 28.24
C TYR A 268 -8.98 -3.95 28.04
N GLU A 269 -8.25 -4.61 28.93
CA GLU A 269 -8.07 -6.06 28.88
CA GLU A 269 -8.07 -6.07 28.87
C GLU A 269 -9.36 -6.81 29.23
N ARG A 270 -10.05 -6.34 30.27
CA ARG A 270 -11.32 -6.91 30.72
C ARG A 270 -12.47 -6.69 29.74
N ALA A 271 -12.51 -5.52 29.13
CA ALA A 271 -13.56 -5.17 28.17
C ALA A 271 -13.60 -6.05 26.91
N ALA A 272 -12.44 -6.48 26.45
CA ALA A 272 -12.29 -7.31 25.25
C ALA A 272 -12.90 -8.72 25.37
N VAL A 273 -13.01 -9.22 26.60
CA VAL A 273 -13.58 -10.54 26.87
C VAL A 273 -15.06 -10.57 26.46
N VAL A 274 -15.43 -11.56 25.66
CA VAL A 274 -16.84 -11.77 25.34
C VAL A 274 -17.46 -12.61 26.46
N ARG A 275 -18.27 -11.96 27.30
CA ARG A 275 -18.87 -12.58 28.48
C ARG A 275 -20.05 -13.48 28.10
N PRO A 276 -20.58 -14.26 29.08
CA PRO A 276 -21.81 -14.98 28.76
C PRO A 276 -22.99 -14.04 28.54
N GLY A 277 -23.74 -14.31 27.47
CA GLY A 277 -24.89 -13.50 27.08
C GLY A 277 -24.53 -12.24 26.30
N GLN A 278 -23.25 -12.08 25.97
CA GLN A 278 -22.78 -10.91 25.25
C GLN A 278 -22.74 -11.20 23.76
N ASN A 279 -23.53 -10.47 22.99
CA ASN A 279 -23.66 -10.76 21.57
C ASN A 279 -22.81 -9.87 20.65
N HIS A 280 -21.84 -9.16 21.23
CA HIS A 280 -21.02 -8.17 20.50
C HIS A 280 -19.63 -8.03 21.13
N LEU A 281 -18.70 -7.47 20.35
CA LEU A 281 -17.45 -6.99 20.89
C LEU A 281 -17.64 -5.55 21.35
N LYS A 282 -17.13 -5.24 22.54
CA LYS A 282 -17.27 -3.91 23.10
C LYS A 282 -16.26 -2.94 22.49
N ARG A 283 -16.74 -1.75 22.15
CA ARG A 283 -15.86 -0.66 21.72
C ARG A 283 -15.34 0.15 22.90
N VAL A 284 -14.04 0.35 22.92
CA VAL A 284 -13.38 0.96 24.06
C VAL A 284 -12.58 2.20 23.67
N ILE A 285 -12.97 3.34 24.24
CA ILE A 285 -12.23 4.56 24.09
C ILE A 285 -11.45 4.82 25.39
N VAL A 286 -10.12 4.72 25.34
CA VAL A 286 -9.32 5.04 26.54
C VAL A 286 -8.37 6.22 26.37
N GLU A 287 -8.41 7.11 27.35
CA GLU A 287 -7.50 8.24 27.39
C GLU A 287 -6.74 8.14 28.70
N MET A 288 -5.51 7.62 28.62
CA MET A 288 -4.70 7.39 29.83
C MET A 288 -3.71 8.55 30.03
N GLY A 289 -2.60 8.30 30.71
CA GLY A 289 -1.70 9.41 31.05
C GLY A 289 -0.79 9.96 29.96
N GLY A 290 0.11 10.84 30.37
CA GLY A 290 1.17 11.36 29.52
C GLY A 290 2.41 11.60 30.38
N LYS A 291 3.56 11.57 29.74
CA LYS A 291 4.82 11.95 30.36
C LYS A 291 5.38 12.88 29.32
N ASP A 292 4.87 14.11 29.37
CA ASP A 292 4.95 15.05 28.28
C ASP A 292 6.21 15.88 28.39
N THR A 293 6.67 16.38 27.25
CA THR A 293 7.98 17.02 27.20
C THR A 293 7.96 18.34 26.45
N VAL A 294 8.60 19.36 27.02
CA VAL A 294 8.86 20.61 26.32
C VAL A 294 10.31 20.61 25.86
N VAL A 295 10.53 20.55 24.55
CA VAL A 295 11.89 20.62 24.04
C VAL A 295 12.25 22.04 23.58
N VAL A 296 13.44 22.48 23.96
CA VAL A 296 13.86 23.83 23.69
C VAL A 296 15.15 23.80 22.84
N ASP A 297 15.06 24.39 21.66
CA ASP A 297 16.15 24.42 20.68
C ASP A 297 17.13 25.55 21.01
N ARG A 298 18.33 25.50 20.45
CA ARG A 298 19.33 26.54 20.68
C ARG A 298 18.93 27.92 20.13
N ASP A 299 18.04 27.98 19.19
CA ASP A 299 17.62 29.29 18.73
C ASP A 299 16.38 29.86 19.37
N ALA A 300 15.85 29.15 20.33
CA ALA A 300 14.60 29.56 20.98
C ALA A 300 14.64 30.95 21.63
N ASP A 301 13.48 31.59 21.66
CA ASP A 301 13.20 32.69 22.56
C ASP A 301 13.22 32.07 23.95
N LEU A 302 14.26 32.40 24.73
CA LEU A 302 14.52 31.72 26.01
C LEU A 302 13.55 32.10 27.12
N ASP A 303 13.00 33.31 27.04
CA ASP A 303 11.98 33.77 27.97
C ASP A 303 10.69 33.00 27.72
N LEU A 304 10.32 32.89 26.44
CA LEU A 304 9.17 32.09 26.03
C LEU A 304 9.35 30.63 26.42
N ALA A 305 10.57 30.13 26.30
CA ALA A 305 10.90 28.76 26.72
C ALA A 305 10.57 28.55 28.20
N ALA A 306 11.15 29.40 29.05
CA ALA A 306 10.90 29.38 30.49
C ALA A 306 9.43 29.55 30.86
N GLU A 307 8.74 30.48 30.21
CA GLU A 307 7.29 30.68 30.41
C GLU A 307 6.43 29.46 30.01
N SER A 308 6.77 28.82 28.90
CA SER A 308 6.03 27.66 28.43
C SER A 308 6.28 26.44 29.31
N ILE A 309 7.49 26.32 29.85
CA ILE A 309 7.79 25.23 30.77
C ILE A 309 6.99 25.42 32.07
N LEU A 310 7.09 26.61 32.64
CA LEU A 310 6.39 27.01 33.87
C LEU A 310 4.91 26.63 33.86
N VAL A 311 4.20 27.09 32.84
CA VAL A 311 2.75 26.91 32.70
C VAL A 311 2.42 25.44 32.47
N SER A 312 3.20 24.78 31.60
CA SER A 312 3.02 23.34 31.33
C SER A 312 3.24 22.48 32.57
N ALA A 313 4.24 22.83 33.37
CA ALA A 313 4.58 22.05 34.55
C ALA A 313 3.66 22.33 35.72
N PHE A 314 3.31 23.60 35.91
CA PHE A 314 2.65 24.01 37.16
C PHE A 314 1.19 24.45 37.09
N GLY A 315 0.63 24.51 35.88
CA GLY A 315 -0.81 24.77 35.71
C GLY A 315 -1.64 23.66 36.34
N PHE A 316 -2.65 24.03 37.14
CA PHE A 316 -3.39 23.09 38.02
C PHE A 316 -2.46 22.14 38.82
N SER A 317 -1.33 22.69 39.26
CA SER A 317 -0.30 21.96 40.03
C SER A 317 0.15 20.64 39.37
N GLY A 318 0.29 20.67 38.04
CA GLY A 318 0.72 19.49 37.28
C GLY A 318 -0.23 18.30 37.26
N GLN A 319 -1.46 18.52 37.69
CA GLN A 319 -2.48 17.47 37.68
C GLN A 319 -3.23 17.39 36.35
N LYS A 320 -2.47 17.30 35.28
CA LYS A 320 -3.03 17.19 33.93
C LYS A 320 -2.32 16.06 33.20
N CYS A 321 -3.06 15.35 32.37
CA CYS A 321 -2.47 14.31 31.56
CA CYS A 321 -2.48 14.30 31.55
C CYS A 321 -1.55 14.90 30.49
N SER A 322 -1.78 16.18 30.18
CA SER A 322 -1.00 16.98 29.23
C SER A 322 0.21 17.74 29.81
N ALA A 323 0.47 17.61 31.11
CA ALA A 323 1.51 18.43 31.79
C ALA A 323 2.96 18.22 31.32
N GLY A 324 3.65 19.32 31.02
CA GLY A 324 5.09 19.28 30.71
C GLY A 324 5.94 19.02 31.93
N SER A 325 5.92 17.77 32.40
CA SER A 325 6.72 17.36 33.53
C SER A 325 8.18 17.14 33.15
N ARG A 326 8.52 17.26 31.87
CA ARG A 326 9.90 17.14 31.45
C ARG A 326 10.29 18.34 30.61
N ALA A 327 11.49 18.84 30.87
CA ALA A 327 12.05 19.94 30.08
C ALA A 327 13.39 19.45 29.55
N VAL A 328 13.46 19.22 28.25
CA VAL A 328 14.69 18.77 27.59
C VAL A 328 15.22 19.93 26.76
N ILE A 329 16.43 20.38 27.08
CA ILE A 329 16.98 21.64 26.55
C ILE A 329 18.33 21.43 25.87
N HIS A 330 18.53 22.09 24.72
CA HIS A 330 19.81 22.09 24.00
C HIS A 330 20.94 22.64 24.89
N LYS A 331 22.07 22.02 24.74
CA LYS A 331 23.22 22.18 25.59
C LYS A 331 23.69 23.61 25.63
N ASP A 332 23.60 24.30 24.51
CA ASP A 332 24.08 25.63 24.46
C ASP A 332 23.21 26.57 25.23
N VAL A 333 22.05 26.08 25.61
CA VAL A 333 21.08 26.93 26.21
C VAL A 333 20.43 26.45 27.51
N TYR A 334 20.89 25.31 28.00
CA TYR A 334 20.35 24.67 29.17
C TYR A 334 20.47 25.40 30.52
N ASP A 335 21.65 25.88 30.84
CA ASP A 335 21.88 26.56 32.12
C ASP A 335 21.02 27.82 32.25
N GLU A 336 20.89 28.54 31.14
CA GLU A 336 20.15 29.80 31.08
C GLU A 336 18.64 29.66 31.11
N VAL A 337 18.09 28.70 30.36
CA VAL A 337 16.66 28.37 30.45
C VAL A 337 16.33 27.85 31.86
N LEU A 338 17.17 26.97 32.39
CA LEU A 338 17.00 26.49 33.78
C LEU A 338 16.99 27.61 34.83
N GLU A 339 17.85 28.62 34.70
CA GLU A 339 17.85 29.75 35.64
C GLU A 339 16.65 30.70 35.46
N LYS A 340 16.23 30.90 34.21
CA LYS A 340 15.04 31.72 33.93
C LYS A 340 13.75 31.09 34.46
N THR A 341 13.66 29.76 34.38
CA THR A 341 12.50 29.01 34.87
C THR A 341 12.46 28.98 36.41
N VAL A 342 13.59 28.68 37.05
CA VAL A 342 13.70 28.73 38.52
C VAL A 342 13.28 30.10 39.07
N ALA A 343 13.69 31.16 38.38
CA ALA A 343 13.38 32.54 38.75
C ALA A 343 11.89 32.86 38.70
N LEU A 344 11.18 32.24 37.75
CA LEU A 344 9.72 32.40 37.63
C LEU A 344 8.98 31.55 38.66
N ALA A 345 9.46 30.32 38.83
CA ALA A 345 8.84 29.33 39.71
C ALA A 345 8.78 29.72 41.19
N LYS A 346 9.81 30.38 41.70
CA LYS A 346 9.84 30.65 43.15
C LYS A 346 9.06 31.89 43.55
N ASN A 347 8.57 32.64 42.57
CA ASN A 347 7.63 33.72 42.82
C ASN A 347 6.17 33.37 42.54
N LEU A 348 5.90 32.11 42.20
CA LEU A 348 4.52 31.66 41.98
C LEU A 348 3.81 31.52 43.31
N THR A 349 2.56 31.95 43.35
CA THR A 349 1.77 31.94 44.58
C THR A 349 1.03 30.62 44.75
N VAL A 350 1.12 30.05 45.96
CA VAL A 350 0.48 28.78 46.28
C VAL A 350 -0.43 28.94 47.51
N GLY A 351 -1.72 28.70 47.34
CA GLY A 351 -2.63 28.75 48.47
C GLY A 351 -4.06 28.37 48.14
N ASP A 352 -4.98 28.74 49.04
CA ASP A 352 -6.42 28.59 48.86
C ASP A 352 -6.86 29.19 47.53
N PRO A 353 -7.44 28.36 46.64
CA PRO A 353 -7.79 28.87 45.32
C PRO A 353 -9.05 29.75 45.24
N THR A 354 -9.82 29.86 46.33
CA THR A 354 -10.88 30.87 46.43
C THR A 354 -10.28 32.28 46.34
N ASN A 355 -9.04 32.40 46.81
CA ASN A 355 -8.24 33.61 46.62
C ASN A 355 -7.70 33.65 45.19
N ARG A 356 -8.10 34.70 44.48
CA ARG A 356 -7.74 34.94 43.07
C ARG A 356 -6.24 35.07 42.83
N ASP A 357 -5.51 35.65 43.78
CA ASP A 357 -4.08 35.90 43.62
C ASP A 357 -3.21 34.65 43.79
N ASN A 358 -3.82 33.52 44.15
CA ASN A 358 -3.10 32.24 44.15
C ASN A 358 -3.10 31.54 42.78
N TYR A 359 -1.91 31.41 42.20
CA TYR A 359 -1.74 30.78 40.88
C TYR A 359 -1.94 29.28 40.97
N MET A 360 -1.45 28.67 42.04
CA MET A 360 -1.59 27.23 42.26
C MET A 360 -2.37 26.94 43.51
N GLY A 361 -3.20 25.89 43.42
CA GLY A 361 -3.93 25.36 44.56
C GLY A 361 -3.29 24.08 45.04
N PRO A 362 -4.01 23.31 45.87
CA PRO A 362 -3.55 22.05 46.44
C PRO A 362 -3.73 20.88 45.46
N VAL A 363 -3.07 19.78 45.75
CA VAL A 363 -3.34 18.54 45.04
C VAL A 363 -4.60 17.91 45.61
N ILE A 364 -5.13 16.92 44.89
CA ILE A 364 -6.52 16.46 45.09
C ILE A 364 -6.87 15.87 46.46
N ASP A 365 -5.98 15.03 47.01
CA ASP A 365 -6.21 14.33 48.29
C ASP A 365 -4.89 13.86 48.91
N GLU A 366 -4.96 13.22 50.07
CA GLU A 366 -3.78 12.79 50.82
C GLU A 366 -2.99 11.66 50.12
N LYS A 367 -3.73 10.79 49.44
CA LYS A 367 -3.14 9.70 48.68
C LYS A 367 -2.24 10.26 47.58
N ALA A 368 -2.75 11.23 46.83
CA ALA A 368 -1.96 11.92 45.80
C ALA A 368 -0.83 12.72 46.43
N PHE A 369 -1.14 13.47 47.50
CA PHE A 369 -0.12 14.21 48.25
C PHE A 369 1.10 13.34 48.56
N GLU A 370 0.86 12.14 49.11
CA GLU A 370 1.95 11.27 49.57
C GLU A 370 2.71 10.66 48.39
N LYS A 371 1.97 10.31 47.35
CA LYS A 371 2.57 9.79 46.11
C LYS A 371 3.53 10.79 45.46
N ILE A 372 3.11 12.05 45.38
CA ILE A 372 3.93 13.11 44.80
C ILE A 372 5.17 13.38 45.65
N MET A 373 4.99 13.45 46.97
CA MET A 373 6.10 13.67 47.88
C MET A 373 7.13 12.53 47.83
N SER A 374 6.64 11.30 47.64
CA SER A 374 7.52 10.14 47.54
C SER A 374 8.34 10.15 46.23
N TYR A 375 7.73 10.67 45.16
CA TYR A 375 8.43 10.85 43.88
C TYR A 375 9.49 11.94 43.99
N ILE A 376 9.20 12.98 44.77
CA ILE A 376 10.13 14.09 45.01
C ILE A 376 11.39 13.63 45.74
N GLU A 377 11.21 12.77 46.76
CA GLU A 377 12.32 12.11 47.45
C GLU A 377 13.19 11.28 46.49
N ILE A 378 12.54 10.49 45.63
CA ILE A 378 13.23 9.75 44.56
C ILE A 378 13.97 10.72 43.64
N GLY A 379 13.28 11.77 43.21
CA GLY A 379 13.86 12.81 42.35
C GLY A 379 15.08 13.53 42.88
N LYS A 380 15.03 13.89 44.17
CA LYS A 380 16.12 14.57 44.87
C LYS A 380 17.42 13.77 44.86
N LYS A 381 17.29 12.44 44.85
CA LYS A 381 18.43 11.52 44.78
C LYS A 381 18.93 11.39 43.35
N GLU A 382 17.99 11.28 42.41
CA GLU A 382 18.30 11.12 40.98
C GLU A 382 18.84 12.41 40.32
N GLY A 383 18.51 13.55 40.91
CA GLY A 383 18.85 14.84 40.31
C GLY A 383 19.22 15.95 41.29
N ARG A 384 19.29 17.17 40.76
CA ARG A 384 19.69 18.33 41.53
C ARG A 384 18.45 19.18 41.83
N LEU A 385 18.04 19.24 43.09
CA LEU A 385 16.90 20.08 43.48
C LEU A 385 17.24 21.56 43.29
N MET A 386 16.39 22.25 42.56
CA MET A 386 16.58 23.67 42.27
C MET A 386 15.66 24.60 43.08
N THR A 387 14.36 24.25 43.19
CA THR A 387 13.37 24.98 44.00
C THR A 387 12.27 24.03 44.42
N GLY A 388 11.55 24.39 45.48
CA GLY A 388 10.41 23.60 45.93
C GLY A 388 10.85 22.36 46.66
N GLY A 389 10.06 21.31 46.54
CA GLY A 389 10.38 20.02 47.14
C GLY A 389 9.84 19.89 48.54
N GLU A 390 8.98 20.83 48.93
CA GLU A 390 8.35 20.83 50.24
C GLU A 390 6.85 20.65 50.07
N GLY A 391 6.24 20.00 51.05
CA GLY A 391 4.79 19.82 51.10
C GLY A 391 4.30 20.10 52.51
N ASP A 392 3.07 20.56 52.63
CA ASP A 392 2.44 20.71 53.95
C ASP A 392 0.95 20.39 53.87
N SER A 393 0.57 19.26 54.46
CA SER A 393 -0.80 18.76 54.40
C SER A 393 -1.66 19.12 55.61
N SER A 394 -1.20 20.06 56.44
CA SER A 394 -1.88 20.35 57.71
C SER A 394 -3.24 21.04 57.57
N THR A 395 -3.38 21.95 56.61
CA THR A 395 -4.65 22.59 56.28
C THR A 395 -5.20 21.97 54.98
N GLY A 396 -4.45 22.13 53.90
CA GLY A 396 -4.79 21.52 52.63
C GLY A 396 -3.61 20.75 52.07
N PHE A 397 -3.79 20.17 50.89
CA PHE A 397 -2.73 19.35 50.33
C PHE A 397 -1.79 20.16 49.44
N PHE A 398 -0.95 20.96 50.10
CA PHE A 398 -0.13 21.92 49.38
C PHE A 398 1.29 21.47 49.11
N ILE A 399 1.66 21.44 47.82
CA ILE A 399 3.04 21.15 47.39
C ILE A 399 3.57 22.34 46.60
N GLN A 400 4.80 22.76 46.91
CA GLN A 400 5.45 23.84 46.20
C GLN A 400 5.78 23.40 44.77
N PRO A 401 5.79 24.35 43.82
CA PRO A 401 6.30 24.06 42.48
C PRO A 401 7.77 23.60 42.52
N THR A 402 8.04 22.45 41.94
CA THR A 402 9.33 21.78 42.14
C THR A 402 10.07 21.60 40.82
N ILE A 403 11.34 22.01 40.79
CA ILE A 403 12.21 21.82 39.63
C ILE A 403 13.45 21.03 40.05
N ILE A 404 13.66 19.88 39.42
CA ILE A 404 14.83 19.05 39.66
C ILE A 404 15.62 18.98 38.35
N ALA A 405 16.95 19.08 38.43
CA ALA A 405 17.80 19.26 37.25
C ALA A 405 18.79 18.13 37.00
N ASP A 406 19.31 18.11 35.78
CA ASP A 406 20.45 17.23 35.40
C ASP A 406 20.08 15.74 35.48
N LEU A 407 18.81 15.44 35.21
CA LEU A 407 18.34 14.06 35.28
C LEU A 407 18.87 13.22 34.12
N ASP A 408 19.10 11.94 34.39
CA ASP A 408 19.43 11.02 33.32
C ASP A 408 18.11 10.65 32.67
N PRO A 409 18.04 10.66 31.32
CA PRO A 409 16.78 10.31 30.63
C PRO A 409 16.13 8.97 31.03
N GLU A 410 16.87 8.09 31.69
CA GLU A 410 16.33 6.83 32.20
C GLU A 410 15.77 6.92 33.62
N ALA A 411 15.99 8.06 34.29
CA ALA A 411 15.53 8.25 35.69
C ALA A 411 14.04 7.98 35.91
N VAL A 412 13.70 7.55 37.12
CA VAL A 412 12.31 7.26 37.50
C VAL A 412 11.40 8.47 37.26
N ILE A 413 11.88 9.66 37.62
CA ILE A 413 11.09 10.87 37.44
C ILE A 413 11.10 11.40 35.99
N MET A 414 11.90 10.80 35.12
CA MET A 414 11.79 11.05 33.67
C MET A 414 10.82 10.10 32.97
N GLN A 415 10.43 9.03 33.67
CA GLN A 415 9.65 7.96 33.04
C GLN A 415 8.22 7.84 33.58
N GLU A 416 8.07 8.04 34.88
CA GLU A 416 6.79 7.72 35.54
C GLU A 416 5.92 8.96 35.74
N GLU A 417 4.61 8.80 35.53
CA GLU A 417 3.67 9.91 35.67
C GLU A 417 3.50 10.23 37.14
N ILE A 418 3.81 11.48 37.51
CA ILE A 418 3.76 11.94 38.90
C ILE A 418 2.41 12.62 39.22
N PHE A 419 1.88 13.38 38.25
CA PHE A 419 0.58 14.08 38.37
C PHE A 419 0.63 15.08 39.54
N GLY A 420 1.77 15.75 39.67
CA GLY A 420 1.99 16.76 40.70
C GLY A 420 2.85 17.86 40.12
N PRO A 421 3.09 18.93 40.88
CA PRO A 421 3.82 20.10 40.35
C PRO A 421 5.34 19.88 40.38
N VAL A 422 5.82 19.00 39.51
CA VAL A 422 7.23 18.63 39.44
C VAL A 422 7.62 18.61 37.96
N VAL A 423 8.70 19.32 37.61
CA VAL A 423 9.31 19.20 36.28
C VAL A 423 10.79 18.85 36.42
N ALA A 424 11.24 17.95 35.54
CA ALA A 424 12.62 17.47 35.55
C ALA A 424 13.32 17.97 34.30
N PHE A 425 14.46 18.65 34.51
CA PHE A 425 15.25 19.19 33.41
C PHE A 425 16.30 18.20 32.93
N SER A 426 16.52 18.16 31.63
CA SER A 426 17.44 17.17 31.03
C SER A 426 18.20 17.81 29.88
N LYS A 427 19.52 17.57 29.84
CA LYS A 427 20.43 18.18 28.88
C LYS A 427 20.49 17.36 27.60
N ALA A 428 20.40 18.04 26.46
CA ALA A 428 20.47 17.39 25.15
C ALA A 428 21.66 17.89 24.34
N ASN A 429 22.40 16.95 23.75
CA ASN A 429 23.58 17.23 22.90
C ASN A 429 23.28 18.13 21.71
N ASP A 430 22.25 17.78 20.94
CA ASP A 430 21.71 18.61 19.87
C ASP A 430 20.21 18.35 19.72
N PHE A 431 19.62 18.90 18.65
CA PHE A 431 18.19 18.72 18.38
C PHE A 431 17.77 17.26 18.17
N ASP A 432 18.59 16.51 17.41
CA ASP A 432 18.36 15.08 17.18
C ASP A 432 18.27 14.30 18.51
N HIS A 433 19.21 14.57 19.40
CA HIS A 433 19.22 13.95 20.72
C HIS A 433 18.00 14.39 21.55
N ALA A 434 17.59 15.65 21.39
CA ALA A 434 16.44 16.17 22.15
C ALA A 434 15.14 15.43 21.86
N LEU A 435 14.90 15.06 20.59
CA LEU A 435 13.70 14.31 20.24
C LEU A 435 13.83 12.85 20.62
N GLU A 436 15.05 12.34 20.62
CA GLU A 436 15.32 10.99 21.06
C GLU A 436 14.94 10.84 22.52
N ILE A 437 15.35 11.79 23.35
CA ILE A 437 14.99 11.80 24.78
C ILE A 437 13.48 12.02 24.92
N ALA A 438 12.95 13.00 24.19
CA ALA A 438 11.51 13.29 24.16
C ALA A 438 10.64 12.04 23.90
N ASN A 439 11.06 11.21 22.95
CA ASN A 439 10.34 10.00 22.55
C ASN A 439 10.59 8.79 23.43
N ASN A 440 11.57 8.91 24.34
CA ASN A 440 11.99 7.77 25.15
C ASN A 440 11.09 7.39 26.33
N THR A 441 9.81 7.76 26.28
CA THR A 441 8.88 7.28 27.31
C THR A 441 7.94 6.23 26.73
N GLU A 442 7.20 5.55 27.59
CA GLU A 442 6.19 4.63 27.14
C GLU A 442 4.88 5.34 26.76
N TYR A 443 4.83 6.67 26.86
CA TYR A 443 3.62 7.46 26.54
C TYR A 443 3.77 8.28 25.25
N GLY A 444 2.66 8.82 24.75
CA GLY A 444 2.72 9.68 23.55
C GLY A 444 1.59 10.67 23.41
N LEU A 445 1.36 11.47 24.45
CA LEU A 445 0.17 12.33 24.48
C LEU A 445 0.41 13.75 23.97
N THR A 446 1.17 14.54 24.73
CA THR A 446 1.49 15.90 24.34
C THR A 446 2.98 16.22 24.35
N GLY A 447 3.34 17.28 23.65
CA GLY A 447 4.71 17.80 23.67
C GLY A 447 4.77 19.16 23.01
N ALA A 448 5.85 19.88 23.28
CA ALA A 448 6.06 21.18 22.70
C ALA A 448 7.50 21.32 22.25
N VAL A 449 7.71 22.08 21.18
CA VAL A 449 9.06 22.48 20.76
C VAL A 449 9.11 23.99 20.67
N ILE A 450 10.15 24.57 21.28
CA ILE A 450 10.39 25.99 21.21
C ILE A 450 11.58 26.17 20.28
N THR A 451 11.35 26.75 19.11
CA THR A 451 12.37 26.89 18.07
C THR A 451 11.99 27.97 17.06
N ARG A 452 13.00 28.55 16.42
CA ARG A 452 12.76 29.51 15.34
C ARG A 452 13.27 28.94 14.01
N ASN A 453 13.57 27.64 14.02
CA ASN A 453 14.05 26.92 12.85
C ASN A 453 12.89 26.12 12.24
N ARG A 454 12.46 26.51 11.03
CA ARG A 454 11.40 25.81 10.28
C ARG A 454 11.71 24.33 9.98
N ALA A 455 12.97 24.03 9.65
CA ALA A 455 13.38 22.65 9.37
C ALA A 455 13.23 21.79 10.60
N HIS A 456 13.48 22.39 11.76
CA HIS A 456 13.35 21.69 13.02
C HIS A 456 11.88 21.46 13.38
N ILE A 457 11.04 22.43 13.03
CA ILE A 457 9.58 22.31 13.19
C ILE A 457 9.05 21.16 12.33
N GLU A 458 9.52 21.09 11.08
CA GLU A 458 9.06 20.05 10.15
C GLU A 458 9.59 18.68 10.56
N GLN A 459 10.82 18.66 11.07
CA GLN A 459 11.42 17.43 11.59
C GLN A 459 10.65 16.84 12.80
N ALA A 460 10.27 17.68 13.74
CA ALA A 460 9.51 17.24 14.91
C ALA A 460 8.07 16.84 14.55
N LYS A 461 7.47 17.49 13.54
CA LYS A 461 6.16 17.08 13.02
C LYS A 461 6.13 15.64 12.55
N ARG A 462 7.27 15.20 11.98
CA ARG A 462 7.48 13.82 11.55
C ARG A 462 7.96 12.93 12.69
N GLU A 463 8.88 13.44 13.51
CA GLU A 463 9.64 12.59 14.44
C GLU A 463 9.21 12.63 15.91
N PHE A 464 8.59 13.73 16.34
CA PHE A 464 8.14 13.83 17.74
C PHE A 464 6.76 13.11 17.81
N HIS A 465 6.78 11.91 18.36
CA HIS A 465 5.62 11.01 18.30
C HIS A 465 4.68 11.19 19.49
N VAL A 466 3.97 12.31 19.50
CA VAL A 466 2.92 12.58 20.50
C VAL A 466 1.64 12.89 19.73
N GLY A 467 0.48 12.66 20.33
CA GLY A 467 -0.80 12.97 19.66
C GLY A 467 -1.05 14.46 19.49
N ASN A 468 -0.57 15.26 20.44
CA ASN A 468 -0.73 16.72 20.38
C ASN A 468 0.62 17.40 20.48
N LEU A 469 1.05 18.02 19.38
CA LEU A 469 2.38 18.62 19.31
C LEU A 469 2.25 20.12 19.08
N TYR A 470 2.91 20.91 19.91
CA TYR A 470 2.74 22.36 19.89
C TYR A 470 4.06 23.10 19.65
N PHE A 471 4.00 24.19 18.91
CA PHE A 471 5.23 24.95 18.65
C PHE A 471 5.18 26.34 19.26
N ASN A 472 6.23 26.66 20.01
CA ASN A 472 6.44 27.97 20.65
C ASN A 472 5.39 28.44 21.66
N ARG A 473 4.90 27.48 22.46
CA ARG A 473 3.92 27.70 23.54
C ARG A 473 3.95 26.51 24.49
N ASN A 474 3.01 26.50 25.44
CA ASN A 474 2.88 25.41 26.39
C ASN A 474 2.23 24.19 25.74
N CYS A 475 2.39 23.00 26.35
CA CYS A 475 1.82 21.76 25.81
C CYS A 475 0.50 21.37 26.49
N THR A 476 -0.12 22.32 27.17
CA THR A 476 -1.40 22.12 27.85
C THR A 476 -2.43 23.07 27.27
N GLY A 477 -3.70 22.87 27.63
CA GLY A 477 -4.74 23.82 27.26
C GLY A 477 -5.37 23.64 25.88
N ALA A 478 -5.52 22.38 25.46
CA ALA A 478 -6.27 22.01 24.25
C ALA A 478 -7.70 22.57 24.24
N ILE A 479 -8.10 23.16 23.11
CA ILE A 479 -9.42 23.76 22.97
C ILE A 479 -10.28 22.92 22.03
N VAL A 480 -11.50 22.63 22.45
CA VAL A 480 -12.43 21.81 21.67
C VAL A 480 -12.64 22.41 20.28
N GLY A 481 -12.30 21.63 19.25
CA GLY A 481 -12.52 22.02 17.86
C GLY A 481 -11.34 22.75 17.24
N TYR A 482 -10.31 22.96 18.06
CA TYR A 482 -9.12 23.72 17.67
C TYR A 482 -7.88 22.84 17.85
N HIS A 483 -7.82 22.17 18.99
CA HIS A 483 -6.72 21.23 19.26
C HIS A 483 -7.25 19.85 19.71
N PRO A 484 -7.77 19.04 18.77
CA PRO A 484 -8.35 17.73 19.14
C PRO A 484 -7.37 16.86 19.92
N PHE A 485 -7.86 16.22 20.98
CA PHE A 485 -6.99 15.73 22.03
C PHE A 485 -7.03 14.23 22.22
N GLY A 486 -5.85 13.64 22.26
CA GLY A 486 -5.65 12.20 22.44
C GLY A 486 -4.28 11.87 21.86
N GLY A 487 -3.76 10.70 22.18
CA GLY A 487 -2.37 10.40 21.82
C GLY A 487 -2.02 8.94 21.72
N PHE A 488 -0.73 8.66 21.62
CA PHE A 488 -0.26 7.34 21.22
C PHE A 488 0.29 6.54 22.39
N LYS A 489 0.68 5.30 22.10
CA LYS A 489 1.45 4.46 23.00
C LYS A 489 0.65 4.12 24.27
N MET A 490 1.21 4.35 25.45
CA MET A 490 0.45 4.08 26.67
C MET A 490 -0.45 5.25 27.11
N SER A 491 -0.60 6.24 26.23
CA SER A 491 -1.63 7.25 26.40
C SER A 491 -3.02 6.79 25.96
N GLY A 492 -3.11 5.70 25.19
CA GLY A 492 -4.44 5.13 24.89
C GLY A 492 -4.77 4.87 23.42
N THR A 493 -6.03 5.09 23.05
CA THR A 493 -6.55 4.69 21.74
C THR A 493 -6.51 5.76 20.66
N ASP A 494 -5.94 6.91 21.01
CA ASP A 494 -5.87 8.08 20.14
C ASP A 494 -7.24 8.48 19.62
N SER A 495 -8.19 8.58 20.54
CA SER A 495 -9.56 8.96 20.21
C SER A 495 -9.61 10.44 20.42
N LYS A 496 -9.55 11.16 19.32
CA LYS A 496 -9.35 12.59 19.35
C LYS A 496 -10.63 13.32 19.73
N ALA A 497 -10.82 13.49 21.05
CA ALA A 497 -11.92 14.23 21.63
C ALA A 497 -11.88 15.68 21.19
N GLY A 498 -13.05 16.24 20.94
CA GLY A 498 -13.16 17.60 20.42
C GLY A 498 -12.64 17.71 19.00
N GLY A 499 -12.59 16.57 18.29
CA GLY A 499 -12.19 16.58 16.89
C GLY A 499 -13.24 15.97 15.98
N PRO A 500 -13.00 16.05 14.65
CA PRO A 500 -14.01 15.64 13.66
C PRO A 500 -14.30 14.14 13.56
N ASP A 501 -13.40 13.29 14.05
CA ASP A 501 -13.61 11.84 14.03
C ASP A 501 -14.30 11.26 15.28
N TYR A 502 -14.53 12.08 16.31
CA TYR A 502 -14.90 11.54 17.62
C TYR A 502 -16.28 10.92 17.71
N LEU A 503 -17.29 11.59 17.15
CA LEU A 503 -18.66 11.04 17.20
C LEU A 503 -18.83 9.69 16.49
N ALA A 504 -18.12 9.50 15.39
CA ALA A 504 -18.28 8.28 14.60
C ALA A 504 -17.78 7.02 15.32
N LEU A 505 -16.90 7.20 16.31
CA LEU A 505 -16.45 6.06 17.15
C LEU A 505 -17.57 5.47 18.01
N HIS A 506 -18.60 6.27 18.24
CA HIS A 506 -19.71 5.94 19.09
C HIS A 506 -20.87 5.35 18.33
N MET A 507 -20.69 5.18 17.01
CA MET A 507 -21.74 4.72 16.10
C MET A 507 -21.28 3.60 15.16
N GLN A 508 -22.26 2.91 14.57
CA GLN A 508 -22.03 1.84 13.63
C GLN A 508 -22.51 2.27 12.24
N ALA A 509 -21.60 2.25 11.26
CA ALA A 509 -21.97 2.57 9.90
C ALA A 509 -22.89 1.51 9.31
N LYS A 510 -23.87 1.96 8.52
CA LYS A 510 -24.82 1.03 7.89
C LYS A 510 -24.91 1.32 6.41
N THR A 511 -24.96 0.27 5.61
CA THR A 511 -25.05 0.39 4.15
C THR A 511 -26.39 -0.19 3.67
N VAL A 512 -27.19 0.66 3.04
CA VAL A 512 -28.43 0.21 2.41
C VAL A 512 -28.39 0.42 0.90
N SER A 513 -28.84 -0.60 0.19
CA SER A 513 -28.77 -0.65 -1.26
C SER A 513 -30.09 -1.15 -1.86
N GLU A 514 -30.83 -0.28 -2.54
CA GLU A 514 -32.04 -0.69 -3.22
C GLU A 514 -31.78 -0.87 -4.71
N MET A 515 -32.04 -2.08 -5.21
CA MET A 515 -31.97 -2.35 -6.64
C MET A 515 -33.34 -2.12 -7.27
N TYR A 516 -33.39 -1.27 -8.29
CA TYR A 516 -34.65 -0.93 -8.96
C TYR A 516 -35.02 -1.92 -10.05
N MET B 2 -5.22 14.48 -9.95
CA MET B 2 -4.47 13.93 -11.13
C MET B 2 -5.06 12.59 -11.57
N LEU B 3 -5.32 11.68 -10.62
CA LEU B 3 -5.89 10.37 -10.93
C LEU B 3 -7.37 10.47 -11.28
N GLN B 4 -7.79 9.72 -12.29
CA GLN B 4 -9.19 9.69 -12.74
C GLN B 4 -10.08 9.09 -11.64
N PRO B 5 -11.34 9.56 -11.53
CA PRO B 5 -12.20 9.07 -10.44
C PRO B 5 -12.39 7.55 -10.45
N TYR B 6 -12.53 6.98 -9.26
CA TYR B 6 -12.71 5.54 -9.07
C TYR B 6 -14.03 5.05 -9.68
N LYS B 7 -13.98 3.90 -10.34
CA LYS B 7 -15.16 3.09 -10.60
C LYS B 7 -14.72 1.63 -10.53
N HIS B 8 -15.68 0.75 -10.28
CA HIS B 8 -15.36 -0.66 -10.12
C HIS B 8 -14.91 -1.29 -11.44
N GLU B 9 -14.04 -2.28 -11.32
CA GLU B 9 -13.56 -3.06 -12.47
C GLU B 9 -14.76 -3.82 -13.00
N PRO B 10 -15.05 -3.67 -14.31
CA PRO B 10 -16.18 -4.42 -14.90
C PRO B 10 -16.01 -5.93 -14.73
N PHE B 11 -17.12 -6.62 -14.50
CA PHE B 11 -17.11 -8.08 -14.50
C PHE B 11 -17.06 -8.59 -15.95
N THR B 12 -16.49 -9.78 -16.14
CA THR B 12 -16.31 -10.35 -17.48
C THR B 12 -17.61 -10.97 -18.00
N ASP B 13 -18.00 -10.57 -19.21
CA ASP B 13 -19.16 -11.13 -19.89
C ASP B 13 -18.80 -12.47 -20.55
N PHE B 14 -19.19 -13.58 -19.92
CA PHE B 14 -18.79 -14.89 -20.43
C PHE B 14 -19.70 -15.46 -21.53
N THR B 15 -20.69 -14.67 -21.96
CA THR B 15 -21.49 -15.02 -23.15
C THR B 15 -20.81 -14.59 -24.45
N VAL B 16 -19.80 -13.73 -24.33
CA VAL B 16 -18.97 -13.33 -25.47
C VAL B 16 -17.89 -14.40 -25.64
N GLU B 17 -17.85 -15.03 -26.81
CA GLU B 17 -16.92 -16.14 -27.09
C GLU B 17 -15.45 -15.79 -26.88
N ALA B 18 -15.06 -14.58 -27.26
CA ALA B 18 -13.67 -14.12 -27.11
C ALA B 18 -13.25 -14.06 -25.63
N ASN B 19 -14.21 -13.79 -24.74
CA ASN B 19 -13.98 -13.88 -23.30
C ASN B 19 -13.77 -15.31 -22.79
N ARG B 20 -14.62 -16.23 -23.23
CA ARG B 20 -14.47 -17.68 -22.95
C ARG B 20 -13.12 -18.21 -23.40
N LYS B 21 -12.75 -17.83 -24.62
CA LYS B 21 -11.48 -18.23 -25.24
C LYS B 21 -10.30 -17.71 -24.41
N ALA B 22 -10.32 -16.42 -24.07
CA ALA B 22 -9.28 -15.84 -23.20
C ALA B 22 -9.21 -16.56 -21.84
N PHE B 23 -10.36 -16.83 -21.23
CA PHE B 23 -10.41 -17.52 -19.93
C PHE B 23 -9.94 -18.96 -20.00
N GLU B 24 -10.34 -19.70 -21.04
CA GLU B 24 -9.84 -21.08 -21.22
C GLU B 24 -8.33 -21.19 -21.41
N GLU B 25 -7.73 -20.22 -22.09
CA GLU B 25 -6.26 -20.14 -22.23
C GLU B 25 -5.53 -19.88 -20.90
N ALA B 26 -6.14 -19.08 -20.02
CA ALA B 26 -5.59 -18.80 -18.70
C ALA B 26 -5.59 -20.05 -17.80
N LEU B 27 -6.66 -20.83 -17.88
CA LEU B 27 -6.78 -22.12 -17.18
C LEU B 27 -5.70 -23.11 -17.64
N GLY B 28 -5.44 -23.14 -18.95
CA GLY B 28 -4.34 -23.94 -19.51
C GLY B 28 -2.98 -23.51 -18.97
N LEU B 29 -2.73 -22.20 -18.96
CA LEU B 29 -1.50 -21.62 -18.40
C LEU B 29 -1.26 -21.96 -16.93
N VAL B 30 -2.31 -21.82 -16.11
CA VAL B 30 -2.22 -22.13 -14.70
C VAL B 30 -2.06 -23.64 -14.47
N GLU B 31 -2.75 -24.46 -15.26
CA GLU B 31 -2.63 -25.93 -15.18
C GLU B 31 -1.18 -26.44 -15.39
N LYS B 32 -0.43 -25.78 -16.27
CA LYS B 32 0.99 -26.10 -16.50
C LYS B 32 1.87 -25.77 -15.31
N GLU B 33 1.42 -24.83 -14.47
CA GLU B 33 2.24 -24.32 -13.38
C GLU B 33 1.95 -24.95 -12.02
N LEU B 34 1.14 -26.01 -12.00
CA LEU B 34 0.73 -26.66 -10.75
C LEU B 34 1.87 -27.45 -10.12
N GLY B 35 1.80 -27.62 -8.80
CA GLY B 35 2.78 -28.41 -8.06
C GLY B 35 4.14 -27.75 -7.90
N LYS B 36 4.21 -26.43 -7.95
CA LYS B 36 5.46 -25.72 -7.71
C LYS B 36 5.72 -25.48 -6.21
N GLU B 37 6.95 -25.09 -5.91
CA GLU B 37 7.36 -24.83 -4.54
C GLU B 37 7.42 -23.32 -4.31
N TYR B 38 7.00 -22.88 -3.13
CA TYR B 38 6.85 -21.44 -2.81
C TYR B 38 7.45 -21.12 -1.45
N PRO B 39 8.57 -20.39 -1.43
CA PRO B 39 9.23 -20.06 -0.17
C PRO B 39 8.48 -19.00 0.63
N LEU B 40 8.85 -18.85 1.90
CA LEU B 40 8.47 -17.66 2.65
C LEU B 40 9.27 -16.49 2.12
N ILE B 41 8.68 -15.30 2.20
CA ILE B 41 9.36 -14.08 1.80
C ILE B 41 9.57 -13.23 3.05
N ILE B 42 10.81 -13.14 3.53
CA ILE B 42 11.10 -12.33 4.71
C ILE B 42 12.19 -11.35 4.34
N ASN B 43 11.85 -10.07 4.48
CA ASN B 43 12.72 -8.95 4.12
C ASN B 43 13.30 -9.07 2.71
N GLY B 44 12.46 -9.48 1.77
CA GLY B 44 12.89 -9.67 0.38
C GLY B 44 13.56 -11.00 0.07
N GLU B 45 14.04 -11.69 1.10
CA GLU B 45 14.75 -12.96 0.91
C GLU B 45 13.77 -14.13 0.83
N ARG B 46 14.11 -15.10 -0.03
CA ARG B 46 13.32 -16.32 -0.17
CA ARG B 46 13.32 -16.34 -0.19
C ARG B 46 13.81 -17.36 0.83
N VAL B 47 12.92 -17.80 1.71
CA VAL B 47 13.29 -18.78 2.73
C VAL B 47 12.53 -20.10 2.53
N THR B 48 13.28 -21.17 2.24
CA THR B 48 12.72 -22.51 2.16
C THR B 48 12.89 -23.27 3.48
N THR B 49 11.84 -23.94 3.92
CA THR B 49 11.89 -24.79 5.12
C THR B 49 11.72 -26.24 4.69
N GLU B 50 11.97 -27.17 5.60
CA GLU B 50 11.77 -28.59 5.28
C GLU B 50 10.31 -28.99 5.50
N ASP B 51 9.72 -28.49 6.58
CA ASP B 51 8.27 -28.58 6.81
C ASP B 51 7.52 -27.93 5.65
N LYS B 52 6.48 -28.58 5.14
CA LYS B 52 5.70 -28.05 4.03
C LYS B 52 4.19 -28.04 4.26
N ILE B 53 3.56 -26.93 3.89
CA ILE B 53 2.10 -26.87 3.79
C ILE B 53 1.73 -27.14 2.34
N GLN B 54 0.92 -28.17 2.12
CA GLN B 54 0.50 -28.51 0.76
C GLN B 54 -0.93 -28.07 0.50
N SER B 55 -1.12 -27.41 -0.63
CA SER B 55 -2.38 -26.86 -1.07
C SER B 55 -2.97 -27.77 -2.16
N TRP B 56 -4.10 -28.39 -1.86
CA TRP B 56 -4.75 -29.34 -2.76
C TRP B 56 -5.99 -28.76 -3.45
N ASN B 57 -6.22 -29.15 -4.70
CA ASN B 57 -7.45 -28.79 -5.42
C ASN B 57 -8.66 -29.39 -4.73
N PRO B 58 -9.63 -28.54 -4.34
CA PRO B 58 -10.81 -29.09 -3.68
C PRO B 58 -11.74 -29.88 -4.61
N ALA B 59 -11.58 -29.71 -5.94
CA ALA B 59 -12.37 -30.51 -6.93
C ALA B 59 -11.68 -31.81 -7.36
N ARG B 60 -10.35 -31.85 -7.21
CA ARG B 60 -9.55 -33.05 -7.46
C ARG B 60 -8.56 -33.16 -6.30
N LYS B 61 -8.92 -33.89 -5.25
CA LYS B 61 -8.22 -33.81 -3.95
C LYS B 61 -6.76 -34.28 -3.91
N ASP B 62 -6.40 -35.13 -4.88
CA ASP B 62 -5.03 -35.63 -5.01
C ASP B 62 -4.14 -34.77 -5.91
N GLN B 63 -4.72 -33.70 -6.48
CA GLN B 63 -3.96 -32.75 -7.31
C GLN B 63 -3.23 -31.72 -6.46
N LEU B 64 -1.93 -31.64 -6.61
CA LEU B 64 -1.14 -30.66 -5.87
C LEU B 64 -1.11 -29.35 -6.63
N VAL B 65 -1.83 -28.37 -6.09
CA VAL B 65 -1.83 -27.01 -6.64
C VAL B 65 -0.49 -26.33 -6.34
N GLY B 66 -0.01 -26.50 -5.11
CA GLY B 66 1.30 -26.00 -4.72
C GLY B 66 1.72 -26.43 -3.33
N SER B 67 3.03 -26.42 -3.09
CA SER B 67 3.54 -26.70 -1.76
C SER B 67 4.30 -25.48 -1.29
N VAL B 68 3.91 -24.95 -0.14
CA VAL B 68 4.56 -23.75 0.39
C VAL B 68 5.36 -24.06 1.64
N SER B 69 6.40 -23.26 1.87
CA SER B 69 7.19 -23.37 3.08
C SER B 69 6.35 -22.97 4.30
N LYS B 70 6.80 -23.41 5.47
CA LYS B 70 6.03 -23.31 6.69
C LYS B 70 6.88 -22.59 7.71
N ALA B 71 6.30 -21.56 8.33
CA ALA B 71 7.02 -20.79 9.31
C ALA B 71 6.91 -21.45 10.66
N ASN B 72 7.97 -21.27 11.45
CA ASN B 72 7.94 -21.59 12.85
C ASN B 72 8.01 -20.28 13.63
N GLN B 73 8.15 -20.36 14.94
CA GLN B 73 8.23 -19.19 15.80
C GLN B 73 9.42 -18.28 15.48
N ASP B 74 10.60 -18.88 15.26
CA ASP B 74 11.81 -18.14 14.89
C ASP B 74 11.60 -17.32 13.62
N LEU B 75 10.96 -17.93 12.63
CA LEU B 75 10.68 -17.31 11.35
C LEU B 75 9.56 -16.28 11.45
N ALA B 76 8.61 -16.54 12.34
CA ALA B 76 7.60 -15.54 12.70
C ALA B 76 8.29 -14.34 13.35
N GLU B 77 9.24 -14.62 14.26
CA GLU B 77 9.98 -13.57 14.94
C GLU B 77 10.78 -12.74 13.94
N LYS B 78 11.44 -13.45 13.00
CA LYS B 78 12.22 -12.80 11.95
C LYS B 78 11.36 -11.88 11.08
N ALA B 79 10.12 -12.29 10.84
CA ALA B 79 9.19 -11.50 10.00
C ALA B 79 8.69 -10.22 10.68
N ILE B 80 8.35 -10.29 11.96
CA ILE B 80 8.00 -9.08 12.73
C ILE B 80 9.18 -8.09 12.78
N GLN B 81 10.37 -8.61 13.05
CA GLN B 81 11.56 -7.76 13.03
C GLN B 81 11.82 -7.13 11.66
N SER B 82 11.62 -7.91 10.61
CA SER B 82 11.78 -7.38 9.26
C SER B 82 10.76 -6.28 8.95
N ALA B 83 9.51 -6.51 9.33
CA ALA B 83 8.47 -5.51 9.16
C ALA B 83 8.77 -4.26 10.01
N ASP B 84 9.27 -4.46 11.23
CA ASP B 84 9.56 -3.32 12.10
C ASP B 84 10.65 -2.41 11.55
N GLU B 85 11.69 -3.01 10.99
CA GLU B 85 12.79 -2.22 10.43
C GLU B 85 12.36 -1.54 9.12
N ALA B 86 11.55 -2.23 8.32
CA ALA B 86 10.99 -1.63 7.12
C ALA B 86 10.11 -0.41 7.43
N PHE B 87 9.35 -0.50 8.53
CA PHE B 87 8.45 0.59 8.96
C PHE B 87 9.17 1.91 9.19
N GLN B 88 10.39 1.83 9.73
CA GLN B 88 11.17 3.03 10.07
C GLN B 88 11.38 3.99 8.89
N THR B 89 11.45 3.45 7.68
CA THR B 89 11.51 4.28 6.48
C THR B 89 10.19 4.35 5.71
N TRP B 90 9.44 3.25 5.63
CA TRP B 90 8.14 3.24 4.91
C TRP B 90 7.13 4.24 5.48
N ARG B 91 7.12 4.42 6.81
CA ARG B 91 6.28 5.44 7.46
C ARG B 91 6.46 6.82 6.83
N ASN B 92 7.64 7.07 6.26
CA ASN B 92 8.00 8.38 5.74
C ASN B 92 7.97 8.49 4.21
N VAL B 93 7.55 7.43 3.52
CA VAL B 93 7.38 7.51 2.07
C VAL B 93 6.13 8.33 1.76
N ASN B 94 6.29 9.30 0.86
CA ASN B 94 5.18 10.12 0.33
C ASN B 94 3.95 9.25 0.02
N PRO B 95 2.80 9.59 0.64
CA PRO B 95 1.53 8.91 0.46
C PRO B 95 1.15 8.70 -0.99
N GLU B 96 1.38 9.70 -1.83
CA GLU B 96 1.21 9.58 -3.28
C GLU B 96 2.00 8.44 -3.92
N GLU B 97 3.23 8.22 -3.44
CA GLU B 97 4.09 7.18 -3.98
C GLU B 97 3.66 5.80 -3.49
N ARG B 98 3.24 5.73 -2.22
CA ARG B 98 2.62 4.53 -1.65
C ARG B 98 1.37 4.16 -2.44
N ALA B 99 0.54 5.17 -2.72
CA ALA B 99 -0.69 5.00 -3.50
C ALA B 99 -0.41 4.52 -4.93
N ASN B 100 0.64 5.08 -5.54
CA ASN B 100 1.01 4.75 -6.93
C ASN B 100 1.46 3.29 -7.10
N ILE B 101 2.09 2.73 -6.07
CA ILE B 101 2.44 1.30 -6.04
C ILE B 101 1.17 0.41 -6.05
N LEU B 102 0.14 0.81 -5.33
CA LEU B 102 -1.18 0.13 -5.41
C LEU B 102 -1.77 0.17 -6.82
N VAL B 103 -1.69 1.33 -7.46
CA VAL B 103 -2.18 1.52 -8.83
C VAL B 103 -1.43 0.60 -9.80
N LYS B 104 -0.11 0.50 -9.65
CA LYS B 104 0.73 -0.34 -10.53
C LYS B 104 0.43 -1.80 -10.32
N ALA B 105 0.19 -2.17 -9.06
CA ALA B 105 -0.23 -3.52 -8.69
C ALA B 105 -1.59 -3.87 -9.27
N ALA B 106 -2.49 -2.88 -9.32
CA ALA B 106 -3.85 -3.05 -9.85
C ALA B 106 -3.75 -3.31 -11.35
N ALA B 107 -2.87 -2.56 -12.01
CA ALA B 107 -2.56 -2.73 -13.43
C ALA B 107 -2.00 -4.11 -13.76
N ILE B 108 -1.12 -4.64 -12.91
CA ILE B 108 -0.56 -6.00 -13.09
C ILE B 108 -1.66 -7.08 -13.03
N ILE B 109 -2.51 -7.00 -12.01
CA ILE B 109 -3.65 -7.91 -11.88
C ILE B 109 -4.64 -7.72 -13.03
N ARG B 110 -4.92 -6.47 -13.44
CA ARG B 110 -5.84 -6.21 -14.56
C ARG B 110 -5.36 -6.80 -15.88
N ARG B 111 -4.06 -6.72 -16.13
CA ARG B 111 -3.44 -7.32 -17.31
C ARG B 111 -3.39 -8.86 -17.23
N ARG B 112 -3.23 -9.39 -16.03
CA ARG B 112 -3.22 -10.84 -15.82
C ARG B 112 -4.51 -11.35 -15.18
N LYS B 113 -5.62 -10.67 -15.44
CA LYS B 113 -6.90 -10.86 -14.73
C LYS B 113 -7.37 -12.31 -14.76
N HIS B 114 -7.44 -12.87 -15.97
CA HIS B 114 -7.93 -14.23 -16.11
C HIS B 114 -6.94 -15.24 -15.55
N GLU B 115 -5.64 -14.88 -15.54
CA GLU B 115 -4.65 -15.74 -14.91
C GLU B 115 -4.91 -15.82 -13.40
N PHE B 116 -5.10 -14.67 -12.77
CA PHE B 116 -5.45 -14.68 -11.34
C PHE B 116 -6.74 -15.42 -11.02
N SER B 117 -7.77 -15.22 -11.86
CA SER B 117 -9.03 -15.97 -11.69
C SER B 117 -8.84 -17.49 -11.77
N ALA B 118 -8.01 -17.94 -12.70
CA ALA B 118 -7.70 -19.36 -12.86
C ALA B 118 -6.96 -19.95 -11.65
N TRP B 119 -6.10 -19.14 -11.04
CA TRP B 119 -5.53 -19.54 -9.75
C TRP B 119 -6.60 -19.82 -8.69
N LEU B 120 -7.66 -18.99 -8.67
CA LEU B 120 -8.79 -19.19 -7.74
C LEU B 120 -9.63 -20.44 -8.02
N VAL B 121 -9.86 -20.71 -9.30
CA VAL B 121 -10.59 -21.92 -9.74
C VAL B 121 -9.92 -23.18 -9.21
N HIS B 122 -8.61 -23.29 -9.41
CA HIS B 122 -7.89 -24.48 -9.00
C HIS B 122 -7.70 -24.55 -7.49
N GLU B 123 -7.37 -23.42 -6.86
CA GLU B 123 -6.97 -23.49 -5.45
C GLU B 123 -8.12 -23.46 -4.46
N ALA B 124 -9.16 -22.66 -4.77
CA ALA B 124 -10.31 -22.50 -3.88
C ALA B 124 -11.59 -23.10 -4.44
N GLY B 125 -11.50 -23.67 -5.64
CA GLY B 125 -12.65 -24.36 -6.24
C GLY B 125 -13.72 -23.44 -6.79
N LYS B 126 -13.34 -22.19 -7.07
CA LYS B 126 -14.31 -21.17 -7.46
C LYS B 126 -14.81 -21.35 -8.88
N PRO B 127 -16.15 -21.27 -9.07
CA PRO B 127 -16.68 -21.22 -10.44
C PRO B 127 -16.20 -19.97 -11.15
N TRP B 128 -16.27 -19.96 -12.48
CA TRP B 128 -15.73 -18.87 -13.29
C TRP B 128 -16.19 -17.49 -12.83
N LYS B 129 -17.51 -17.34 -12.63
CA LYS B 129 -18.14 -16.09 -12.19
C LYS B 129 -17.61 -15.59 -10.85
N GLU B 130 -17.45 -16.51 -9.90
CA GLU B 130 -16.98 -16.16 -8.55
C GLU B 130 -15.50 -15.81 -8.58
N ALA B 131 -14.69 -16.66 -9.22
CA ALA B 131 -13.28 -16.37 -9.40
C ALA B 131 -13.05 -15.00 -10.07
N ASP B 132 -13.82 -14.69 -11.12
CA ASP B 132 -13.70 -13.40 -11.85
C ASP B 132 -14.08 -12.20 -11.00
N ALA B 133 -15.17 -12.33 -10.24
CA ALA B 133 -15.63 -11.28 -9.33
C ALA B 133 -14.64 -11.04 -8.18
N ASP B 134 -13.99 -12.12 -7.73
CA ASP B 134 -12.97 -12.03 -6.68
C ASP B 134 -11.77 -11.20 -7.20
N THR B 135 -11.39 -11.45 -8.44
CA THR B 135 -10.23 -10.80 -9.06
C THR B 135 -10.50 -9.30 -9.28
N ALA B 136 -11.70 -9.00 -9.81
CA ALA B 136 -12.17 -7.62 -10.00
C ALA B 136 -12.26 -6.83 -8.69
N GLU B 137 -12.64 -7.52 -7.61
CA GLU B 137 -12.68 -6.90 -6.27
C GLU B 137 -11.28 -6.61 -5.71
N ALA B 138 -10.30 -7.47 -5.98
CA ALA B 138 -8.91 -7.21 -5.61
C ALA B 138 -8.36 -5.95 -6.31
N ILE B 139 -8.66 -5.83 -7.60
CA ILE B 139 -8.35 -4.65 -8.43
C ILE B 139 -9.00 -3.39 -7.86
N ASP B 140 -10.26 -3.54 -7.47
CA ASP B 140 -11.02 -2.46 -6.87
C ASP B 140 -10.42 -1.96 -5.56
N PHE B 141 -10.08 -2.88 -4.64
CA PHE B 141 -9.44 -2.50 -3.37
C PHE B 141 -8.16 -1.67 -3.60
N LEU B 142 -7.36 -2.08 -4.56
CA LEU B 142 -6.09 -1.41 -4.86
C LEU B 142 -6.33 -0.01 -5.40
N GLU B 143 -7.25 0.10 -6.36
CA GLU B 143 -7.67 1.41 -6.91
C GLU B 143 -8.36 2.33 -5.90
N TYR B 144 -9.26 1.76 -5.12
CA TYR B 144 -10.03 2.57 -4.17
C TYR B 144 -9.20 3.04 -2.99
N TYR B 145 -8.42 2.14 -2.40
CA TYR B 145 -7.59 2.52 -1.26
C TYR B 145 -6.43 3.44 -1.61
N ALA B 146 -5.91 3.35 -2.84
CA ALA B 146 -4.90 4.31 -3.29
C ALA B 146 -5.49 5.72 -3.30
N ARG B 147 -6.71 5.85 -3.81
CA ARG B 147 -7.37 7.16 -3.89
C ARG B 147 -7.81 7.68 -2.52
N GLN B 148 -8.27 6.77 -1.68
CA GLN B 148 -8.66 7.11 -0.31
CA GLN B 148 -8.67 7.13 -0.31
C GLN B 148 -7.46 7.66 0.49
N MET B 149 -6.28 7.10 0.26
CA MET B 149 -5.05 7.59 0.92
C MET B 149 -4.66 9.01 0.48
N ILE B 150 -4.72 9.27 -0.82
CA ILE B 150 -4.42 10.61 -1.38
C ILE B 150 -5.32 11.68 -0.73
N GLU B 151 -6.61 11.35 -0.60
CA GLU B 151 -7.58 12.23 0.03
C GLU B 151 -7.33 12.37 1.53
N LEU B 152 -7.02 11.26 2.20
CA LEU B 152 -6.75 11.26 3.64
C LEU B 152 -5.49 12.04 3.99
N ASN B 153 -4.56 12.09 3.06
CA ASN B 153 -3.31 12.84 3.28
C ASN B 153 -3.49 14.37 3.32
N ARG B 154 -4.66 14.85 2.89
CA ARG B 154 -5.02 16.27 3.09
C ARG B 154 -5.33 16.62 4.56
N GLY B 155 -5.66 15.62 5.37
CA GLY B 155 -6.07 15.86 6.76
C GLY B 155 -7.53 16.28 6.82
N LYS B 156 -7.95 16.91 7.93
CA LYS B 156 -9.30 17.49 8.04
C LYS B 156 -9.23 18.90 8.62
N GLU B 157 -10.14 19.77 8.17
CA GLU B 157 -10.16 21.14 8.64
CA GLU B 157 -10.24 21.16 8.62
C GLU B 157 -10.64 21.25 10.10
N ILE B 158 -9.88 22.02 10.87
CA ILE B 158 -10.19 22.30 12.27
C ILE B 158 -9.97 23.81 12.42
N LEU B 159 -10.42 24.39 13.54
CA LEU B 159 -10.38 25.84 13.67
C LEU B 159 -9.03 26.34 14.20
N SER B 160 -8.68 27.58 13.87
CA SER B 160 -7.54 28.27 14.46
C SER B 160 -7.99 29.65 14.90
N ARG B 161 -7.70 30.01 16.14
CA ARG B 161 -7.99 31.39 16.58
C ARG B 161 -6.88 32.32 16.04
N PRO B 162 -7.13 33.66 15.99
CA PRO B 162 -6.10 34.55 15.49
C PRO B 162 -4.78 34.38 16.22
N GLY B 163 -3.70 34.22 15.46
CA GLY B 163 -2.36 34.11 16.04
C GLY B 163 -1.81 32.71 16.13
N GLU B 164 -2.58 31.72 15.66
CA GLU B 164 -2.10 30.33 15.65
C GLU B 164 -2.51 29.60 14.37
N GLN B 165 -1.86 28.48 14.09
CA GLN B 165 -2.26 27.60 12.98
C GLN B 165 -2.33 26.14 13.44
N ASN B 166 -3.54 25.59 13.45
CA ASN B 166 -3.77 24.23 13.91
C ASN B 166 -4.05 23.29 12.76
N ARG B 167 -3.47 22.08 12.79
CA ARG B 167 -3.67 21.06 11.76
C ARG B 167 -4.02 19.69 12.35
N TYR B 168 -4.79 18.92 11.60
CA TYR B 168 -5.26 17.62 12.04
C TYR B 168 -5.00 16.67 10.89
N PHE B 169 -4.08 15.74 11.09
CA PHE B 169 -3.70 14.84 10.01
C PHE B 169 -3.41 13.45 10.55
N TYR B 170 -3.10 12.52 9.66
CA TYR B 170 -2.98 11.12 10.03
C TYR B 170 -1.55 10.58 9.87
N THR B 171 -1.17 9.70 10.79
CA THR B 171 0.17 9.14 10.84
C THR B 171 0.10 7.61 10.83
N PRO B 172 1.12 6.94 10.23
CA PRO B 172 1.18 5.48 10.25
C PRO B 172 1.47 4.98 11.65
N MET B 173 1.05 3.75 11.93
CA MET B 173 1.13 3.20 13.28
C MET B 173 2.33 2.30 13.51
N GLY B 174 2.52 1.30 12.66
CA GLY B 174 3.60 0.33 12.86
C GLY B 174 3.43 -0.98 12.12
N VAL B 175 3.77 -2.07 12.80
CA VAL B 175 3.68 -3.42 12.26
C VAL B 175 2.24 -3.90 12.29
N THR B 176 1.79 -4.46 11.18
CA THR B 176 0.44 -5.00 11.08
C THR B 176 0.43 -6.48 10.81
N VAL B 177 -0.31 -7.23 11.63
CA VAL B 177 -0.60 -8.61 11.33
C VAL B 177 -1.90 -8.75 10.57
N THR B 178 -1.76 -9.20 9.32
CA THR B 178 -2.87 -9.50 8.44
C THR B 178 -3.10 -11.01 8.41
N ILE B 179 -4.25 -11.42 8.92
CA ILE B 179 -4.67 -12.83 8.90
C ILE B 179 -5.89 -12.96 7.97
N SER B 180 -5.65 -13.55 6.79
CA SER B 180 -6.61 -13.47 5.68
C SER B 180 -7.39 -14.77 5.44
N PRO B 181 -8.62 -14.67 4.89
CA PRO B 181 -9.43 -15.88 4.72
C PRO B 181 -9.17 -16.63 3.40
N TRP B 182 -9.63 -17.88 3.35
CA TRP B 182 -9.49 -18.74 2.17
C TRP B 182 -10.56 -18.51 1.12
N ASN B 183 -11.70 -17.98 1.55
CA ASN B 183 -12.90 -17.90 0.70
C ASN B 183 -12.90 -16.71 -0.29
N PHE B 184 -12.19 -15.65 0.06
CA PHE B 184 -11.76 -14.65 -0.90
C PHE B 184 -10.24 -14.57 -0.78
N ALA B 185 -9.60 -15.64 -1.23
CA ALA B 185 -8.17 -15.88 -1.11
C ALA B 185 -7.35 -14.84 -1.85
N LEU B 186 -7.95 -14.22 -2.86
CA LEU B 186 -7.34 -13.06 -3.48
C LEU B 186 -7.88 -11.75 -2.89
N ALA B 187 -9.16 -11.46 -3.11
CA ALA B 187 -9.77 -10.14 -2.80
C ALA B 187 -9.60 -9.64 -1.37
N ILE B 188 -10.00 -10.44 -0.40
CA ILE B 188 -9.94 -9.96 1.00
C ILE B 188 -8.50 -9.93 1.51
N MET B 189 -7.72 -10.92 1.08
CA MET B 189 -6.27 -10.95 1.34
C MET B 189 -5.57 -9.67 0.82
N VAL B 190 -5.89 -9.26 -0.40
CA VAL B 190 -5.40 -7.99 -1.00
C VAL B 190 -5.87 -6.73 -0.24
N GLY B 191 -7.18 -6.60 -0.01
CA GLY B 191 -7.73 -5.46 0.73
C GLY B 191 -7.07 -5.24 2.09
N THR B 192 -7.02 -6.30 2.89
CA THR B 192 -6.55 -6.16 4.26
C THR B 192 -5.02 -6.21 4.38
N ALA B 193 -4.33 -6.44 3.28
CA ALA B 193 -2.88 -6.27 3.23
C ALA B 193 -2.49 -4.87 2.78
N VAL B 194 -3.14 -4.36 1.73
CA VAL B 194 -2.75 -3.05 1.16
C VAL B 194 -3.37 -1.83 1.84
N ALA B 195 -4.48 -2.01 2.55
CA ALA B 195 -4.99 -0.93 3.38
C ALA B 195 -3.95 -0.53 4.44
N PRO B 196 -3.38 -1.51 5.19
CA PRO B 196 -2.25 -1.11 6.08
C PRO B 196 -1.01 -0.58 5.34
N ILE B 197 -0.71 -1.14 4.17
CA ILE B 197 0.48 -0.74 3.44
C ILE B 197 0.39 0.70 2.91
N VAL B 198 -0.75 1.06 2.34
CA VAL B 198 -0.88 2.40 1.75
C VAL B 198 -0.93 3.50 2.83
N THR B 199 -1.36 3.12 4.04
CA THR B 199 -1.41 4.02 5.19
C THR B 199 -0.06 4.13 5.90
N GLY B 200 0.98 3.53 5.32
CA GLY B 200 2.34 3.66 5.82
C GLY B 200 2.77 2.60 6.81
N ASN B 201 1.88 1.67 7.13
CA ASN B 201 2.21 0.55 7.99
C ASN B 201 2.94 -0.54 7.20
N THR B 202 3.54 -1.49 7.91
CA THR B 202 4.13 -2.64 7.24
C THR B 202 3.43 -3.88 7.74
N VAL B 203 3.50 -4.94 6.93
CA VAL B 203 2.66 -6.11 7.13
C VAL B 203 3.41 -7.43 7.25
N VAL B 204 3.02 -8.21 8.26
CA VAL B 204 3.30 -9.64 8.28
C VAL B 204 2.01 -10.36 7.88
N LEU B 205 2.03 -10.98 6.70
CA LEU B 205 0.86 -11.64 6.15
C LEU B 205 0.91 -13.15 6.40
N LYS B 206 -0.04 -13.64 7.17
CA LYS B 206 -0.23 -15.07 7.35
C LYS B 206 -1.49 -15.45 6.60
N PRO B 207 -1.35 -15.95 5.35
CA PRO B 207 -2.59 -16.32 4.64
C PRO B 207 -3.20 -17.63 5.14
N ALA B 208 -4.43 -17.91 4.71
CA ALA B 208 -5.11 -19.13 5.10
C ALA B 208 -4.31 -20.29 4.53
N SER B 209 -4.06 -21.30 5.37
CA SER B 209 -3.21 -22.41 4.97
C SER B 209 -3.84 -23.33 3.90
N THR B 210 -5.15 -23.19 3.68
CA THR B 210 -5.80 -23.89 2.58
C THR B 210 -5.66 -23.17 1.25
N THR B 211 -5.38 -21.87 1.28
CA THR B 211 -5.13 -21.11 0.04
C THR B 211 -3.87 -20.23 -0.01
N PRO B 212 -2.69 -20.80 0.32
CA PRO B 212 -1.52 -19.91 0.38
C PRO B 212 -0.87 -19.57 -0.97
N VAL B 213 -1.18 -20.32 -2.03
CA VAL B 213 -0.49 -20.16 -3.33
C VAL B 213 -0.83 -18.83 -4.05
N VAL B 214 -2.12 -18.50 -4.13
CA VAL B 214 -2.54 -17.21 -4.70
C VAL B 214 -2.02 -16.00 -3.90
N ALA B 215 -1.78 -16.18 -2.60
CA ALA B 215 -1.17 -15.14 -1.77
C ALA B 215 0.32 -14.96 -2.09
N ALA B 216 1.03 -16.07 -2.29
CA ALA B 216 2.42 -16.02 -2.77
C ALA B 216 2.54 -15.29 -4.12
N LYS B 217 1.60 -15.55 -5.01
CA LYS B 217 1.49 -14.87 -6.31
C LYS B 217 1.27 -13.36 -6.20
N PHE B 218 0.41 -12.95 -5.25
CA PHE B 218 0.14 -11.53 -5.03
C PHE B 218 1.32 -10.78 -4.40
N VAL B 219 2.02 -11.43 -3.46
CA VAL B 219 3.25 -10.86 -2.91
C VAL B 219 4.28 -10.55 -4.05
N GLU B 220 4.39 -11.46 -5.02
CA GLU B 220 5.25 -11.22 -6.19
C GLU B 220 4.80 -10.01 -7.01
N VAL B 221 3.49 -9.82 -7.13
CA VAL B 221 2.93 -8.64 -7.79
C VAL B 221 3.40 -7.35 -7.10
N LEU B 222 3.30 -7.32 -5.77
CA LEU B 222 3.72 -6.15 -4.97
C LEU B 222 5.22 -5.84 -5.15
N GLU B 223 6.04 -6.89 -5.13
CA GLU B 223 7.47 -6.79 -5.47
C GLU B 223 7.70 -6.20 -6.87
N ASP B 224 6.97 -6.69 -7.87
CA ASP B 224 7.12 -6.23 -9.25
C ASP B 224 6.62 -4.80 -9.43
N ALA B 225 5.58 -4.42 -8.67
CA ALA B 225 5.05 -3.04 -8.70
C ALA B 225 5.99 -2.03 -8.01
N GLY B 226 6.97 -2.52 -7.26
CA GLY B 226 8.00 -1.66 -6.68
C GLY B 226 8.00 -1.53 -5.16
N LEU B 227 7.33 -2.44 -4.46
CA LEU B 227 7.33 -2.41 -2.99
C LEU B 227 8.69 -2.77 -2.41
N PRO B 228 9.22 -1.92 -1.51
CA PRO B 228 10.47 -2.11 -0.79
C PRO B 228 10.40 -3.33 0.11
N LYS B 229 11.54 -3.94 0.33
CA LYS B 229 11.64 -5.18 1.10
C LYS B 229 11.17 -4.99 2.55
N GLY B 230 10.52 -6.03 3.07
CA GLY B 230 10.06 -6.05 4.45
C GLY B 230 8.73 -5.35 4.69
N VAL B 231 8.26 -4.57 3.73
CA VAL B 231 6.97 -3.88 3.85
C VAL B 231 5.85 -4.92 3.85
N ILE B 232 5.96 -5.93 2.99
CA ILE B 232 5.16 -7.13 3.19
C ILE B 232 6.07 -8.34 3.47
N ASN B 233 5.57 -9.27 4.29
CA ASN B 233 6.27 -10.50 4.59
C ASN B 233 5.28 -11.66 4.49
N TYR B 234 5.64 -12.66 3.69
CA TYR B 234 4.77 -13.78 3.39
C TYR B 234 5.16 -14.91 4.31
N VAL B 235 4.28 -15.21 5.27
CA VAL B 235 4.65 -16.15 6.30
C VAL B 235 3.54 -17.16 6.69
N PRO B 236 3.18 -18.09 5.76
CA PRO B 236 2.18 -19.09 6.12
C PRO B 236 2.69 -20.05 7.19
N GLY B 237 1.76 -20.64 7.93
CA GLY B 237 2.08 -21.49 9.06
C GLY B 237 0.82 -21.91 9.80
N SER B 238 1.00 -22.69 10.87
CA SER B 238 -0.11 -23.10 11.72
C SER B 238 -0.51 -21.96 12.65
N GLY B 239 -1.75 -22.01 13.12
CA GLY B 239 -2.26 -21.04 14.09
C GLY B 239 -1.51 -21.05 15.42
N ALA B 240 -1.07 -22.23 15.85
CA ALA B 240 -0.41 -22.39 17.14
C ALA B 240 1.03 -21.86 17.15
N GLU B 241 1.83 -22.23 16.16
CA GLU B 241 3.25 -21.83 16.10
C GLU B 241 3.42 -20.37 15.66
N VAL B 242 2.61 -19.94 14.70
CA VAL B 242 2.78 -18.64 14.04
C VAL B 242 1.68 -17.64 14.42
N GLY B 243 0.43 -18.04 14.20
CA GLY B 243 -0.73 -17.14 14.32
C GLY B 243 -0.87 -16.45 15.67
N ASP B 244 -0.78 -17.23 16.74
CA ASP B 244 -0.80 -16.70 18.10
C ASP B 244 0.44 -15.89 18.44
N TYR B 245 1.60 -16.37 17.96
CA TYR B 245 2.86 -15.67 18.17
C TYR B 245 2.87 -14.29 17.51
N LEU B 246 2.31 -14.20 16.29
CA LEU B 246 2.20 -12.92 15.57
C LEU B 246 1.32 -11.92 16.32
N VAL B 247 0.16 -12.41 16.74
CA VAL B 247 -0.82 -11.61 17.47
C VAL B 247 -0.27 -11.09 18.80
N ASP B 248 0.42 -11.98 19.52
CA ASP B 248 0.90 -11.66 20.88
C ASP B 248 2.19 -10.88 20.94
N HIS B 249 2.84 -10.69 19.80
CA HIS B 249 4.13 -10.01 19.78
C HIS B 249 4.02 -8.59 20.31
N PRO B 250 4.97 -8.16 21.16
CA PRO B 250 4.92 -6.79 21.69
C PRO B 250 5.14 -5.68 20.67
N LYS B 251 5.68 -6.00 19.48
CA LYS B 251 5.88 -5.00 18.42
C LYS B 251 4.73 -4.88 17.42
N THR B 252 3.79 -5.82 17.51
CA THR B 252 2.60 -5.83 16.65
C THR B 252 1.67 -4.69 17.08
N SER B 253 1.38 -3.77 16.16
CA SER B 253 0.56 -2.57 16.45
C SER B 253 -0.89 -2.70 16.01
N LEU B 254 -1.10 -3.33 14.87
CA LEU B 254 -2.43 -3.50 14.30
C LEU B 254 -2.64 -4.95 13.86
N ILE B 255 -3.85 -5.46 14.11
CA ILE B 255 -4.24 -6.78 13.61
C ILE B 255 -5.51 -6.66 12.77
N THR B 256 -5.45 -7.14 11.52
CA THR B 256 -6.63 -7.26 10.67
C THR B 256 -6.98 -8.72 10.43
N PHE B 257 -8.16 -9.10 10.91
CA PHE B 257 -8.62 -10.46 10.79
C PHE B 257 -9.90 -10.58 9.97
N THR B 258 -9.92 -11.55 9.05
CA THR B 258 -11.17 -12.02 8.46
C THR B 258 -11.24 -13.54 8.60
N GLY B 259 -12.35 -14.05 9.14
CA GLY B 259 -12.50 -15.49 9.35
C GLY B 259 -13.69 -15.83 10.24
N SER B 260 -13.62 -16.95 10.95
CA SER B 260 -14.77 -17.42 11.73
C SER B 260 -14.86 -16.75 13.11
N LYS B 261 -16.03 -16.86 13.73
CA LYS B 261 -16.31 -16.30 15.06
C LYS B 261 -15.39 -16.87 16.16
N ASP B 262 -15.31 -18.20 16.27
CA ASP B 262 -14.51 -18.85 17.32
C ASP B 262 -13.03 -18.48 17.30
N VAL B 263 -12.47 -18.29 16.11
CA VAL B 263 -11.08 -17.86 15.94
C VAL B 263 -10.93 -16.34 16.16
N GLY B 264 -11.81 -15.57 15.54
CA GLY B 264 -11.83 -14.11 15.69
C GLY B 264 -12.03 -13.58 17.10
N VAL B 265 -12.83 -14.29 17.90
CA VAL B 265 -13.07 -13.89 19.30
C VAL B 265 -11.86 -14.09 20.21
N ARG B 266 -11.21 -15.25 20.08
CA ARG B 266 -10.01 -15.59 20.83
C ARG B 266 -8.86 -14.62 20.53
N LEU B 267 -8.70 -14.30 19.25
CA LEU B 267 -7.71 -13.33 18.77
C LEU B 267 -7.92 -11.94 19.36
N TYR B 268 -9.17 -11.47 19.30
CA TYR B 268 -9.59 -10.20 19.88
C TYR B 268 -9.26 -10.07 21.37
N GLU B 269 -9.56 -11.10 22.15
CA GLU B 269 -9.29 -11.10 23.58
C GLU B 269 -7.80 -11.17 23.89
N ARG B 270 -7.06 -11.97 23.12
CA ARG B 270 -5.61 -12.07 23.29
C ARG B 270 -4.86 -10.81 22.83
N ALA B 271 -5.33 -10.19 21.74
CA ALA B 271 -4.74 -8.93 21.27
C ALA B 271 -4.81 -7.75 22.26
N ALA B 272 -5.85 -7.73 23.10
CA ALA B 272 -6.08 -6.60 24.00
C ALA B 272 -5.14 -6.54 25.20
N VAL B 273 -4.54 -7.67 25.56
CA VAL B 273 -3.62 -7.71 26.71
C VAL B 273 -2.27 -7.09 26.37
N VAL B 274 -1.80 -6.24 27.27
CA VAL B 274 -0.50 -5.61 27.11
C VAL B 274 0.58 -6.56 27.65
N ARG B 275 1.28 -7.19 26.71
CA ARG B 275 2.37 -8.12 26.98
C ARG B 275 3.63 -7.41 27.48
N PRO B 276 4.58 -8.15 28.10
CA PRO B 276 5.87 -7.56 28.47
C PRO B 276 6.61 -6.86 27.32
N GLY B 277 7.14 -5.67 27.59
CA GLY B 277 7.83 -4.88 26.58
C GLY B 277 6.94 -4.24 25.51
N GLN B 278 5.63 -4.34 25.69
CA GLN B 278 4.66 -3.76 24.75
C GLN B 278 4.27 -2.37 25.23
N ASN B 279 4.49 -1.36 24.40
CA ASN B 279 4.31 0.02 24.83
C ASN B 279 3.00 0.68 24.37
N HIS B 280 2.04 -0.13 23.93
CA HIS B 280 0.83 0.40 23.29
C HIS B 280 -0.35 -0.55 23.43
N LEU B 281 -1.54 -0.05 23.12
CA LEU B 281 -2.72 -0.90 22.97
C LEU B 281 -2.86 -1.29 21.51
N LYS B 282 -3.03 -2.58 21.25
CA LYS B 282 -3.12 -3.08 19.87
C LYS B 282 -4.47 -2.78 19.24
N ARG B 283 -4.47 -2.09 18.10
CA ARG B 283 -5.72 -1.90 17.35
C ARG B 283 -6.10 -3.16 16.55
N VAL B 284 -7.38 -3.56 16.63
CA VAL B 284 -7.85 -4.77 15.96
C VAL B 284 -9.09 -4.52 15.09
N ILE B 285 -9.00 -4.94 13.83
CA ILE B 285 -10.15 -4.93 12.92
C ILE B 285 -10.53 -6.39 12.70
N VAL B 286 -11.77 -6.74 13.03
CA VAL B 286 -12.26 -8.10 12.81
C VAL B 286 -13.54 -8.14 12.00
N GLU B 287 -13.52 -8.97 10.97
CA GLU B 287 -14.71 -9.31 10.26
C GLU B 287 -14.91 -10.81 10.42
N MET B 288 -16.00 -11.16 11.08
CA MET B 288 -16.29 -12.55 11.37
C MET B 288 -17.54 -12.90 10.58
N GLY B 289 -18.16 -14.04 10.89
CA GLY B 289 -19.23 -14.56 10.03
C GLY B 289 -20.55 -13.84 10.06
N GLY B 290 -21.55 -14.45 9.44
CA GLY B 290 -22.92 -13.92 9.42
C GLY B 290 -23.91 -15.07 9.32
N LYS B 291 -25.09 -14.87 9.91
CA LYS B 291 -26.22 -15.78 9.66
C LYS B 291 -27.29 -14.93 8.97
N ASP B 292 -27.20 -14.88 7.65
CA ASP B 292 -27.88 -13.86 6.91
C ASP B 292 -29.23 -14.35 6.48
N THR B 293 -30.13 -13.41 6.23
CA THR B 293 -31.52 -13.73 6.02
C THR B 293 -32.07 -12.95 4.86
N VAL B 294 -32.74 -13.65 3.97
CA VAL B 294 -33.52 -12.97 2.97
C VAL B 294 -34.99 -13.04 3.38
N VAL B 295 -35.58 -11.86 3.56
CA VAL B 295 -36.96 -11.72 3.99
C VAL B 295 -37.86 -11.47 2.78
N VAL B 296 -38.89 -12.29 2.61
CA VAL B 296 -39.80 -12.11 1.47
C VAL B 296 -41.19 -11.69 1.93
N ASP B 297 -41.60 -10.51 1.51
CA ASP B 297 -42.88 -9.93 1.90
C ASP B 297 -44.02 -10.54 1.09
N ARG B 298 -45.24 -10.34 1.56
CA ARG B 298 -46.48 -10.74 0.87
C ARG B 298 -46.59 -10.08 -0.53
N ASP B 299 -46.04 -8.88 -0.65
CA ASP B 299 -46.14 -8.03 -1.85
C ASP B 299 -45.13 -8.37 -2.97
N ALA B 300 -44.26 -9.34 -2.73
CA ALA B 300 -43.03 -9.49 -3.54
C ALA B 300 -43.18 -10.07 -4.95
N ASP B 301 -42.26 -9.68 -5.84
CA ASP B 301 -42.02 -10.40 -7.08
C ASP B 301 -41.38 -11.71 -6.66
N LEU B 302 -42.15 -12.78 -6.75
CA LEU B 302 -41.76 -14.08 -6.20
C LEU B 302 -40.74 -14.80 -7.08
N ASP B 303 -40.72 -14.46 -8.37
CA ASP B 303 -39.65 -14.90 -9.27
C ASP B 303 -38.30 -14.28 -8.85
N LEU B 304 -38.30 -12.96 -8.63
CA LEU B 304 -37.14 -12.25 -8.10
C LEU B 304 -36.72 -12.80 -6.75
N ALA B 305 -37.71 -13.04 -5.88
CA ALA B 305 -37.49 -13.62 -4.56
C ALA B 305 -36.88 -15.01 -4.62
N ALA B 306 -37.34 -15.83 -5.56
CA ALA B 306 -36.77 -17.16 -5.82
C ALA B 306 -35.31 -17.05 -6.25
N GLU B 307 -35.03 -16.19 -7.23
CA GLU B 307 -33.67 -15.97 -7.75
C GLU B 307 -32.71 -15.44 -6.69
N SER B 308 -33.18 -14.44 -5.95
CA SER B 308 -32.39 -13.79 -4.90
C SER B 308 -31.95 -14.77 -3.82
N ILE B 309 -32.87 -15.65 -3.40
CA ILE B 309 -32.57 -16.69 -2.39
C ILE B 309 -31.55 -17.69 -2.92
N LEU B 310 -31.78 -18.17 -4.13
CA LEU B 310 -30.89 -19.12 -4.80
C LEU B 310 -29.42 -18.64 -4.85
N VAL B 311 -29.23 -17.40 -5.32
CA VAL B 311 -27.91 -16.79 -5.52
C VAL B 311 -27.22 -16.51 -4.18
N SER B 312 -27.97 -15.93 -3.24
CA SER B 312 -27.51 -15.70 -1.87
C SER B 312 -27.06 -16.99 -1.18
N ALA B 313 -27.84 -18.06 -1.39
CA ALA B 313 -27.61 -19.32 -0.71
C ALA B 313 -26.49 -20.15 -1.29
N PHE B 314 -26.40 -20.17 -2.62
CA PHE B 314 -25.57 -21.17 -3.30
C PHE B 314 -24.39 -20.58 -4.05
N GLY B 315 -24.31 -19.25 -4.13
CA GLY B 315 -23.17 -18.56 -4.71
C GLY B 315 -21.92 -19.02 -3.97
N PHE B 316 -20.96 -19.57 -4.72
CA PHE B 316 -19.74 -20.19 -4.18
C PHE B 316 -20.04 -21.32 -3.17
N SER B 317 -21.10 -22.08 -3.46
CA SER B 317 -21.58 -23.17 -2.60
C SER B 317 -21.81 -22.70 -1.16
N GLY B 318 -22.37 -21.50 -1.00
CA GLY B 318 -22.61 -20.90 0.33
C GLY B 318 -21.40 -20.59 1.20
N GLN B 319 -20.21 -20.61 0.61
CA GLN B 319 -18.98 -20.40 1.38
C GLN B 319 -18.65 -18.92 1.48
N LYS B 320 -19.55 -18.18 2.12
CA LYS B 320 -19.47 -16.73 2.19
C LYS B 320 -20.00 -16.26 3.53
N CYS B 321 -19.32 -15.29 4.13
CA CYS B 321 -19.83 -14.60 5.32
C CYS B 321 -21.16 -13.87 5.08
N SER B 322 -21.43 -13.52 3.82
CA SER B 322 -22.65 -12.82 3.37
C SER B 322 -23.77 -13.75 2.86
N ALA B 323 -23.56 -15.05 2.95
CA ALA B 323 -24.46 -16.05 2.36
C ALA B 323 -25.86 -16.08 2.99
N GLY B 324 -26.89 -15.95 2.14
CA GLY B 324 -28.29 -16.05 2.59
C GLY B 324 -28.63 -17.48 2.94
N SER B 325 -28.23 -17.92 4.12
CA SER B 325 -28.49 -19.30 4.57
C SER B 325 -29.83 -19.47 5.26
N ARG B 326 -30.59 -18.37 5.38
CA ARG B 326 -31.94 -18.40 5.92
C ARG B 326 -32.87 -17.65 4.98
N ALA B 327 -34.05 -18.21 4.74
CA ALA B 327 -35.05 -17.57 3.90
C ALA B 327 -36.34 -17.47 4.70
N VAL B 328 -36.76 -16.25 5.00
CA VAL B 328 -37.88 -16.06 5.92
C VAL B 328 -39.01 -15.40 5.18
N ILE B 329 -40.08 -16.17 4.96
CA ILE B 329 -41.09 -15.81 3.96
C ILE B 329 -42.45 -15.58 4.60
N HIS B 330 -43.14 -14.58 4.09
CA HIS B 330 -44.45 -14.30 4.55
C HIS B 330 -45.32 -15.54 4.29
N LYS B 331 -46.24 -15.78 5.22
CA LYS B 331 -47.05 -16.96 5.27
C LYS B 331 -47.89 -17.10 4.04
N ASP B 332 -48.32 -15.98 3.54
CA ASP B 332 -49.14 -15.90 2.38
C ASP B 332 -48.39 -16.26 1.12
N VAL B 333 -47.10 -16.33 1.19
CA VAL B 333 -46.40 -16.65 -0.01
C VAL B 333 -45.34 -17.76 0.14
N TYR B 334 -45.32 -18.40 1.29
CA TYR B 334 -44.30 -19.37 1.64
C TYR B 334 -44.24 -20.58 0.75
N ASP B 335 -45.38 -21.17 0.46
CA ASP B 335 -45.42 -22.38 -0.39
C ASP B 335 -44.91 -22.08 -1.79
N GLU B 336 -45.39 -20.97 -2.36
CA GLU B 336 -45.08 -20.58 -3.74
CA GLU B 336 -45.08 -20.59 -3.73
C GLU B 336 -43.61 -20.22 -3.94
N VAL B 337 -43.03 -19.49 -3.00
CA VAL B 337 -41.59 -19.17 -3.09
C VAL B 337 -40.75 -20.42 -2.86
N LEU B 338 -41.18 -21.27 -1.92
CA LEU B 338 -40.47 -22.50 -1.64
C LEU B 338 -40.39 -23.40 -2.87
N GLU B 339 -41.52 -23.67 -3.51
CA GLU B 339 -41.54 -24.52 -4.69
C GLU B 339 -40.75 -23.92 -5.88
N LYS B 340 -40.77 -22.60 -6.02
CA LYS B 340 -40.02 -21.93 -7.08
C LYS B 340 -38.51 -22.02 -6.86
N THR B 341 -38.08 -21.92 -5.60
CA THR B 341 -36.68 -22.01 -5.23
C THR B 341 -36.16 -23.46 -5.37
N VAL B 342 -37.03 -24.42 -5.03
CA VAL B 342 -36.69 -25.84 -5.16
C VAL B 342 -36.50 -26.22 -6.64
N ALA B 343 -37.33 -25.62 -7.50
CA ALA B 343 -37.30 -25.85 -8.95
C ALA B 343 -36.08 -25.20 -9.65
N LEU B 344 -35.51 -24.18 -9.02
CA LEU B 344 -34.27 -23.59 -9.54
C LEU B 344 -33.03 -24.35 -9.02
N ALA B 345 -33.08 -24.78 -7.75
CA ALA B 345 -31.98 -25.52 -7.10
C ALA B 345 -31.69 -26.88 -7.73
N LYS B 346 -32.74 -27.55 -8.22
CA LYS B 346 -32.60 -28.85 -8.88
C LYS B 346 -31.93 -28.74 -10.26
N ASN B 347 -31.96 -27.54 -10.84
CA ASN B 347 -31.32 -27.28 -12.14
C ASN B 347 -29.85 -26.85 -12.05
N LEU B 348 -29.40 -26.50 -10.85
CA LEU B 348 -28.02 -26.04 -10.62
C LEU B 348 -27.02 -27.15 -10.86
N THR B 349 -26.08 -26.89 -11.76
CA THR B 349 -25.06 -27.85 -12.12
C THR B 349 -23.91 -27.80 -11.11
N VAL B 350 -23.55 -28.97 -10.57
CA VAL B 350 -22.46 -29.09 -9.62
C VAL B 350 -21.36 -29.97 -10.22
N GLY B 351 -20.12 -29.50 -10.13
CA GLY B 351 -18.96 -30.25 -10.56
C GLY B 351 -17.72 -29.38 -10.63
N ASP B 352 -16.67 -29.95 -11.23
CA ASP B 352 -15.38 -29.29 -11.44
C ASP B 352 -15.55 -27.89 -12.02
N PRO B 353 -15.04 -26.86 -11.31
CA PRO B 353 -15.22 -25.48 -11.73
C PRO B 353 -14.36 -25.03 -12.89
N THR B 354 -13.38 -25.82 -13.33
CA THR B 354 -12.69 -25.53 -14.61
C THR B 354 -13.67 -25.59 -15.79
N ASN B 355 -14.71 -26.43 -15.64
CA ASN B 355 -15.79 -26.53 -16.60
C ASN B 355 -16.78 -25.39 -16.39
N ARG B 356 -16.89 -24.53 -17.41
CA ARG B 356 -17.76 -23.36 -17.41
C ARG B 356 -19.22 -23.70 -17.15
N ASP B 357 -19.64 -24.88 -17.59
CA ASP B 357 -21.03 -25.31 -17.45
C ASP B 357 -21.44 -25.64 -16.00
N ASN B 358 -20.45 -25.70 -15.10
CA ASN B 358 -20.69 -25.90 -13.67
C ASN B 358 -20.82 -24.58 -12.90
N TYR B 359 -22.05 -24.30 -12.43
CA TYR B 359 -22.39 -23.07 -11.70
C TYR B 359 -21.83 -23.10 -10.27
N MET B 360 -21.76 -24.30 -9.71
CA MET B 360 -21.27 -24.51 -8.36
C MET B 360 -20.10 -25.46 -8.41
N GLY B 361 -19.12 -25.22 -7.54
CA GLY B 361 -18.03 -26.16 -7.35
C GLY B 361 -18.09 -26.84 -5.98
N PRO B 362 -16.98 -27.43 -5.54
CA PRO B 362 -16.92 -28.15 -4.27
C PRO B 362 -16.73 -27.19 -3.08
N VAL B 363 -16.83 -27.74 -1.88
CA VAL B 363 -16.38 -27.01 -0.68
C VAL B 363 -14.86 -27.22 -0.52
N ILE B 364 -14.25 -26.50 0.41
CA ILE B 364 -12.79 -26.29 0.41
C ILE B 364 -11.92 -27.50 0.81
N ASP B 365 -12.29 -28.24 1.86
CA ASP B 365 -11.48 -29.39 2.30
C ASP B 365 -12.34 -30.47 2.97
N GLU B 366 -11.69 -31.52 3.47
CA GLU B 366 -12.41 -32.60 4.16
C GLU B 366 -13.12 -32.12 5.41
N LYS B 367 -12.45 -31.26 6.18
CA LYS B 367 -12.99 -30.67 7.41
C LYS B 367 -14.30 -29.92 7.14
N ALA B 368 -14.29 -29.07 6.11
CA ALA B 368 -15.47 -28.28 5.76
C ALA B 368 -16.59 -29.18 5.28
N PHE B 369 -16.24 -30.16 4.45
CA PHE B 369 -17.15 -31.20 3.98
C PHE B 369 -17.82 -31.94 5.13
N GLU B 370 -17.01 -32.38 6.10
CA GLU B 370 -17.51 -33.12 7.26
C GLU B 370 -18.45 -32.26 8.11
N LYS B 371 -18.08 -31.01 8.33
CA LYS B 371 -18.92 -30.11 9.15
C LYS B 371 -20.28 -29.81 8.53
N ILE B 372 -20.31 -29.52 7.24
CA ILE B 372 -21.57 -29.22 6.55
C ILE B 372 -22.52 -30.43 6.55
N MET B 373 -21.98 -31.62 6.26
CA MET B 373 -22.80 -32.84 6.23
C MET B 373 -23.45 -33.15 7.59
N SER B 374 -22.70 -32.89 8.67
CA SER B 374 -23.20 -32.98 10.06
C SER B 374 -24.35 -31.99 10.30
N TYR B 375 -24.17 -30.76 9.81
CA TYR B 375 -25.21 -29.74 9.87
C TYR B 375 -26.44 -30.13 9.05
N ILE B 376 -26.21 -30.83 7.94
CA ILE B 376 -27.31 -31.35 7.11
C ILE B 376 -28.07 -32.44 7.88
N GLU B 377 -27.32 -33.33 8.55
CA GLU B 377 -27.91 -34.37 9.41
C GLU B 377 -28.71 -33.82 10.59
N ILE B 378 -28.25 -32.71 11.17
CA ILE B 378 -28.99 -32.02 12.23
C ILE B 378 -30.26 -31.43 11.62
N GLY B 379 -30.09 -30.78 10.46
CA GLY B 379 -31.18 -30.13 9.73
C GLY B 379 -32.35 -31.02 9.37
N LYS B 380 -32.05 -32.25 8.93
CA LYS B 380 -33.07 -33.28 8.62
C LYS B 380 -33.96 -33.64 9.81
N LYS B 381 -33.41 -33.51 11.01
CA LYS B 381 -34.17 -33.77 12.23
C LYS B 381 -34.83 -32.50 12.78
N GLU B 382 -34.65 -31.38 12.07
CA GLU B 382 -35.19 -30.11 12.52
C GLU B 382 -36.33 -29.63 11.64
N GLY B 383 -36.32 -30.06 10.38
CA GLY B 383 -37.36 -29.73 9.42
C GLY B 383 -37.37 -30.62 8.18
N ARG B 384 -37.99 -30.12 7.12
CA ARG B 384 -38.38 -30.90 5.95
C ARG B 384 -37.40 -30.75 4.78
N LEU B 385 -36.67 -31.82 4.48
CA LEU B 385 -35.70 -31.83 3.37
C LEU B 385 -36.41 -31.77 2.03
N MET B 386 -36.17 -30.66 1.32
CA MET B 386 -36.82 -30.36 0.03
C MET B 386 -36.04 -30.82 -1.18
N THR B 387 -34.72 -30.60 -1.13
CA THR B 387 -33.82 -31.04 -2.20
C THR B 387 -32.37 -31.14 -1.70
N GLY B 388 -31.58 -31.97 -2.38
CA GLY B 388 -30.17 -32.13 -2.08
C GLY B 388 -29.93 -32.88 -0.79
N GLY B 389 -28.91 -32.48 -0.04
CA GLY B 389 -28.58 -33.13 1.21
C GLY B 389 -27.62 -34.28 1.03
N GLU B 390 -27.24 -34.52 -0.23
CA GLU B 390 -26.32 -35.58 -0.61
C GLU B 390 -24.92 -35.00 -0.78
N GLY B 391 -23.90 -35.74 -0.32
CA GLY B 391 -22.50 -35.32 -0.47
C GLY B 391 -21.60 -36.42 -1.00
N ASP B 392 -20.62 -36.04 -1.81
CA ASP B 392 -19.69 -37.01 -2.40
C ASP B 392 -18.23 -36.57 -2.23
N SER B 393 -17.47 -37.34 -1.46
CA SER B 393 -16.07 -37.04 -1.13
C SER B 393 -15.02 -37.72 -2.02
N SER B 394 -15.47 -38.56 -2.95
CA SER B 394 -14.59 -39.53 -3.61
C SER B 394 -13.49 -38.92 -4.49
N THR B 395 -13.85 -37.89 -5.27
CA THR B 395 -12.87 -37.21 -6.12
C THR B 395 -12.57 -35.79 -5.65
N GLY B 396 -13.62 -35.06 -5.28
CA GLY B 396 -13.49 -33.77 -4.61
C GLY B 396 -14.56 -33.65 -3.55
N PHE B 397 -14.71 -32.49 -2.93
CA PHE B 397 -15.64 -32.35 -1.81
C PHE B 397 -16.96 -31.73 -2.22
N PHE B 398 -17.79 -32.51 -2.91
CA PHE B 398 -18.99 -31.97 -3.52
C PHE B 398 -20.24 -32.17 -2.69
N ILE B 399 -20.97 -31.08 -2.48
CA ILE B 399 -22.21 -31.13 -1.74
C ILE B 399 -23.30 -30.57 -2.64
N GLN B 400 -24.46 -31.22 -2.63
CA GLN B 400 -25.61 -30.76 -3.40
C GLN B 400 -26.19 -29.49 -2.77
N PRO B 401 -26.75 -28.59 -3.60
CA PRO B 401 -27.52 -27.46 -3.13
C PRO B 401 -28.73 -27.93 -2.32
N THR B 402 -28.75 -27.58 -1.04
CA THR B 402 -29.64 -28.20 -0.06
C THR B 402 -30.67 -27.25 0.51
N ILE B 403 -31.95 -27.63 0.42
CA ILE B 403 -33.04 -26.84 0.99
C ILE B 403 -33.76 -27.65 2.07
N ILE B 404 -33.89 -27.05 3.25
CA ILE B 404 -34.63 -27.64 4.36
C ILE B 404 -35.67 -26.60 4.77
N ALA B 405 -36.92 -27.03 4.98
CA ALA B 405 -38.03 -26.10 5.19
C ALA B 405 -38.70 -26.27 6.54
N ASP B 406 -39.59 -25.32 6.86
CA ASP B 406 -40.48 -25.32 8.05
C ASP B 406 -39.71 -25.26 9.36
N LEU B 407 -38.61 -24.50 9.37
CA LEU B 407 -37.77 -24.47 10.56
C LEU B 407 -38.37 -23.63 11.68
N ASP B 408 -38.14 -24.07 12.91
CA ASP B 408 -38.32 -23.25 14.10
C ASP B 408 -37.29 -22.12 13.98
N PRO B 409 -37.72 -20.85 14.16
CA PRO B 409 -36.78 -19.72 14.13
C PRO B 409 -35.53 -19.87 15.04
N GLU B 410 -35.65 -20.67 16.09
CA GLU B 410 -34.54 -20.90 17.01
C GLU B 410 -33.74 -22.19 16.76
N ALA B 411 -34.03 -22.87 15.65
CA ALA B 411 -33.36 -24.13 15.30
C ALA B 411 -31.86 -23.96 15.07
N VAL B 412 -31.11 -25.05 15.16
CA VAL B 412 -29.64 -25.03 15.04
C VAL B 412 -29.23 -24.49 13.66
N ILE B 413 -29.87 -25.01 12.60
CA ILE B 413 -29.57 -24.55 11.25
C ILE B 413 -30.13 -23.16 10.93
N MET B 414 -30.87 -22.58 11.87
CA MET B 414 -31.29 -21.20 11.71
C MET B 414 -30.49 -20.23 12.60
N GLN B 415 -29.47 -20.76 13.28
CA GLN B 415 -28.68 -19.93 14.19
C GLN B 415 -27.18 -20.02 13.94
N GLU B 416 -26.69 -21.23 13.65
CA GLU B 416 -25.27 -21.49 13.54
C GLU B 416 -24.79 -21.40 12.09
N GLU B 417 -23.63 -20.77 11.89
CA GLU B 417 -23.05 -20.63 10.56
C GLU B 417 -22.56 -21.98 10.03
N ILE B 418 -23.10 -22.38 8.87
CA ILE B 418 -22.77 -23.65 8.23
C ILE B 418 -21.62 -23.48 7.24
N PHE B 419 -21.64 -22.36 6.50
CA PHE B 419 -20.62 -22.00 5.50
C PHE B 419 -20.65 -23.05 4.37
N GLY B 420 -21.86 -23.33 3.90
CA GLY B 420 -22.10 -24.42 2.97
C GLY B 420 -23.34 -24.19 2.16
N PRO B 421 -23.60 -25.05 1.15
CA PRO B 421 -24.70 -24.80 0.23
C PRO B 421 -26.05 -25.27 0.79
N VAL B 422 -26.46 -24.60 1.87
CA VAL B 422 -27.60 -24.97 2.70
C VAL B 422 -28.44 -23.70 2.92
N VAL B 423 -29.75 -23.81 2.71
CA VAL B 423 -30.71 -22.78 3.13
C VAL B 423 -31.76 -23.43 3.99
N ALA B 424 -32.06 -22.79 5.11
CA ALA B 424 -33.22 -23.13 5.92
C ALA B 424 -34.37 -22.18 5.57
N PHE B 425 -35.57 -22.72 5.38
CA PHE B 425 -36.76 -21.89 5.12
C PHE B 425 -37.62 -21.81 6.37
N SER B 426 -38.14 -20.62 6.67
CA SER B 426 -39.05 -20.47 7.82
C SER B 426 -40.20 -19.56 7.49
N LYS B 427 -41.38 -19.92 8.00
CA LYS B 427 -42.61 -19.20 7.71
C LYS B 427 -42.87 -18.11 8.76
N ALA B 428 -43.06 -16.88 8.28
CA ALA B 428 -43.36 -15.76 9.16
C ALA B 428 -44.83 -15.32 9.04
N ASN B 429 -45.43 -15.00 10.19
CA ASN B 429 -46.86 -14.66 10.27
C ASN B 429 -47.22 -13.38 9.53
N ASP B 430 -46.28 -12.43 9.51
CA ASP B 430 -46.43 -11.12 8.90
C ASP B 430 -45.05 -10.45 8.77
N PHE B 431 -45.02 -9.23 8.25
CA PHE B 431 -43.77 -8.49 8.07
C PHE B 431 -43.04 -8.17 9.38
N ASP B 432 -43.78 -7.68 10.39
CA ASP B 432 -43.23 -7.40 11.71
C ASP B 432 -42.60 -8.63 12.36
N HIS B 433 -43.26 -9.79 12.24
CA HIS B 433 -42.71 -11.06 12.70
C HIS B 433 -41.48 -11.53 11.89
N ALA B 434 -41.43 -11.16 10.62
CA ALA B 434 -40.30 -11.54 9.77
C ALA B 434 -39.01 -10.80 10.17
N LEU B 435 -39.15 -9.54 10.59
CA LEU B 435 -38.04 -8.73 11.10
C LEU B 435 -37.55 -9.23 12.45
N GLU B 436 -38.50 -9.78 13.23
CA GLU B 436 -38.20 -10.38 14.53
CA GLU B 436 -38.21 -10.37 14.53
C GLU B 436 -37.35 -11.62 14.36
N ILE B 437 -37.73 -12.46 13.40
CA ILE B 437 -36.96 -13.65 13.06
C ILE B 437 -35.65 -13.22 12.40
N ALA B 438 -35.69 -12.22 11.55
CA ALA B 438 -34.47 -11.68 10.91
C ALA B 438 -33.39 -11.25 11.91
N ASN B 439 -33.80 -10.51 12.94
CA ASN B 439 -32.90 -9.97 13.96
C ASN B 439 -32.56 -10.94 15.08
N ASN B 440 -32.95 -12.21 14.95
CA ASN B 440 -32.85 -13.14 16.10
C ASN B 440 -31.57 -13.94 16.26
N THR B 441 -30.58 -13.70 15.41
CA THR B 441 -29.28 -14.36 15.58
C THR B 441 -28.32 -13.48 16.37
N GLU B 442 -27.16 -14.02 16.71
CA GLU B 442 -26.10 -13.26 17.35
C GLU B 442 -25.21 -12.57 16.32
N TYR B 443 -25.60 -12.61 15.05
CA TYR B 443 -24.84 -11.99 13.97
C TYR B 443 -25.53 -10.74 13.42
N GLY B 444 -24.81 -9.97 12.60
CA GLY B 444 -25.38 -8.72 12.06
C GLY B 444 -24.73 -8.25 10.78
N LEU B 445 -24.46 -9.18 9.87
CA LEU B 445 -23.67 -8.87 8.68
C LEU B 445 -24.51 -8.38 7.50
N THR B 446 -25.20 -9.29 6.81
CA THR B 446 -26.06 -8.88 5.70
C THR B 446 -27.48 -9.42 5.84
N GLY B 447 -28.39 -8.79 5.10
CA GLY B 447 -29.71 -9.33 4.87
C GLY B 447 -30.32 -8.70 3.63
N ALA B 448 -31.42 -9.29 3.16
CA ALA B 448 -32.18 -8.69 2.06
C ALA B 448 -33.67 -8.71 2.35
N VAL B 449 -34.39 -7.70 1.84
CA VAL B 449 -35.85 -7.68 1.90
C VAL B 449 -36.41 -7.58 0.49
N ILE B 450 -37.22 -8.56 0.12
CA ILE B 450 -37.89 -8.58 -1.17
C ILE B 450 -39.33 -8.14 -0.96
N THR B 451 -39.67 -6.95 -1.46
CA THR B 451 -41.00 -6.37 -1.26
C THR B 451 -41.32 -5.25 -2.24
N ARG B 452 -42.62 -5.08 -2.51
CA ARG B 452 -43.11 -3.93 -3.28
C ARG B 452 -43.73 -2.84 -2.39
N ASN B 453 -43.67 -3.05 -1.07
CA ASN B 453 -44.20 -2.08 -0.08
C ASN B 453 -43.10 -1.10 0.36
N ARG B 454 -43.27 0.15 -0.03
CA ARG B 454 -42.36 1.24 0.28
C ARG B 454 -42.20 1.45 1.79
N ALA B 455 -43.30 1.39 2.53
CA ALA B 455 -43.28 1.58 3.98
C ALA B 455 -42.48 0.49 4.67
N HIS B 456 -42.58 -0.73 4.15
CA HIS B 456 -41.85 -1.87 4.69
C HIS B 456 -40.33 -1.78 4.43
N ILE B 457 -39.96 -1.14 3.32
CA ILE B 457 -38.56 -0.82 2.99
C ILE B 457 -37.96 0.17 4.01
N GLU B 458 -38.66 1.28 4.24
CA GLU B 458 -38.19 2.30 5.18
C GLU B 458 -38.16 1.78 6.62
N GLN B 459 -39.13 0.94 6.97
CA GLN B 459 -39.15 0.25 8.26
C GLN B 459 -37.98 -0.74 8.41
N ALA B 460 -37.55 -1.33 7.29
CA ALA B 460 -36.43 -2.26 7.28
C ALA B 460 -35.09 -1.51 7.44
N LYS B 461 -34.95 -0.40 6.74
CA LYS B 461 -33.78 0.49 6.89
C LYS B 461 -33.47 0.82 8.35
N ARG B 462 -34.52 0.87 9.17
CA ARG B 462 -34.41 1.18 10.59
C ARG B 462 -34.29 -0.05 11.49
N GLU B 463 -35.11 -1.08 11.23
CA GLU B 463 -35.29 -2.18 12.19
C GLU B 463 -34.63 -3.51 11.81
N PHE B 464 -34.18 -3.64 10.57
CA PHE B 464 -33.42 -4.80 10.16
C PHE B 464 -31.96 -4.48 10.49
N HIS B 465 -31.49 -5.02 11.61
CA HIS B 465 -30.19 -4.66 12.19
C HIS B 465 -29.04 -5.48 11.58
N VAL B 466 -28.69 -5.13 10.35
CA VAL B 466 -27.49 -5.68 9.68
C VAL B 466 -26.65 -4.53 9.15
N GLY B 467 -25.33 -4.74 9.05
CA GLY B 467 -24.47 -3.71 8.44
C GLY B 467 -24.68 -3.48 6.95
N ASN B 468 -25.02 -4.56 6.24
CA ASN B 468 -25.29 -4.49 4.79
C ASN B 468 -26.69 -4.95 4.41
N LEU B 469 -27.55 -3.98 4.10
CA LEU B 469 -28.96 -4.27 3.88
C LEU B 469 -29.36 -3.97 2.44
N TYR B 470 -30.02 -4.93 1.81
CA TYR B 470 -30.31 -4.88 0.39
C TYR B 470 -31.81 -5.04 0.14
N PHE B 471 -32.31 -4.40 -0.91
CA PHE B 471 -33.72 -4.46 -1.29
C PHE B 471 -33.93 -4.92 -2.72
N ASN B 472 -34.75 -5.97 -2.86
CA ASN B 472 -35.14 -6.51 -4.16
C ASN B 472 -33.98 -7.07 -5.00
N ARG B 473 -33.08 -7.77 -4.31
CA ARG B 473 -31.91 -8.42 -4.90
C ARG B 473 -31.29 -9.41 -3.90
N ASN B 474 -30.21 -10.07 -4.31
CA ASN B 474 -29.46 -10.96 -3.44
C ASN B 474 -28.71 -10.20 -2.33
N CYS B 475 -28.37 -10.90 -1.24
CA CYS B 475 -27.63 -10.31 -0.12
C CYS B 475 -26.12 -10.55 -0.19
N THR B 476 -25.64 -11.06 -1.32
CA THR B 476 -24.20 -11.26 -1.54
C THR B 476 -23.66 -10.22 -2.52
N GLY B 477 -22.35 -10.28 -2.76
CA GLY B 477 -21.74 -9.53 -3.87
C GLY B 477 -21.64 -8.03 -3.74
N ALA B 478 -21.24 -7.57 -2.54
CA ALA B 478 -20.95 -6.16 -2.33
C ALA B 478 -19.81 -5.70 -3.24
N ILE B 479 -19.89 -4.45 -3.69
CA ILE B 479 -18.88 -3.86 -4.54
C ILE B 479 -18.17 -2.70 -3.82
N VAL B 480 -16.85 -2.79 -3.78
CA VAL B 480 -15.97 -1.76 -3.23
C VAL B 480 -16.34 -0.34 -3.68
N GLY B 481 -16.62 0.54 -2.72
CA GLY B 481 -16.96 1.92 -3.05
C GLY B 481 -18.43 2.14 -3.33
N TYR B 482 -19.21 1.06 -3.34
CA TYR B 482 -20.65 1.11 -3.64
C TYR B 482 -21.44 0.52 -2.49
N HIS B 483 -20.95 -0.61 -1.96
CA HIS B 483 -21.59 -1.28 -0.82
C HIS B 483 -20.54 -1.59 0.25
N PRO B 484 -20.08 -0.55 0.99
CA PRO B 484 -19.07 -0.77 2.02
C PRO B 484 -19.47 -1.88 2.98
N PHE B 485 -18.52 -2.75 3.28
CA PHE B 485 -18.85 -4.05 3.85
C PHE B 485 -18.35 -4.26 5.28
N GLY B 486 -19.28 -4.65 6.15
CA GLY B 486 -19.01 -4.94 7.56
C GLY B 486 -20.31 -4.95 8.34
N GLY B 487 -20.30 -5.52 9.54
CA GLY B 487 -21.55 -5.69 10.28
C GLY B 487 -21.56 -5.60 11.79
N PHE B 488 -22.72 -5.90 12.37
CA PHE B 488 -22.96 -5.67 13.79
C PHE B 488 -22.80 -6.95 14.56
N LYS B 489 -22.87 -6.83 15.89
CA LYS B 489 -22.90 -7.97 16.79
C LYS B 489 -21.69 -8.88 16.63
N MET B 490 -21.87 -10.21 16.54
CA MET B 490 -20.73 -11.14 16.39
C MET B 490 -20.14 -11.20 14.98
N SER B 491 -20.59 -10.31 14.09
CA SER B 491 -19.99 -10.15 12.77
C SER B 491 -18.68 -9.36 12.85
N GLY B 492 -18.46 -8.69 13.99
CA GLY B 492 -17.18 -8.01 14.24
C GLY B 492 -17.26 -6.56 14.66
N THR B 493 -16.31 -5.77 14.16
CA THR B 493 -16.11 -4.38 14.59
C THR B 493 -16.79 -3.36 13.66
N ASP B 494 -17.51 -3.87 12.66
CA ASP B 494 -18.15 -3.02 11.63
C ASP B 494 -17.12 -2.05 11.02
N SER B 495 -15.97 -2.59 10.64
CA SER B 495 -14.95 -1.81 10.01
C SER B 495 -15.21 -1.93 8.51
N LYS B 496 -15.84 -0.90 7.97
CA LYS B 496 -16.49 -0.95 6.66
C LYS B 496 -15.51 -0.99 5.49
N ALA B 497 -15.01 -2.19 5.20
CA ALA B 497 -14.16 -2.46 4.02
C ALA B 497 -14.75 -1.92 2.72
N GLY B 498 -13.90 -1.32 1.88
CA GLY B 498 -14.36 -0.70 0.63
C GLY B 498 -15.23 0.52 0.86
N GLY B 499 -15.02 1.19 2.00
CA GLY B 499 -15.77 2.37 2.38
C GLY B 499 -14.89 3.52 2.85
N PRO B 500 -15.45 4.74 2.90
CA PRO B 500 -14.75 5.98 3.20
C PRO B 500 -14.08 6.08 4.61
N ASP B 501 -14.50 5.25 5.57
CA ASP B 501 -13.93 5.31 6.92
C ASP B 501 -12.77 4.34 7.14
N TYR B 502 -12.47 3.52 6.14
CA TYR B 502 -11.67 2.33 6.34
C TYR B 502 -10.19 2.60 6.62
N LEU B 503 -9.60 3.55 5.89
CA LEU B 503 -8.18 3.80 6.01
C LEU B 503 -7.79 4.51 7.30
N ALA B 504 -8.66 5.40 7.79
CA ALA B 504 -8.41 6.10 9.05
C ALA B 504 -8.32 5.19 10.26
N LEU B 505 -8.94 4.01 10.17
CA LEU B 505 -8.84 3.00 11.23
C LEU B 505 -7.44 2.39 11.31
N HIS B 506 -6.65 2.54 10.25
CA HIS B 506 -5.28 2.04 10.18
C HIS B 506 -4.23 3.09 10.51
N MET B 507 -4.70 4.29 10.90
CA MET B 507 -3.83 5.40 11.19
C MET B 507 -4.17 6.05 12.54
N GLN B 508 -3.19 6.73 13.12
CA GLN B 508 -3.51 7.53 14.29
C GLN B 508 -3.43 9.03 13.99
N ALA B 509 -4.51 9.72 14.34
CA ALA B 509 -4.61 11.16 14.12
C ALA B 509 -3.62 11.94 15.00
N LYS B 510 -3.08 13.01 14.45
CA LYS B 510 -2.12 13.85 15.13
C LYS B 510 -2.56 15.28 14.99
N THR B 511 -2.48 16.00 16.10
CA THR B 511 -2.80 17.40 16.12
C THR B 511 -1.50 18.18 16.28
N VAL B 512 -1.31 19.18 15.41
CA VAL B 512 -0.11 20.01 15.41
C VAL B 512 -0.55 21.46 15.39
N SER B 513 0.06 22.26 16.25
CA SER B 513 -0.38 23.63 16.48
C SER B 513 0.80 24.59 16.63
N GLU B 514 0.90 25.58 15.75
CA GLU B 514 1.95 26.57 15.86
CA GLU B 514 1.95 26.58 15.81
C GLU B 514 1.38 27.92 16.27
N MET B 515 1.85 28.41 17.41
CA MET B 515 1.47 29.73 17.90
C MET B 515 2.45 30.77 17.37
N TYR B 516 1.92 31.84 16.77
CA TYR B 516 2.79 32.85 16.16
C TYR B 516 3.20 34.03 17.03
N ALA B 517 2.24 34.65 17.72
CA ALA B 517 2.50 35.87 18.49
C ALA B 517 2.05 35.76 19.96
N LEU C 3 44.10 14.51 -29.81
CA LEU C 3 43.53 13.29 -29.15
C LEU C 3 44.53 12.14 -29.23
N GLN C 4 44.60 11.34 -28.17
CA GLN C 4 45.42 10.12 -28.20
C GLN C 4 44.78 9.16 -29.20
N PRO C 5 45.61 8.34 -29.88
CA PRO C 5 45.14 7.26 -30.75
C PRO C 5 43.99 6.44 -30.16
N TYR C 6 43.04 6.09 -31.03
CA TYR C 6 41.91 5.28 -30.63
C TYR C 6 42.41 3.92 -30.17
N LYS C 7 41.93 3.50 -29.01
CA LYS C 7 41.98 2.11 -28.61
C LYS C 7 40.63 1.81 -27.99
N HIS C 8 40.22 0.55 -28.03
CA HIS C 8 38.91 0.15 -27.49
C HIS C 8 38.79 0.21 -25.97
N GLU C 9 37.61 0.62 -25.51
CA GLU C 9 37.26 0.64 -24.09
C GLU C 9 37.36 -0.78 -23.53
N PRO C 10 38.20 -0.99 -22.49
CA PRO C 10 38.43 -2.35 -21.99
C PRO C 10 37.20 -2.94 -21.31
N PHE C 11 36.97 -4.24 -21.48
CA PHE C 11 35.87 -4.94 -20.82
C PHE C 11 36.14 -5.05 -19.32
N THR C 12 35.07 -5.16 -18.54
CA THR C 12 35.23 -5.14 -17.09
C THR C 12 35.49 -6.54 -16.58
N ASP C 13 36.55 -6.67 -15.79
CA ASP C 13 36.88 -7.90 -15.11
C ASP C 13 36.03 -8.03 -13.85
N PHE C 14 34.99 -8.85 -13.91
CA PHE C 14 34.14 -9.12 -12.74
C PHE C 14 34.68 -10.25 -11.82
N THR C 15 35.95 -10.60 -11.97
CA THR C 15 36.62 -11.44 -10.95
C THR C 15 37.18 -10.53 -9.88
N VAL C 16 37.42 -9.27 -10.26
CA VAL C 16 37.87 -8.24 -9.35
C VAL C 16 36.70 -7.81 -8.46
N GLU C 17 36.90 -7.92 -7.14
CA GLU C 17 35.86 -7.68 -6.15
C GLU C 17 35.24 -6.28 -6.18
N ALA C 18 36.07 -5.26 -6.41
CA ALA C 18 35.62 -3.88 -6.47
C ALA C 18 34.71 -3.60 -7.69
N ASN C 19 34.85 -4.39 -8.74
CA ASN C 19 34.04 -4.25 -9.94
C ASN C 19 32.65 -4.83 -9.78
N ARG C 20 32.57 -6.04 -9.20
CA ARG C 20 31.29 -6.66 -8.83
C ARG C 20 30.50 -5.78 -7.89
N LYS C 21 31.23 -5.14 -6.95
CA LYS C 21 30.64 -4.24 -5.98
C LYS C 21 30.07 -3.00 -6.66
N ALA C 22 30.86 -2.38 -7.54
CA ALA C 22 30.44 -1.19 -8.28
C ALA C 22 29.28 -1.49 -9.24
N PHE C 23 29.28 -2.70 -9.82
CA PHE C 23 28.18 -3.11 -10.70
C PHE C 23 26.90 -3.37 -9.91
N GLU C 24 27.03 -3.96 -8.72
CA GLU C 24 25.85 -4.26 -7.91
C GLU C 24 25.15 -3.04 -7.31
N GLU C 25 25.93 -1.99 -7.04
CA GLU C 25 25.37 -0.70 -6.64
C GLU C 25 24.69 -0.02 -7.81
N ALA C 26 25.24 -0.23 -9.00
CA ALA C 26 24.69 0.37 -10.20
C ALA C 26 23.33 -0.25 -10.54
N LEU C 27 23.23 -1.57 -10.37
CA LEU C 27 21.96 -2.30 -10.49
C LEU C 27 20.87 -1.81 -9.53
N GLY C 28 21.27 -1.51 -8.29
CA GLY C 28 20.33 -1.02 -7.27
C GLY C 28 19.83 0.39 -7.53
N LEU C 29 20.69 1.24 -8.09
CA LEU C 29 20.33 2.62 -8.43
C LEU C 29 19.31 2.66 -9.56
N VAL C 30 19.51 1.80 -10.55
CA VAL C 30 18.58 1.64 -11.66
C VAL C 30 17.27 1.03 -11.16
N GLU C 31 17.36 0.03 -10.28
CA GLU C 31 16.15 -0.57 -9.67
C GLU C 31 15.28 0.46 -8.93
N LYS C 32 15.91 1.48 -8.34
CA LYS C 32 15.17 2.56 -7.71
C LYS C 32 14.83 3.70 -8.69
N GLU C 33 15.12 3.52 -9.97
CA GLU C 33 14.69 4.47 -11.01
C GLU C 33 13.63 3.86 -11.95
N LEU C 34 13.27 2.61 -11.73
CA LEU C 34 12.28 1.92 -12.58
C LEU C 34 10.86 2.49 -12.48
N GLY C 35 10.15 2.49 -13.60
CA GLY C 35 8.74 2.90 -13.63
C GLY C 35 8.52 4.38 -13.89
N LYS C 36 9.56 5.07 -14.33
CA LYS C 36 9.43 6.50 -14.63
C LYS C 36 8.83 6.76 -16.00
N GLU C 37 8.46 8.02 -16.27
CA GLU C 37 7.92 8.40 -17.57
C GLU C 37 8.93 9.24 -18.36
N TYR C 38 8.99 8.98 -19.66
CA TYR C 38 9.97 9.63 -20.53
C TYR C 38 9.28 10.28 -21.72
N PRO C 39 9.50 11.59 -21.91
CA PRO C 39 8.79 12.26 -23.01
C PRO C 39 9.54 12.11 -24.34
N LEU C 40 8.85 12.43 -25.42
CA LEU C 40 9.50 12.66 -26.71
C LEU C 40 10.33 13.93 -26.58
N ILE C 41 11.45 13.98 -27.30
CA ILE C 41 12.29 15.19 -27.36
C ILE C 41 12.22 15.66 -28.79
N ILE C 42 11.55 16.77 -29.02
CA ILE C 42 11.47 17.38 -30.36
C ILE C 42 11.85 18.85 -30.29
N ASN C 43 12.92 19.20 -30.99
CA ASN C 43 13.56 20.52 -30.90
C ASN C 43 13.90 20.92 -29.46
N GLY C 44 14.43 19.97 -28.68
CA GLY C 44 14.71 20.16 -27.26
C GLY C 44 13.49 20.22 -26.35
N GLU C 45 12.30 20.24 -26.93
CA GLU C 45 11.04 20.34 -26.18
C GLU C 45 10.56 18.96 -25.69
N ARG C 46 10.13 18.90 -24.43
CA ARG C 46 9.67 17.65 -23.82
C ARG C 46 8.19 17.47 -24.09
N VAL C 47 7.85 16.52 -24.97
CA VAL C 47 6.45 16.32 -25.36
C VAL C 47 5.90 15.04 -24.75
N THR C 48 4.94 15.20 -23.83
CA THR C 48 4.28 14.05 -23.23
C THR C 48 2.97 13.79 -23.99
N THR C 49 2.78 12.55 -24.44
CA THR C 49 1.51 12.14 -25.07
C THR C 49 0.63 11.36 -24.09
N GLU C 50 -0.62 11.15 -24.49
CA GLU C 50 -1.57 10.35 -23.72
C GLU C 50 -1.25 8.86 -23.90
N ASP C 51 -1.06 8.46 -25.15
CA ASP C 51 -0.63 7.11 -25.51
C ASP C 51 0.78 6.85 -25.02
N LYS C 52 1.03 5.67 -24.45
CA LYS C 52 2.36 5.32 -23.96
C LYS C 52 2.85 4.04 -24.59
N ILE C 53 4.16 3.90 -24.65
CA ILE C 53 4.78 2.62 -24.92
C ILE C 53 5.42 2.16 -23.62
N GLN C 54 5.07 0.96 -23.17
CA GLN C 54 5.61 0.44 -21.93
C GLN C 54 6.74 -0.56 -22.18
N SER C 55 7.85 -0.33 -21.50
CA SER C 55 9.01 -1.21 -21.57
C SER C 55 9.05 -2.12 -20.35
N TRP C 56 8.94 -3.41 -20.59
CA TRP C 56 8.82 -4.43 -19.53
C TRP C 56 10.13 -5.22 -19.38
N ASN C 57 10.51 -5.53 -18.13
CA ASN C 57 11.65 -6.43 -17.84
C ASN C 57 11.42 -7.83 -18.44
N PRO C 58 12.30 -8.26 -19.36
CA PRO C 58 12.08 -9.59 -19.94
C PRO C 58 12.32 -10.79 -18.99
N ALA C 59 13.05 -10.59 -17.90
CA ALA C 59 13.23 -11.62 -16.86
C ALA C 59 12.09 -11.66 -15.84
N ARG C 60 11.36 -10.56 -15.74
CA ARG C 60 10.28 -10.37 -14.77
C ARG C 60 9.21 -9.60 -15.50
N LYS C 61 8.38 -10.33 -16.25
CA LYS C 61 7.52 -9.74 -17.28
C LYS C 61 6.48 -8.71 -16.80
N ASP C 62 6.19 -8.72 -15.49
CA ASP C 62 5.25 -7.77 -14.89
C ASP C 62 5.87 -6.48 -14.39
N GLN C 63 7.21 -6.42 -14.37
CA GLN C 63 7.91 -5.23 -13.87
C GLN C 63 8.15 -4.21 -14.97
N LEU C 64 7.68 -3.00 -14.72
CA LEU C 64 7.81 -1.91 -15.64
C LEU C 64 9.21 -1.32 -15.52
N VAL C 65 9.98 -1.34 -16.61
CA VAL C 65 11.29 -0.65 -16.64
C VAL C 65 11.04 0.84 -16.86
N GLY C 66 10.08 1.13 -17.74
CA GLY C 66 9.69 2.52 -17.95
C GLY C 66 8.56 2.64 -18.95
N SER C 67 8.02 3.85 -19.06
CA SER C 67 7.01 4.10 -20.07
C SER C 67 7.37 5.38 -20.81
N VAL C 68 7.37 5.31 -22.13
CA VAL C 68 7.75 6.45 -22.95
C VAL C 68 6.55 6.97 -23.72
N SER C 69 6.59 8.25 -24.04
CA SER C 69 5.57 8.84 -24.90
C SER C 69 5.66 8.28 -26.32
N LYS C 70 4.59 8.47 -27.08
CA LYS C 70 4.40 7.78 -28.33
C LYS C 70 4.04 8.79 -29.39
N ALA C 71 4.93 8.99 -30.34
CA ALA C 71 4.66 9.94 -31.42
C ALA C 71 3.59 9.44 -32.36
N ASN C 72 2.89 10.38 -32.98
CA ASN C 72 2.01 10.07 -34.10
C ASN C 72 2.63 10.69 -35.34
N GLN C 73 1.91 10.66 -36.47
CA GLN C 73 2.37 11.30 -37.70
C GLN C 73 2.58 12.80 -37.57
N ASP C 74 1.72 13.48 -36.80
CA ASP C 74 1.87 14.91 -36.53
C ASP C 74 3.18 15.20 -35.80
N LEU C 75 3.50 14.40 -34.78
CA LEU C 75 4.75 14.59 -34.06
C LEU C 75 5.97 14.12 -34.86
N ALA C 76 5.78 13.14 -35.74
CA ALA C 76 6.83 12.67 -36.66
C ALA C 76 7.20 13.80 -37.61
N GLU C 77 6.18 14.49 -38.13
CA GLU C 77 6.36 15.64 -38.97
C GLU C 77 7.15 16.75 -38.26
N LYS C 78 6.74 17.09 -37.04
CA LYS C 78 7.43 18.11 -36.27
C LYS C 78 8.92 17.81 -36.03
N ALA C 79 9.25 16.53 -35.81
CA ALA C 79 10.65 16.11 -35.62
C ALA C 79 11.46 16.34 -36.88
N ILE C 80 10.92 15.95 -38.03
CA ILE C 80 11.54 16.17 -39.33
C ILE C 80 11.86 17.66 -39.52
N GLN C 81 10.85 18.50 -39.30
CA GLN C 81 10.97 19.94 -39.47
C GLN C 81 11.99 20.53 -38.52
N SER C 82 12.04 20.00 -37.30
CA SER C 82 13.05 20.38 -36.31
CA SER C 82 13.05 20.40 -36.32
C SER C 82 14.46 20.03 -36.77
N ALA C 83 14.64 18.79 -37.23
CA ALA C 83 15.94 18.34 -37.75
C ALA C 83 16.43 19.18 -38.93
N ASP C 84 15.50 19.53 -39.82
CA ASP C 84 15.76 20.31 -41.01
C ASP C 84 16.18 21.74 -40.67
N GLU C 85 15.45 22.33 -39.73
CA GLU C 85 15.76 23.64 -39.16
C GLU C 85 17.15 23.66 -38.52
N ALA C 86 17.47 22.67 -37.69
CA ALA C 86 18.75 22.65 -37.01
C ALA C 86 19.91 22.32 -37.94
N PHE C 87 19.64 21.54 -39.01
CA PHE C 87 20.64 21.21 -40.04
C PHE C 87 21.25 22.48 -40.61
N GLN C 88 20.40 23.47 -40.87
CA GLN C 88 20.82 24.76 -41.45
C GLN C 88 22.03 25.42 -40.74
N THR C 89 22.12 25.27 -39.42
CA THR C 89 23.27 25.79 -38.67
C THR C 89 24.28 24.69 -38.35
N TRP C 90 23.77 23.52 -37.99
CA TRP C 90 24.60 22.38 -37.59
C TRP C 90 25.58 21.96 -38.68
N ARG C 91 25.18 22.08 -39.94
CA ARG C 91 26.07 21.73 -41.06
C ARG C 91 27.33 22.61 -41.14
N ASN C 92 27.27 23.79 -40.53
CA ASN C 92 28.39 24.72 -40.59
C ASN C 92 29.23 24.73 -39.32
N VAL C 93 28.87 23.92 -38.33
CA VAL C 93 29.68 23.84 -37.11
C VAL C 93 30.97 23.11 -37.43
N ASN C 94 32.10 23.72 -37.03
CA ASN C 94 33.41 23.11 -37.19
C ASN C 94 33.33 21.63 -36.82
N PRO C 95 33.78 20.74 -37.73
CA PRO C 95 33.75 19.29 -37.52
C PRO C 95 34.52 18.82 -36.30
N GLU C 96 35.53 19.57 -35.88
CA GLU C 96 36.25 19.28 -34.65
C GLU C 96 35.42 19.63 -33.39
N GLU C 97 34.59 20.67 -33.48
CA GLU C 97 33.60 20.94 -32.43
C GLU C 97 32.55 19.83 -32.33
N ARG C 98 32.14 19.29 -33.47
CA ARG C 98 31.17 18.17 -33.53
C ARG C 98 31.80 16.91 -32.93
N ALA C 99 33.06 16.65 -33.32
CA ALA C 99 33.84 15.52 -32.77
C ALA C 99 34.01 15.57 -31.25
N ASN C 100 34.24 16.78 -30.70
CA ASN C 100 34.40 16.94 -29.26
C ASN C 100 33.13 16.70 -28.45
N ILE C 101 31.98 17.00 -29.04
CA ILE C 101 30.69 16.64 -28.45
C ILE C 101 30.56 15.11 -28.25
N LEU C 102 31.03 14.33 -29.23
CA LEU C 102 31.08 12.87 -29.10
C LEU C 102 32.04 12.39 -28.01
N VAL C 103 33.22 13.00 -27.95
CA VAL C 103 34.23 12.70 -26.93
C VAL C 103 33.68 12.98 -25.52
N LYS C 104 33.02 14.13 -25.36
CA LYS C 104 32.36 14.48 -24.09
C LYS C 104 31.25 13.51 -23.71
N ALA C 105 30.44 13.10 -24.69
CA ALA C 105 29.41 12.07 -24.45
C ALA C 105 30.04 10.73 -24.07
N ALA C 106 31.17 10.39 -24.70
CA ALA C 106 31.92 9.18 -24.35
C ALA C 106 32.44 9.21 -22.90
N ALA C 107 32.82 10.39 -22.44
CA ALA C 107 33.33 10.60 -21.08
C ALA C 107 32.24 10.46 -20.03
N ILE C 108 31.04 10.91 -20.35
CA ILE C 108 29.88 10.80 -19.47
C ILE C 108 29.44 9.34 -19.29
N ILE C 109 29.33 8.61 -20.41
CA ILE C 109 28.97 7.19 -20.36
C ILE C 109 30.09 6.36 -19.71
N ARG C 110 31.35 6.76 -19.91
CA ARG C 110 32.48 6.11 -19.20
C ARG C 110 32.34 6.24 -17.68
N ARG C 111 32.03 7.45 -17.22
CA ARG C 111 31.77 7.70 -15.80
C ARG C 111 30.56 6.91 -15.32
N ARG C 112 29.52 6.84 -16.15
CA ARG C 112 28.27 6.20 -15.78
C ARG C 112 28.10 4.80 -16.38
N LYS C 113 29.23 4.14 -16.63
CA LYS C 113 29.28 2.86 -17.38
C LYS C 113 28.41 1.75 -16.81
N HIS C 114 28.56 1.51 -15.51
CA HIS C 114 27.85 0.42 -14.86
C HIS C 114 26.36 0.68 -14.76
N GLU C 115 25.99 1.96 -14.67
CA GLU C 115 24.59 2.39 -14.70
C GLU C 115 23.94 2.05 -16.05
N PHE C 116 24.60 2.45 -17.14
CA PHE C 116 24.13 2.12 -18.50
C PHE C 116 24.02 0.60 -18.75
N SER C 117 25.02 -0.13 -18.28
CA SER C 117 24.98 -1.60 -18.31
C SER C 117 23.82 -2.17 -17.51
N ALA C 118 23.59 -1.62 -16.33
CA ALA C 118 22.44 -2.00 -15.50
C ALA C 118 21.09 -1.66 -16.15
N TRP C 119 21.03 -0.56 -16.90
CA TRP C 119 19.84 -0.27 -17.73
C TRP C 119 19.61 -1.35 -18.78
N LEU C 120 20.68 -1.90 -19.34
CA LEU C 120 20.59 -2.98 -20.34
C LEU C 120 20.24 -4.32 -19.72
N VAL C 121 20.72 -4.55 -18.51
CA VAL C 121 20.35 -5.74 -17.73
C VAL C 121 18.85 -5.77 -17.49
N HIS C 122 18.30 -4.66 -17.01
CA HIS C 122 16.87 -4.57 -16.72
C HIS C 122 16.00 -4.50 -17.96
N GLU C 123 16.46 -3.78 -18.99
CA GLU C 123 15.60 -3.52 -20.14
C GLU C 123 15.67 -4.54 -21.26
N ALA C 124 16.87 -5.05 -21.51
CA ALA C 124 17.09 -5.95 -22.63
C ALA C 124 17.31 -7.38 -22.13
N GLY C 125 17.43 -7.54 -20.81
CA GLY C 125 17.70 -8.85 -20.23
C GLY C 125 19.14 -9.32 -20.38
N LYS C 126 20.05 -8.38 -20.64
CA LYS C 126 21.45 -8.70 -20.93
C LYS C 126 22.19 -9.17 -19.68
N PRO C 127 22.89 -10.31 -19.77
CA PRO C 127 23.77 -10.76 -18.70
C PRO C 127 24.92 -9.75 -18.52
N TRP C 128 25.56 -9.78 -17.35
CA TRP C 128 26.57 -8.78 -16.97
C TRP C 128 27.61 -8.60 -18.07
N LYS C 129 28.18 -9.72 -18.52
CA LYS C 129 29.20 -9.72 -19.56
C LYS C 129 28.70 -9.02 -20.84
N GLU C 130 27.49 -9.36 -21.30
CA GLU C 130 26.89 -8.75 -22.52
C GLU C 130 26.55 -7.28 -22.36
N ALA C 131 26.05 -6.92 -21.18
CA ALA C 131 25.69 -5.55 -20.88
C ALA C 131 26.91 -4.65 -20.91
N ASP C 132 27.97 -5.09 -20.23
CA ASP C 132 29.23 -4.36 -20.16
C ASP C 132 29.88 -4.20 -21.53
N ALA C 133 29.80 -5.25 -22.34
CA ALA C 133 30.39 -5.27 -23.68
C ALA C 133 29.65 -4.33 -24.63
N ASP C 134 28.33 -4.23 -24.46
CA ASP C 134 27.48 -3.30 -25.20
C ASP C 134 27.83 -1.85 -24.83
N THR C 135 27.90 -1.54 -23.53
CA THR C 135 28.34 -0.22 -23.07
C THR C 135 29.75 0.14 -23.58
N ALA C 136 30.67 -0.82 -23.53
CA ALA C 136 32.03 -0.63 -24.06
C ALA C 136 32.01 -0.25 -25.55
N GLU C 137 31.14 -0.90 -26.32
CA GLU C 137 31.02 -0.66 -27.74
C GLU C 137 30.44 0.73 -28.01
N ALA C 138 29.47 1.13 -27.19
CA ALA C 138 28.88 2.46 -27.30
C ALA C 138 29.94 3.55 -27.13
N ILE C 139 30.77 3.43 -26.10
CA ILE C 139 31.91 4.36 -25.91
C ILE C 139 32.91 4.35 -27.08
N ASP C 140 33.18 3.15 -27.62
CA ASP C 140 34.07 2.98 -28.79
C ASP C 140 33.54 3.70 -30.01
N PHE C 141 32.25 3.50 -30.31
CA PHE C 141 31.60 4.22 -31.42
C PHE C 141 31.82 5.73 -31.35
N LEU C 142 31.53 6.32 -30.19
CA LEU C 142 31.76 7.75 -29.94
C LEU C 142 33.22 8.19 -30.12
N GLU C 143 34.16 7.45 -29.53
CA GLU C 143 35.58 7.80 -29.61
C GLU C 143 36.10 7.59 -31.03
N TYR C 144 35.65 6.52 -31.70
CA TYR C 144 36.16 6.17 -33.02
C TYR C 144 35.65 7.11 -34.10
N TYR C 145 34.33 7.34 -34.15
CA TYR C 145 33.76 8.27 -35.13
C TYR C 145 34.20 9.71 -34.95
N ALA C 146 34.40 10.16 -33.70
CA ALA C 146 35.00 11.47 -33.46
C ALA C 146 36.35 11.62 -34.17
N ARG C 147 37.22 10.62 -34.01
CA ARG C 147 38.55 10.65 -34.62
C ARG C 147 38.50 10.46 -36.13
N GLN C 148 37.61 9.59 -36.60
CA GLN C 148 37.44 9.44 -38.04
C GLN C 148 36.95 10.75 -38.71
N MET C 149 36.10 11.53 -38.05
CA MET C 149 35.58 12.78 -38.63
C MET C 149 36.65 13.88 -38.72
N ILE C 150 37.47 13.97 -37.67
CA ILE C 150 38.68 14.82 -37.68
C ILE C 150 39.61 14.51 -38.88
N GLU C 151 39.81 13.22 -39.16
CA GLU C 151 40.58 12.84 -40.35
C GLU C 151 39.89 13.14 -41.69
N LEU C 152 38.59 12.83 -41.79
CA LEU C 152 37.81 12.99 -43.01
C LEU C 152 37.68 14.45 -43.44
N ASN C 153 37.62 15.34 -42.44
CA ASN C 153 37.58 16.79 -42.63
C ASN C 153 38.76 17.33 -43.43
N ARG C 154 39.88 16.61 -43.42
CA ARG C 154 41.06 16.95 -44.22
C ARG C 154 40.85 16.70 -45.71
N GLY C 155 39.80 15.95 -46.05
CA GLY C 155 39.55 15.54 -47.44
C GLY C 155 40.56 14.54 -47.96
N LYS C 156 40.67 14.42 -49.28
CA LYS C 156 41.61 13.48 -49.86
C LYS C 156 42.42 14.15 -50.96
N GLU C 157 43.69 13.80 -51.05
CA GLU C 157 44.56 14.49 -51.99
C GLU C 157 44.30 14.04 -53.43
N ILE C 158 44.09 15.02 -54.28
CA ILE C 158 43.90 14.78 -55.71
C ILE C 158 44.94 15.59 -56.46
N LEU C 159 44.94 15.47 -57.78
CA LEU C 159 45.97 16.11 -58.59
C LEU C 159 45.55 17.48 -59.05
N SER C 160 46.56 18.36 -59.15
CA SER C 160 46.42 19.71 -59.64
C SER C 160 47.46 19.96 -60.73
N ARG C 161 46.99 20.42 -61.90
CA ARG C 161 47.88 20.93 -62.93
C ARG C 161 48.57 22.23 -62.49
N PRO C 162 49.74 22.55 -63.08
CA PRO C 162 50.32 23.89 -62.92
C PRO C 162 49.30 24.98 -63.22
N GLY C 163 49.20 25.96 -62.31
CA GLY C 163 48.25 27.07 -62.45
C GLY C 163 46.84 26.75 -61.99
N GLU C 164 46.67 25.67 -61.24
CA GLU C 164 45.39 25.40 -60.55
C GLU C 164 45.57 24.70 -59.21
N GLN C 165 44.55 24.79 -58.36
CA GLN C 165 44.53 24.02 -57.12
C GLN C 165 43.19 23.30 -56.98
N ASN C 166 43.26 21.98 -56.85
CA ASN C 166 42.05 21.15 -56.81
C ASN C 166 41.93 20.51 -55.43
N ARG C 167 40.72 20.51 -54.88
CA ARG C 167 40.48 19.97 -53.54
C ARG C 167 39.29 19.03 -53.54
N TYR C 168 39.40 17.94 -52.79
CA TYR C 168 38.34 16.93 -52.67
C TYR C 168 38.02 16.77 -51.19
N PHE C 169 36.79 17.08 -50.81
CA PHE C 169 36.43 16.97 -49.41
C PHE C 169 34.99 16.50 -49.26
N TYR C 170 34.44 16.59 -48.05
CA TYR C 170 33.13 16.02 -47.76
C TYR C 170 32.20 17.04 -47.10
N THR C 171 30.92 17.03 -47.49
CA THR C 171 29.91 17.98 -47.02
C THR C 171 28.75 17.24 -46.34
N PRO C 172 28.13 17.86 -45.31
CA PRO C 172 26.94 17.25 -44.70
C PRO C 172 25.78 17.14 -45.69
N MET C 173 24.90 16.17 -45.47
CA MET C 173 23.82 15.88 -46.40
C MET C 173 22.45 16.44 -46.00
N GLY C 174 22.02 16.19 -44.78
CA GLY C 174 20.68 16.61 -44.37
C GLY C 174 20.14 15.81 -43.20
N VAL C 175 18.82 15.61 -43.22
CA VAL C 175 18.11 14.94 -42.14
C VAL C 175 18.27 13.44 -42.29
N THR C 176 18.72 12.81 -41.20
CA THR C 176 18.86 11.37 -41.13
C THR C 176 17.75 10.79 -40.27
N VAL C 177 17.10 9.76 -40.77
CA VAL C 177 16.22 8.93 -39.95
C VAL C 177 17.00 7.71 -39.46
N THR C 178 17.07 7.54 -38.14
CA THR C 178 17.80 6.42 -37.55
C THR C 178 16.79 5.50 -36.93
N ILE C 179 16.76 4.27 -37.41
CA ILE C 179 15.87 3.23 -36.92
C ILE C 179 16.76 2.14 -36.33
N SER C 180 16.85 2.16 -35.00
CA SER C 180 17.81 1.35 -34.28
C SER C 180 17.16 0.09 -33.70
N PRO C 181 17.95 -0.96 -33.41
CA PRO C 181 17.38 -2.22 -32.97
C PRO C 181 17.30 -2.35 -31.43
N TRP C 182 16.72 -3.44 -30.99
CA TRP C 182 16.58 -3.70 -29.56
C TRP C 182 17.73 -4.52 -28.96
N ASN C 183 18.43 -5.30 -29.79
CA ASN C 183 19.40 -6.27 -29.25
C ASN C 183 20.73 -5.65 -28.82
N PHE C 184 21.09 -4.54 -29.45
CA PHE C 184 22.16 -3.70 -28.96
C PHE C 184 21.56 -2.33 -28.75
N ALA C 185 20.59 -2.32 -27.82
CA ALA C 185 19.74 -1.17 -27.52
C ALA C 185 20.51 0.10 -27.19
N LEU C 186 21.74 -0.07 -26.71
CA LEU C 186 22.60 1.07 -26.51
C LEU C 186 23.60 1.26 -27.67
N ALA C 187 24.53 0.31 -27.85
CA ALA C 187 25.65 0.49 -28.79
C ALA C 187 25.29 0.79 -30.24
N ILE C 188 24.45 -0.04 -30.86
CA ILE C 188 24.14 0.17 -32.29
C ILE C 188 23.30 1.46 -32.44
N MET C 189 22.43 1.71 -31.46
CA MET C 189 21.65 2.94 -31.43
C MET C 189 22.55 4.16 -31.34
N VAL C 190 23.57 4.09 -30.50
CA VAL C 190 24.57 5.15 -30.38
C VAL C 190 25.30 5.38 -31.70
N GLY C 191 25.86 4.31 -32.26
CA GLY C 191 26.68 4.43 -33.48
C GLY C 191 25.96 4.95 -34.71
N THR C 192 24.74 4.47 -34.94
CA THR C 192 23.93 4.88 -36.10
C THR C 192 23.19 6.18 -35.88
N ALA C 193 23.23 6.70 -34.65
CA ALA C 193 22.80 8.06 -34.41
C ALA C 193 23.97 9.03 -34.49
N VAL C 194 25.10 8.69 -33.86
CA VAL C 194 26.22 9.66 -33.82
C VAL C 194 27.07 9.76 -35.09
N ALA C 195 27.08 8.70 -35.93
CA ALA C 195 27.76 8.83 -37.23
C ALA C 195 27.15 9.92 -38.10
N PRO C 196 25.80 9.90 -38.33
CA PRO C 196 25.27 11.08 -39.01
C PRO C 196 25.52 12.39 -38.28
N ILE C 197 25.42 12.39 -36.95
CA ILE C 197 25.57 13.63 -36.19
C ILE C 197 26.95 14.28 -36.35
N VAL C 198 28.01 13.49 -36.16
CA VAL C 198 29.39 13.99 -36.27
C VAL C 198 29.74 14.47 -37.69
N THR C 199 29.07 13.89 -38.70
CA THR C 199 29.29 14.25 -40.11
C THR C 199 28.42 15.44 -40.56
N GLY C 200 27.80 16.10 -39.59
CA GLY C 200 27.13 17.38 -39.80
C GLY C 200 25.67 17.24 -40.21
N ASN C 201 25.17 16.00 -40.21
CA ASN C 201 23.74 15.71 -40.40
C ASN C 201 22.98 15.80 -39.08
N THR C 202 21.65 15.90 -39.15
CA THR C 202 20.78 15.85 -37.97
C THR C 202 19.91 14.58 -38.00
N VAL C 203 19.43 14.17 -36.83
CA VAL C 203 18.83 12.83 -36.63
C VAL C 203 17.44 12.85 -36.00
N VAL C 204 16.50 12.23 -36.70
CA VAL C 204 15.24 11.82 -36.12
C VAL C 204 15.39 10.34 -35.74
N LEU C 205 15.42 10.09 -34.44
CA LEU C 205 15.65 8.74 -33.91
C LEU C 205 14.35 8.03 -33.51
N LYS C 206 14.09 6.90 -34.17
CA LYS C 206 13.02 5.99 -33.74
C LYS C 206 13.68 4.77 -33.13
N PRO C 207 13.78 4.75 -31.79
CA PRO C 207 14.39 3.60 -31.17
C PRO C 207 13.42 2.43 -31.19
N ALA C 208 13.92 1.25 -30.84
CA ALA C 208 13.09 0.07 -30.78
C ALA C 208 12.09 0.20 -29.63
N SER C 209 10.85 -0.14 -29.92
CA SER C 209 9.74 -0.05 -28.97
C SER C 209 9.86 -0.98 -27.76
N THR C 210 10.61 -2.07 -27.91
CA THR C 210 10.87 -2.95 -26.79
C THR C 210 12.04 -2.46 -25.93
N THR C 211 12.83 -1.50 -26.43
CA THR C 211 13.92 -0.87 -25.64
C THR C 211 14.03 0.66 -25.76
N PRO C 212 12.95 1.40 -25.44
CA PRO C 212 13.11 2.84 -25.68
C PRO C 212 13.73 3.63 -24.51
N VAL C 213 13.76 3.06 -23.31
CA VAL C 213 14.22 3.77 -22.11
C VAL C 213 15.71 4.08 -22.15
N VAL C 214 16.52 3.06 -22.45
CA VAL C 214 17.97 3.28 -22.54
C VAL C 214 18.35 4.30 -23.64
N ALA C 215 17.56 4.36 -24.72
CA ALA C 215 17.73 5.42 -25.73
C ALA C 215 17.36 6.81 -25.22
N ALA C 216 16.33 6.90 -24.37
CA ALA C 216 16.03 8.15 -23.67
C ALA C 216 17.21 8.60 -22.78
N LYS C 217 17.84 7.65 -22.09
CA LYS C 217 19.00 7.98 -21.27
C LYS C 217 20.19 8.49 -22.09
N PHE C 218 20.40 7.94 -23.28
CA PHE C 218 21.46 8.40 -24.17
C PHE C 218 21.23 9.79 -24.77
N VAL C 219 19.99 10.08 -25.15
CA VAL C 219 19.64 11.41 -25.68
C VAL C 219 19.91 12.52 -24.64
N GLU C 220 19.66 12.22 -23.36
CA GLU C 220 19.99 13.12 -22.24
C GLU C 220 21.49 13.38 -22.14
N VAL C 221 22.27 12.31 -22.26
CA VAL C 221 23.73 12.40 -22.37
C VAL C 221 24.24 13.34 -23.47
N LEU C 222 23.63 13.26 -24.67
CA LEU C 222 24.01 14.13 -25.76
C LEU C 222 23.70 15.59 -25.45
N GLU C 223 22.54 15.82 -24.85
CA GLU C 223 22.16 17.16 -24.37
C GLU C 223 23.18 17.68 -23.34
N ASP C 224 23.55 16.80 -22.40
CA ASP C 224 24.55 17.11 -21.38
C ASP C 224 25.93 17.42 -21.97
N ALA C 225 26.24 16.80 -23.11
CA ALA C 225 27.54 16.98 -23.77
C ALA C 225 27.58 18.23 -24.66
N GLY C 226 26.46 18.95 -24.73
CA GLY C 226 26.40 20.23 -25.42
C GLY C 226 25.79 20.21 -26.82
N LEU C 227 25.15 19.11 -27.18
CA LEU C 227 24.54 19.00 -28.49
C LEU C 227 23.38 19.97 -28.58
N PRO C 228 23.31 20.69 -29.65
CA PRO C 228 22.26 21.68 -29.82
C PRO C 228 20.88 21.15 -30.08
N LYS C 229 19.93 22.02 -29.81
CA LYS C 229 18.54 21.83 -30.00
C LYS C 229 18.21 21.29 -31.41
N GLY C 230 17.47 20.22 -31.50
CA GLY C 230 17.00 19.70 -32.77
C GLY C 230 17.94 18.88 -33.65
N VAL C 231 19.19 18.78 -33.25
CA VAL C 231 20.22 17.91 -33.88
C VAL C 231 19.92 16.42 -33.70
N ILE C 232 19.50 16.03 -32.51
CA ILE C 232 18.84 14.74 -32.34
C ILE C 232 17.39 15.00 -31.91
N ASN C 233 16.49 14.12 -32.35
CA ASN C 233 15.08 14.17 -31.93
C ASN C 233 14.63 12.76 -31.54
N TYR C 234 14.02 12.65 -30.38
CA TYR C 234 13.70 11.34 -29.83
C TYR C 234 12.22 11.06 -30.03
N VAL C 235 11.92 10.04 -30.81
CA VAL C 235 10.55 9.85 -31.27
C VAL C 235 10.07 8.36 -31.39
N PRO C 236 10.04 7.61 -30.26
CA PRO C 236 9.47 6.26 -30.33
C PRO C 236 8.01 6.25 -30.78
N GLY C 237 7.57 5.14 -31.35
CA GLY C 237 6.23 5.06 -31.94
C GLY C 237 6.07 3.78 -32.72
N SER C 238 4.96 3.68 -33.45
CA SER C 238 4.63 2.50 -34.24
C SER C 238 5.24 2.58 -35.63
N GLY C 239 5.45 1.43 -36.25
CA GLY C 239 5.98 1.36 -37.62
C GLY C 239 5.02 1.87 -38.68
N ALA C 240 3.73 1.62 -38.48
CA ALA C 240 2.69 2.08 -39.39
C ALA C 240 2.53 3.61 -39.34
N GLU C 241 2.47 4.16 -38.12
CA GLU C 241 2.29 5.59 -37.92
C GLU C 241 3.56 6.40 -38.16
N VAL C 242 4.67 5.95 -37.58
CA VAL C 242 5.85 6.80 -37.46
C VAL C 242 6.94 6.40 -38.46
N GLY C 243 7.35 5.13 -38.41
CA GLY C 243 8.45 4.59 -39.23
C GLY C 243 8.30 4.85 -40.72
N ASP C 244 7.15 4.46 -41.27
CA ASP C 244 6.86 4.68 -42.70
C ASP C 244 6.82 6.14 -43.08
N TYR C 245 6.20 6.95 -42.21
CA TYR C 245 6.14 8.39 -42.42
C TYR C 245 7.54 9.04 -42.46
N LEU C 246 8.42 8.62 -41.55
CA LEU C 246 9.79 9.16 -41.52
C LEU C 246 10.59 8.74 -42.77
N VAL C 247 10.52 7.46 -43.11
CA VAL C 247 11.20 6.95 -44.30
C VAL C 247 10.74 7.67 -45.58
N ASP C 248 9.42 7.85 -45.75
CA ASP C 248 8.86 8.47 -46.94
C ASP C 248 8.95 9.99 -47.01
N HIS C 249 9.35 10.65 -45.92
CA HIS C 249 9.33 12.11 -45.91
C HIS C 249 10.26 12.71 -47.00
N PRO C 250 9.77 13.71 -47.76
CA PRO C 250 10.63 14.28 -48.83
C PRO C 250 11.90 15.00 -48.34
N LYS C 251 11.95 15.34 -47.05
CA LYS C 251 13.10 16.03 -46.47
C LYS C 251 14.13 15.09 -45.85
N THR C 252 13.78 13.83 -45.73
CA THR C 252 14.69 12.79 -45.26
C THR C 252 15.77 12.55 -46.33
N SER C 253 17.04 12.77 -45.96
CA SER C 253 18.13 12.62 -46.92
C SER C 253 18.84 11.27 -46.79
N LEU C 254 18.95 10.78 -45.56
CA LEU C 254 19.67 9.56 -45.30
C LEU C 254 18.86 8.70 -44.35
N ILE C 255 18.87 7.40 -44.56
CA ILE C 255 18.19 6.52 -43.61
C ILE C 255 19.18 5.46 -43.16
N THR C 256 19.32 5.28 -41.85
CA THR C 256 20.13 4.19 -41.32
C THR C 256 19.28 3.28 -40.46
N PHE C 257 19.24 2.00 -40.87
CA PHE C 257 18.37 1.00 -40.27
C PHE C 257 19.18 -0.22 -39.85
N THR C 258 18.89 -0.72 -38.65
CA THR C 258 19.43 -2.01 -38.23
C THR C 258 18.29 -2.86 -37.66
N GLY C 259 18.12 -4.09 -38.18
CA GLY C 259 16.99 -4.97 -37.81
C GLY C 259 16.74 -6.16 -38.72
N SER C 260 15.48 -6.54 -38.88
CA SER C 260 15.11 -7.76 -39.59
C SER C 260 15.15 -7.59 -41.11
N LYS C 261 15.30 -8.71 -41.82
CA LYS C 261 15.27 -8.76 -43.28
C LYS C 261 13.96 -8.19 -43.84
N ASP C 262 12.83 -8.75 -43.44
CA ASP C 262 11.52 -8.35 -43.98
C ASP C 262 11.18 -6.87 -43.81
N VAL C 263 11.48 -6.30 -42.63
CA VAL C 263 11.30 -4.86 -42.41
C VAL C 263 12.32 -4.03 -43.20
N GLY C 264 13.58 -4.43 -43.20
CA GLY C 264 14.64 -3.75 -43.97
C GLY C 264 14.44 -3.73 -45.49
N VAL C 265 14.00 -4.85 -46.05
CA VAL C 265 13.70 -4.94 -47.50
C VAL C 265 12.63 -3.94 -47.90
N ARG C 266 11.53 -3.91 -47.13
CA ARG C 266 10.41 -3.03 -47.42
C ARG C 266 10.81 -1.56 -47.33
N LEU C 267 11.50 -1.20 -46.24
CA LEU C 267 12.11 0.11 -46.06
C LEU C 267 13.05 0.49 -47.22
N TYR C 268 13.93 -0.43 -47.61
CA TYR C 268 14.87 -0.20 -48.72
C TYR C 268 14.14 0.17 -50.00
N GLU C 269 13.09 -0.59 -50.31
CA GLU C 269 12.34 -0.35 -51.53
C GLU C 269 11.61 1.01 -51.47
N ARG C 270 10.98 1.29 -50.35
CA ARG C 270 10.18 2.52 -50.18
C ARG C 270 11.05 3.77 -50.19
N ALA C 271 12.27 3.65 -49.65
CA ALA C 271 13.22 4.76 -49.58
C ALA C 271 13.68 5.22 -50.96
N ALA C 272 13.79 4.27 -51.90
CA ALA C 272 14.25 4.62 -53.23
C ALA C 272 13.30 5.49 -54.05
N VAL C 273 12.01 5.43 -53.76
CA VAL C 273 11.05 6.25 -54.52
C VAL C 273 11.19 7.73 -54.22
N VAL C 274 11.26 8.50 -55.30
CA VAL C 274 11.36 9.96 -55.19
C VAL C 274 9.97 10.53 -55.02
N ARG C 275 9.66 10.95 -53.78
CA ARG C 275 8.32 11.43 -53.42
C ARG C 275 8.08 12.85 -53.98
N PRO C 276 6.83 13.35 -53.93
CA PRO C 276 6.64 14.76 -54.33
C PRO C 276 7.36 15.76 -53.43
N GLY C 277 8.02 16.72 -54.05
CA GLY C 277 8.79 17.72 -53.30
C GLY C 277 10.14 17.23 -52.81
N GLN C 278 10.54 16.02 -53.24
CA GLN C 278 11.83 15.45 -52.86
C GLN C 278 12.81 15.75 -53.97
N ASN C 279 13.83 16.52 -53.66
CA ASN C 279 14.80 16.95 -54.67
C ASN C 279 16.07 16.09 -54.74
N HIS C 280 16.02 14.85 -54.27
CA HIS C 280 17.23 14.02 -54.16
C HIS C 280 16.88 12.54 -54.13
N LEU C 281 17.91 11.71 -54.26
CA LEU C 281 17.80 10.29 -53.99
C LEU C 281 18.22 10.04 -52.55
N LYS C 282 17.41 9.29 -51.81
CA LYS C 282 17.75 8.97 -50.41
C LYS C 282 18.85 7.93 -50.30
N ARG C 283 19.84 8.22 -49.45
CA ARG C 283 20.89 7.24 -49.16
C ARG C 283 20.41 6.37 -48.03
N VAL C 284 20.64 5.09 -48.16
CA VAL C 284 20.12 4.14 -47.19
C VAL C 284 21.20 3.17 -46.79
N ILE C 285 21.38 3.04 -45.48
CA ILE C 285 22.29 2.08 -44.90
C ILE C 285 21.43 1.02 -44.22
N VAL C 286 21.59 -0.23 -44.59
CA VAL C 286 20.85 -1.28 -43.93
C VAL C 286 21.66 -2.49 -43.49
N GLU C 287 21.51 -2.84 -42.25
CA GLU C 287 22.15 -3.99 -41.78
C GLU C 287 21.04 -4.84 -41.23
N MET C 288 20.78 -5.87 -41.96
CA MET C 288 19.75 -6.79 -41.67
C MET C 288 20.37 -7.97 -40.94
N GLY C 289 19.73 -9.11 -40.94
CA GLY C 289 20.22 -10.24 -40.19
C GLY C 289 21.25 -11.14 -40.83
N GLY C 290 21.36 -12.32 -40.27
CA GLY C 290 22.26 -13.34 -40.73
C GLY C 290 21.78 -14.75 -40.43
N LYS C 291 22.42 -15.72 -41.08
CA LYS C 291 22.30 -17.13 -40.72
C LYS C 291 23.71 -17.69 -40.73
N ASP C 292 24.41 -17.44 -39.63
CA ASP C 292 25.86 -17.56 -39.57
C ASP C 292 26.32 -18.95 -39.17
N THR C 293 27.56 -19.25 -39.56
CA THR C 293 28.06 -20.62 -39.57
C THR C 293 29.46 -20.74 -38.97
N VAL C 294 29.62 -21.66 -38.01
CA VAL C 294 30.96 -22.07 -37.60
C VAL C 294 31.29 -23.35 -38.34
N VAL C 295 32.29 -23.27 -39.20
CA VAL C 295 32.84 -24.43 -39.91
C VAL C 295 34.02 -25.04 -39.13
N VAL C 296 33.98 -26.36 -38.89
CA VAL C 296 35.03 -27.04 -38.13
C VAL C 296 35.71 -28.10 -39.00
N ASP C 297 37.00 -27.90 -39.28
CA ASP C 297 37.80 -28.76 -40.18
C ASP C 297 38.31 -30.00 -39.41
N ARG C 298 38.81 -31.02 -40.12
CA ARG C 298 39.21 -32.30 -39.46
CA ARG C 298 39.19 -32.28 -39.45
C ARG C 298 40.37 -32.14 -38.48
N ASP C 299 41.25 -31.17 -38.74
CA ASP C 299 42.44 -30.92 -37.92
C ASP C 299 42.24 -29.91 -36.78
N ALA C 300 40.99 -29.50 -36.56
CA ALA C 300 40.70 -28.45 -35.57
C ALA C 300 41.05 -28.86 -34.14
N ASP C 301 41.35 -27.87 -33.30
CA ASP C 301 41.32 -28.03 -31.85
C ASP C 301 39.85 -28.13 -31.47
N LEU C 302 39.45 -29.31 -31.00
CA LEU C 302 38.02 -29.65 -30.85
C LEU C 302 37.38 -29.04 -29.63
N ASP C 303 38.17 -28.90 -28.57
CA ASP C 303 37.76 -28.20 -27.37
C ASP C 303 37.52 -26.73 -27.69
N LEU C 304 38.38 -26.15 -28.52
CA LEU C 304 38.24 -24.76 -28.97
C LEU C 304 37.03 -24.60 -29.87
N ALA C 305 36.80 -25.57 -30.76
CA ALA C 305 35.64 -25.57 -31.62
C ALA C 305 34.36 -25.62 -30.79
N ALA C 306 34.30 -26.56 -29.84
CA ALA C 306 33.14 -26.70 -28.93
C ALA C 306 32.82 -25.39 -28.20
N GLU C 307 33.85 -24.69 -27.73
CA GLU C 307 33.69 -23.43 -27.03
C GLU C 307 33.35 -22.27 -27.98
N SER C 308 33.85 -22.32 -29.21
CA SER C 308 33.55 -21.29 -30.18
C SER C 308 32.08 -21.36 -30.61
N ILE C 309 31.59 -22.58 -30.77
CA ILE C 309 30.20 -22.84 -31.13
C ILE C 309 29.29 -22.47 -29.97
N LEU C 310 29.68 -22.86 -28.75
CA LEU C 310 28.90 -22.53 -27.57
C LEU C 310 28.63 -21.03 -27.43
N VAL C 311 29.72 -20.26 -27.42
CA VAL C 311 29.68 -18.80 -27.25
C VAL C 311 28.95 -18.10 -28.44
N SER C 312 29.23 -18.53 -29.67
CA SER C 312 28.55 -17.99 -30.87
C SER C 312 27.02 -18.20 -30.83
N ALA C 313 26.61 -19.37 -30.39
CA ALA C 313 25.22 -19.78 -30.45
C ALA C 313 24.39 -19.28 -29.29
N PHE C 314 25.03 -19.13 -28.13
CA PHE C 314 24.29 -18.90 -26.89
C PHE C 314 24.56 -17.58 -26.15
N GLY C 315 25.60 -16.86 -26.56
CA GLY C 315 25.84 -15.48 -26.08
C GLY C 315 24.62 -14.61 -26.33
N PHE C 316 24.16 -13.89 -25.28
CA PHE C 316 22.89 -13.15 -25.28
C PHE C 316 21.69 -13.98 -25.79
N SER C 317 21.66 -15.24 -25.36
CA SER C 317 20.67 -16.24 -25.75
C SER C 317 20.44 -16.30 -27.26
N GLY C 318 21.49 -16.10 -28.04
CA GLY C 318 21.41 -16.24 -29.49
C GLY C 318 20.79 -15.05 -30.20
N GLN C 319 20.56 -13.96 -29.48
CA GLN C 319 19.83 -12.81 -30.00
C GLN C 319 20.77 -11.79 -30.65
N LYS C 320 21.54 -12.28 -31.63
CA LYS C 320 22.50 -11.48 -32.36
C LYS C 320 22.41 -11.83 -33.83
N CYS C 321 22.57 -10.83 -34.69
CA CYS C 321 22.58 -11.08 -36.12
C CYS C 321 23.88 -11.79 -36.53
N SER C 322 24.87 -11.78 -35.62
CA SER C 322 26.16 -12.46 -35.81
C SER C 322 26.20 -13.87 -35.21
N ALA C 323 25.09 -14.33 -34.62
CA ALA C 323 25.05 -15.60 -33.87
C ALA C 323 25.37 -16.83 -34.70
N GLY C 324 26.22 -17.71 -34.16
CA GLY C 324 26.52 -18.98 -34.81
C GLY C 324 25.38 -19.95 -34.62
N SER C 325 24.35 -19.82 -35.43
CA SER C 325 23.17 -20.66 -35.25
C SER C 325 23.32 -21.98 -36.01
N ARG C 326 24.40 -22.10 -36.78
CA ARG C 326 24.72 -23.31 -37.51
C ARG C 326 26.15 -23.75 -37.20
N ALA C 327 26.32 -25.05 -36.99
CA ALA C 327 27.62 -25.64 -36.73
C ALA C 327 27.87 -26.73 -37.78
N VAL C 328 28.83 -26.48 -38.68
CA VAL C 328 29.06 -27.36 -39.83
C VAL C 328 30.39 -28.09 -39.63
N ILE C 329 30.32 -29.41 -39.44
CA ILE C 329 31.47 -30.19 -38.96
C ILE C 329 31.91 -31.26 -39.97
N HIS C 330 33.21 -31.28 -40.24
CA HIS C 330 33.85 -32.35 -41.01
C HIS C 330 33.55 -33.71 -40.37
N LYS C 331 33.30 -34.66 -41.27
CA LYS C 331 32.98 -36.08 -41.03
C LYS C 331 33.75 -36.78 -39.91
N ASP C 332 35.07 -36.69 -39.92
CA ASP C 332 35.91 -37.45 -38.97
C ASP C 332 35.80 -36.93 -37.55
N VAL C 333 35.23 -35.74 -37.39
CA VAL C 333 35.24 -35.07 -36.11
C VAL C 333 33.86 -34.62 -35.61
N TYR C 334 32.84 -34.93 -36.40
CA TYR C 334 31.45 -34.56 -36.11
C TYR C 334 30.94 -35.07 -34.75
N ASP C 335 31.03 -36.38 -34.52
CA ASP C 335 30.50 -36.99 -33.29
C ASP C 335 31.13 -36.41 -32.04
N GLU C 336 32.45 -36.25 -32.06
CA GLU C 336 33.20 -35.73 -30.92
C GLU C 336 32.94 -34.25 -30.62
N VAL C 337 32.85 -33.40 -31.65
CA VAL C 337 32.62 -31.97 -31.39
C VAL C 337 31.20 -31.74 -30.85
N LEU C 338 30.24 -32.48 -31.42
CA LEU C 338 28.86 -32.49 -30.95
C LEU C 338 28.73 -32.85 -29.47
N GLU C 339 29.31 -33.96 -29.04
CA GLU C 339 29.17 -34.39 -27.65
C GLU C 339 29.94 -33.50 -26.67
N LYS C 340 31.02 -32.88 -27.14
CA LYS C 340 31.73 -31.87 -26.34
C LYS C 340 30.89 -30.60 -26.19
N THR C 341 30.31 -30.13 -27.30
CA THR C 341 29.43 -28.95 -27.28
C THR C 341 28.20 -29.19 -26.40
N VAL C 342 27.61 -30.38 -26.52
CA VAL C 342 26.45 -30.78 -25.71
C VAL C 342 26.73 -30.72 -24.21
N ALA C 343 27.89 -31.25 -23.80
CA ALA C 343 28.28 -31.24 -22.39
C ALA C 343 28.52 -29.83 -21.86
N LEU C 344 29.11 -28.97 -22.69
CA LEU C 344 29.28 -27.56 -22.30
C LEU C 344 27.93 -26.86 -22.14
N ALA C 345 26.98 -27.17 -23.02
CA ALA C 345 25.65 -26.58 -22.99
C ALA C 345 24.86 -26.91 -21.72
N LYS C 346 24.96 -28.15 -21.24
CA LYS C 346 24.13 -28.57 -20.11
C LYS C 346 24.56 -27.95 -18.78
N ASN C 347 25.75 -27.35 -18.74
CA ASN C 347 26.28 -26.67 -17.56
C ASN C 347 26.08 -25.14 -17.57
N LEU C 348 25.65 -24.60 -18.70
CA LEU C 348 25.29 -23.18 -18.82
C LEU C 348 24.11 -22.81 -17.93
N THR C 349 24.31 -21.78 -17.13
CA THR C 349 23.31 -21.31 -16.19
C THR C 349 22.40 -20.31 -16.89
N VAL C 350 21.10 -20.44 -16.64
CA VAL C 350 20.06 -19.63 -17.28
C VAL C 350 19.21 -19.04 -16.17
N GLY C 351 19.05 -17.72 -16.18
CA GLY C 351 18.11 -17.09 -15.26
C GLY C 351 18.13 -15.58 -15.30
N ASP C 352 17.59 -14.97 -14.24
CA ASP C 352 17.62 -13.53 -14.02
C ASP C 352 19.05 -13.01 -14.18
N PRO C 353 19.28 -12.11 -15.17
CA PRO C 353 20.65 -11.63 -15.39
C PRO C 353 21.14 -10.58 -14.38
N THR C 354 20.30 -10.18 -13.43
CA THR C 354 20.79 -9.43 -12.26
C THR C 354 21.76 -10.30 -11.44
N ASN C 355 21.56 -11.61 -11.50
CA ASN C 355 22.48 -12.56 -10.87
C ASN C 355 23.71 -12.75 -11.74
N ARG C 356 24.86 -12.39 -11.19
CA ARG C 356 26.14 -12.49 -11.90
C ARG C 356 26.42 -13.89 -12.40
N ASP C 357 25.89 -14.90 -11.70
CA ASP C 357 26.17 -16.32 -11.99
C ASP C 357 25.34 -16.92 -13.16
N ASN C 358 24.38 -16.17 -13.69
CA ASN C 358 23.61 -16.61 -14.88
C ASN C 358 24.24 -16.18 -16.21
N TYR C 359 24.76 -17.14 -16.97
CA TYR C 359 25.43 -16.88 -18.25
C TYR C 359 24.45 -16.37 -19.32
N MET C 360 23.27 -16.99 -19.35
CA MET C 360 22.19 -16.59 -20.24
C MET C 360 21.05 -16.02 -19.44
N GLY C 361 20.39 -15.03 -20.02
CA GLY C 361 19.15 -14.50 -19.49
C GLY C 361 18.00 -14.87 -20.42
N PRO C 362 16.89 -14.12 -20.34
CA PRO C 362 15.72 -14.39 -21.17
C PRO C 362 15.80 -13.86 -22.61
N VAL C 363 14.90 -14.34 -23.48
CA VAL C 363 14.65 -13.67 -24.75
C VAL C 363 13.77 -12.42 -24.50
N ILE C 364 13.73 -11.51 -25.47
CA ILE C 364 13.24 -10.12 -25.26
C ILE C 364 11.75 -9.92 -24.88
N ASP C 365 10.84 -10.67 -25.49
CA ASP C 365 9.40 -10.54 -25.20
C ASP C 365 8.64 -11.81 -25.57
N GLU C 366 7.32 -11.81 -25.32
CA GLU C 366 6.44 -12.93 -25.68
C GLU C 366 6.50 -13.29 -27.18
N LYS C 367 6.52 -12.29 -28.04
CA LYS C 367 6.53 -12.51 -29.48
C LYS C 367 7.79 -13.28 -29.91
N ALA C 368 8.94 -12.87 -29.37
CA ALA C 368 10.20 -13.61 -29.59
C ALA C 368 10.11 -15.06 -29.05
N PHE C 369 9.70 -15.20 -27.78
CA PHE C 369 9.49 -16.52 -27.15
C PHE C 369 8.70 -17.52 -27.99
N GLU C 370 7.55 -17.08 -28.50
CA GLU C 370 6.60 -17.88 -29.26
C GLU C 370 7.19 -18.35 -30.58
N LYS C 371 7.90 -17.44 -31.23
CA LYS C 371 8.53 -17.71 -32.51
C LYS C 371 9.66 -18.74 -32.38
N ILE C 372 10.49 -18.59 -31.35
CA ILE C 372 11.63 -19.47 -31.11
C ILE C 372 11.16 -20.89 -30.78
N MET C 373 10.19 -21.02 -29.89
CA MET C 373 9.59 -22.33 -29.57
C MET C 373 8.98 -22.99 -30.80
N SER C 374 8.32 -22.22 -31.66
CA SER C 374 7.81 -22.74 -32.92
C SER C 374 8.92 -23.28 -33.83
N TYR C 375 10.03 -22.56 -33.91
CA TYR C 375 11.19 -23.03 -34.69
C TYR C 375 11.83 -24.27 -34.09
N ILE C 376 11.87 -24.33 -32.76
CA ILE C 376 12.36 -25.52 -32.05
C ILE C 376 11.50 -26.74 -32.38
N GLU C 377 10.17 -26.57 -32.37
CA GLU C 377 9.24 -27.67 -32.74
C GLU C 377 9.39 -28.12 -34.20
N ILE C 378 9.68 -27.18 -35.10
CA ILE C 378 9.98 -27.53 -36.51
C ILE C 378 11.28 -28.31 -36.55
N GLY C 379 12.28 -27.78 -35.84
CA GLY C 379 13.63 -28.35 -35.80
C GLY C 379 13.67 -29.78 -35.30
N LYS C 380 12.91 -30.06 -34.24
CA LYS C 380 12.79 -31.41 -33.66
C LYS C 380 12.29 -32.46 -34.65
N LYS C 381 11.62 -32.00 -35.70
CA LYS C 381 11.11 -32.87 -36.75
C LYS C 381 12.03 -32.92 -37.97
N GLU C 382 13.07 -32.08 -37.96
CA GLU C 382 14.09 -32.08 -39.02
C GLU C 382 15.36 -32.77 -38.52
N GLY C 383 15.54 -32.82 -37.21
CA GLY C 383 16.72 -33.43 -36.63
C GLY C 383 16.56 -34.06 -35.27
N ARG C 384 17.69 -34.46 -34.71
CA ARG C 384 17.75 -35.17 -33.45
C ARG C 384 18.06 -34.14 -32.35
N LEU C 385 17.10 -33.98 -31.43
CA LEU C 385 17.28 -33.12 -30.27
C LEU C 385 18.34 -33.67 -29.31
N MET C 386 19.35 -32.85 -29.01
CA MET C 386 20.48 -33.30 -28.16
C MET C 386 20.39 -32.84 -26.71
N THR C 387 20.00 -31.59 -26.51
CA THR C 387 19.86 -30.98 -25.17
C THR C 387 18.98 -29.73 -25.33
N GLY C 388 18.39 -29.27 -24.22
CA GLY C 388 17.50 -28.10 -24.27
C GLY C 388 16.18 -28.41 -24.94
N GLY C 389 15.61 -27.42 -25.62
CA GLY C 389 14.37 -27.62 -26.39
C GLY C 389 13.09 -27.28 -25.64
N GLU C 390 13.22 -26.76 -24.43
CA GLU C 390 12.07 -26.40 -23.61
C GLU C 390 12.13 -24.91 -23.22
N GLY C 391 10.95 -24.31 -23.10
CA GLY C 391 10.82 -22.93 -22.64
C GLY C 391 9.86 -22.79 -21.46
N ASP C 392 9.99 -21.68 -20.74
CA ASP C 392 9.13 -21.39 -19.60
C ASP C 392 8.99 -19.88 -19.50
N SER C 393 7.81 -19.38 -19.85
CA SER C 393 7.55 -17.96 -19.83
C SER C 393 6.77 -17.50 -18.61
N SER C 394 6.79 -18.30 -17.53
CA SER C 394 6.06 -18.00 -16.29
C SER C 394 6.42 -16.67 -15.63
N THR C 395 7.71 -16.49 -15.37
CA THR C 395 8.22 -15.27 -14.75
C THR C 395 8.83 -14.38 -15.82
N GLY C 396 9.69 -14.96 -16.63
CA GLY C 396 10.33 -14.26 -17.73
C GLY C 396 10.45 -15.20 -18.92
N PHE C 397 10.88 -14.66 -20.05
CA PHE C 397 10.86 -15.41 -21.28
C PHE C 397 12.10 -16.29 -21.45
N PHE C 398 12.10 -17.41 -20.73
CA PHE C 398 13.29 -18.26 -20.62
C PHE C 398 13.21 -19.49 -21.49
N ILE C 399 14.27 -19.71 -22.26
CA ILE C 399 14.43 -20.85 -23.15
C ILE C 399 15.81 -21.44 -22.90
N GLN C 400 15.89 -22.76 -22.82
CA GLN C 400 17.15 -23.48 -22.61
C GLN C 400 18.04 -23.39 -23.85
N PRO C 401 19.38 -23.39 -23.65
CA PRO C 401 20.32 -23.59 -24.75
C PRO C 401 20.01 -24.88 -25.48
N THR C 402 19.66 -24.77 -26.76
CA THR C 402 19.12 -25.91 -27.49
C THR C 402 20.02 -26.34 -28.64
N ILE C 403 20.39 -27.63 -28.68
CA ILE C 403 21.14 -28.19 -29.80
C ILE C 403 20.33 -29.26 -30.55
N ILE C 404 20.25 -29.14 -31.87
CA ILE C 404 19.60 -30.13 -32.71
C ILE C 404 20.61 -30.53 -33.76
N ALA C 405 20.74 -31.84 -34.01
CA ALA C 405 21.83 -32.35 -34.85
C ALA C 405 21.32 -33.12 -36.05
N ASP C 406 22.26 -33.46 -36.94
CA ASP C 406 22.02 -34.24 -38.17
C ASP C 406 21.06 -33.57 -39.15
N LEU C 407 21.18 -32.25 -39.27
CA LEU C 407 20.33 -31.51 -40.19
C LEU C 407 20.78 -31.65 -41.65
N ASP C 408 19.79 -31.72 -42.53
CA ASP C 408 19.95 -31.55 -43.95
C ASP C 408 20.34 -30.09 -44.13
N PRO C 409 21.36 -29.80 -44.98
CA PRO C 409 21.79 -28.40 -45.20
C PRO C 409 20.65 -27.41 -45.57
N GLU C 410 19.61 -27.92 -46.22
CA GLU C 410 18.51 -27.07 -46.67
C GLU C 410 17.32 -27.03 -45.71
N ALA C 411 17.45 -27.66 -44.54
CA ALA C 411 16.40 -27.61 -43.51
C ALA C 411 16.00 -26.18 -43.11
N VAL C 412 14.75 -26.01 -42.69
CA VAL C 412 14.22 -24.71 -42.23
C VAL C 412 15.12 -24.08 -41.15
N ILE C 413 15.58 -24.88 -40.20
CA ILE C 413 16.43 -24.32 -39.13
C ILE C 413 17.89 -24.17 -39.53
N MET C 414 18.22 -24.53 -40.77
CA MET C 414 19.54 -24.27 -41.36
C MET C 414 19.48 -23.11 -42.34
N GLN C 415 18.29 -22.52 -42.49
CA GLN C 415 18.04 -21.48 -43.50
C GLN C 415 17.47 -20.17 -42.93
N GLU C 416 16.58 -20.28 -41.94
CA GLU C 416 15.85 -19.12 -41.43
C GLU C 416 16.38 -18.67 -40.07
N GLU C 417 16.46 -17.36 -39.89
CA GLU C 417 17.00 -16.74 -38.69
C GLU C 417 15.99 -16.90 -37.56
N ILE C 418 16.41 -17.57 -36.49
CA ILE C 418 15.58 -17.87 -35.32
C ILE C 418 15.74 -16.79 -34.23
N PHE C 419 16.96 -16.26 -34.07
CA PHE C 419 17.25 -15.19 -33.10
C PHE C 419 16.97 -15.65 -31.66
N GLY C 420 17.29 -16.90 -31.41
CA GLY C 420 17.11 -17.53 -30.11
C GLY C 420 18.22 -18.53 -29.84
N PRO C 421 18.24 -19.13 -28.62
CA PRO C 421 19.36 -19.97 -28.15
C PRO C 421 19.36 -21.37 -28.76
N VAL C 422 19.51 -21.41 -30.07
CA VAL C 422 19.41 -22.61 -30.84
C VAL C 422 20.51 -22.76 -31.83
N VAL C 423 21.18 -23.88 -31.82
CA VAL C 423 22.19 -24.19 -32.83
C VAL C 423 21.96 -25.50 -33.53
N ALA C 424 22.18 -25.49 -34.83
CA ALA C 424 21.96 -26.65 -35.66
C ALA C 424 23.25 -27.23 -36.21
N PHE C 425 23.44 -28.51 -35.93
CA PHE C 425 24.63 -29.23 -36.37
C PHE C 425 24.34 -29.96 -37.66
N SER C 426 25.28 -29.90 -38.61
CA SER C 426 25.18 -30.65 -39.85
C SER C 426 26.56 -31.15 -40.27
N LYS C 427 26.58 -32.36 -40.84
CA LYS C 427 27.82 -33.08 -41.16
C LYS C 427 28.29 -32.84 -42.59
N ALA C 428 29.56 -32.49 -42.71
CA ALA C 428 30.22 -32.20 -43.97
C ALA C 428 31.13 -33.35 -44.41
N ASN C 429 31.11 -33.67 -45.70
CA ASN C 429 31.91 -34.74 -46.26
C ASN C 429 33.41 -34.46 -46.27
N ASP C 430 33.77 -33.19 -46.50
CA ASP C 430 35.14 -32.71 -46.59
C ASP C 430 35.12 -31.21 -46.37
N PHE C 431 36.28 -30.56 -46.46
CA PHE C 431 36.39 -29.10 -46.29
C PHE C 431 35.64 -28.33 -47.38
N ASP C 432 35.78 -28.78 -48.64
CA ASP C 432 35.05 -28.19 -49.76
C ASP C 432 33.53 -28.25 -49.57
N HIS C 433 33.02 -29.40 -49.14
CA HIS C 433 31.60 -29.55 -48.81
C HIS C 433 31.15 -28.66 -47.66
N ALA C 434 31.99 -28.50 -46.64
CA ALA C 434 31.67 -27.65 -45.50
C ALA C 434 31.48 -26.19 -45.92
N LEU C 435 32.36 -25.71 -46.78
CA LEU C 435 32.20 -24.36 -47.35
C LEU C 435 30.97 -24.21 -48.26
N GLU C 436 30.62 -25.25 -49.02
CA GLU C 436 29.39 -25.25 -49.82
C GLU C 436 28.15 -25.03 -48.95
N ILE C 437 28.10 -25.77 -47.84
CA ILE C 437 27.03 -25.63 -46.85
C ILE C 437 27.01 -24.24 -46.21
N ALA C 438 28.20 -23.72 -45.87
CA ALA C 438 28.34 -22.40 -45.26
C ALA C 438 27.76 -21.27 -46.14
N ASN C 439 27.92 -21.42 -47.45
CA ASN C 439 27.46 -20.41 -48.42
C ASN C 439 26.01 -20.60 -48.90
N ASN C 440 25.32 -21.64 -48.42
CA ASN C 440 24.00 -22.00 -48.98
C ASN C 440 22.76 -21.25 -48.43
N THR C 441 22.96 -20.25 -47.57
CA THR C 441 21.82 -19.42 -47.11
C THR C 441 21.67 -18.15 -47.96
N GLU C 442 20.57 -17.42 -47.72
CA GLU C 442 20.37 -16.12 -48.39
C GLU C 442 21.14 -14.96 -47.72
N TYR C 443 21.86 -15.26 -46.64
CA TYR C 443 22.62 -14.27 -45.88
C TYR C 443 24.12 -14.41 -46.06
N GLY C 444 24.86 -13.40 -45.62
CA GLY C 444 26.31 -13.35 -45.77
C GLY C 444 26.93 -12.39 -44.75
N LEU C 445 26.57 -12.56 -43.48
CA LEU C 445 27.05 -11.65 -42.43
C LEU C 445 28.34 -12.13 -41.74
N THR C 446 28.25 -13.14 -40.88
CA THR C 446 29.44 -13.63 -40.15
C THR C 446 29.64 -15.12 -40.33
N GLY C 447 30.85 -15.57 -40.04
CA GLY C 447 31.21 -16.97 -40.11
C GLY C 447 32.55 -17.16 -39.45
N ALA C 448 32.81 -18.37 -39.01
CA ALA C 448 34.07 -18.73 -38.40
C ALA C 448 34.56 -20.06 -38.96
N VAL C 449 35.88 -20.20 -39.05
CA VAL C 449 36.45 -21.48 -39.43
C VAL C 449 37.46 -21.85 -38.35
N ILE C 450 37.35 -23.08 -37.89
CA ILE C 450 38.26 -23.60 -36.90
C ILE C 450 39.15 -24.63 -37.60
N THR C 451 40.42 -24.28 -37.78
CA THR C 451 41.36 -25.11 -38.54
C THR C 451 42.82 -24.76 -38.23
N ARG C 452 43.72 -25.70 -38.51
CA ARG C 452 45.16 -25.52 -38.31
C ARG C 452 45.94 -25.59 -39.64
N ASN C 453 45.18 -25.60 -40.73
CA ASN C 453 45.70 -25.74 -42.08
C ASN C 453 45.70 -24.34 -42.70
N ARG C 454 46.89 -23.82 -43.02
CA ARG C 454 46.99 -22.50 -43.70
C ARG C 454 46.27 -22.44 -45.05
N ALA C 455 46.37 -23.50 -45.84
CA ALA C 455 45.79 -23.52 -47.18
C ALA C 455 44.26 -23.44 -47.12
N HIS C 456 43.69 -24.01 -46.06
CA HIS C 456 42.24 -23.97 -45.83
C HIS C 456 41.77 -22.61 -45.30
N ILE C 457 42.62 -21.94 -44.53
CA ILE C 457 42.36 -20.56 -44.11
C ILE C 457 42.33 -19.64 -45.33
N GLU C 458 43.34 -19.75 -46.19
CA GLU C 458 43.39 -18.95 -47.43
C GLU C 458 42.21 -19.25 -48.35
N GLN C 459 41.84 -20.52 -48.48
CA GLN C 459 40.65 -20.91 -49.25
C GLN C 459 39.37 -20.31 -48.67
N ALA C 460 39.16 -20.40 -47.35
CA ALA C 460 38.00 -19.74 -46.72
C ALA C 460 37.98 -18.21 -46.95
N LYS C 461 39.14 -17.56 -46.86
CA LYS C 461 39.25 -16.14 -47.22
C LYS C 461 38.70 -15.81 -48.61
N ARG C 462 38.96 -16.67 -49.59
CA ARG C 462 38.42 -16.49 -50.95
C ARG C 462 36.95 -16.89 -51.08
N GLU C 463 36.58 -18.01 -50.46
CA GLU C 463 35.34 -18.73 -50.81
C GLU C 463 34.18 -18.64 -49.81
N PHE C 464 34.47 -18.38 -48.53
CA PHE C 464 33.42 -18.25 -47.51
C PHE C 464 32.86 -16.84 -47.63
N HIS C 465 31.71 -16.72 -48.29
CA HIS C 465 31.19 -15.40 -48.63
C HIS C 465 30.39 -14.77 -47.50
N VAL C 466 31.11 -14.27 -46.48
CA VAL C 466 30.54 -13.46 -45.38
C VAL C 466 31.41 -12.22 -45.19
N GLY C 467 30.80 -11.12 -44.74
CA GLY C 467 31.53 -9.88 -44.50
C GLY C 467 32.47 -9.89 -43.31
N ASN C 468 32.17 -10.74 -42.32
CA ASN C 468 32.97 -10.84 -41.12
C ASN C 468 33.39 -12.27 -40.89
N LEU C 469 34.62 -12.56 -41.27
CA LEU C 469 35.12 -13.92 -41.25
C LEU C 469 36.25 -14.10 -40.22
N TYR C 470 36.06 -15.09 -39.35
CA TYR C 470 36.93 -15.29 -38.19
C TYR C 470 37.58 -16.67 -38.20
N PHE C 471 38.79 -16.74 -37.65
CA PHE C 471 39.52 -17.99 -37.62
C PHE C 471 39.92 -18.35 -36.22
N ASN C 472 39.55 -19.57 -35.83
CA ASN C 472 39.93 -20.17 -34.54
C ASN C 472 39.37 -19.45 -33.31
N ARG C 473 38.09 -19.08 -33.43
CA ARG C 473 37.37 -18.36 -32.39
C ARG C 473 35.88 -18.33 -32.78
N ASN C 474 35.12 -17.64 -31.95
CA ASN C 474 33.70 -17.42 -32.16
C ASN C 474 33.42 -16.43 -33.30
N CYS C 475 32.22 -16.50 -33.88
CA CYS C 475 31.87 -15.55 -34.94
C CYS C 475 31.14 -14.29 -34.45
N THR C 476 31.03 -14.13 -33.13
CA THR C 476 30.37 -12.95 -32.56
C THR C 476 31.37 -11.93 -31.98
N GLY C 477 30.84 -10.83 -31.43
CA GLY C 477 31.61 -9.92 -30.59
C GLY C 477 32.65 -9.07 -31.31
N ALA C 478 32.28 -8.55 -32.47
CA ALA C 478 33.08 -7.56 -33.20
C ALA C 478 33.37 -6.33 -32.34
N ILE C 479 34.60 -5.83 -32.40
CA ILE C 479 35.01 -4.64 -31.68
C ILE C 479 35.25 -3.49 -32.68
N VAL C 480 34.68 -2.32 -32.38
CA VAL C 480 34.81 -1.11 -33.21
C VAL C 480 36.27 -0.76 -33.51
N GLY C 481 36.61 -0.57 -34.79
CA GLY C 481 37.99 -0.26 -35.20
C GLY C 481 38.91 -1.46 -35.36
N TYR C 482 38.44 -2.64 -34.95
CA TYR C 482 39.21 -3.88 -34.97
C TYR C 482 38.56 -4.89 -35.89
N HIS C 483 37.23 -5.01 -35.77
CA HIS C 483 36.47 -5.89 -36.66
C HIS C 483 35.26 -5.12 -37.23
N PRO C 484 35.50 -4.25 -38.23
CA PRO C 484 34.42 -3.46 -38.84
C PRO C 484 33.30 -4.37 -39.35
N PHE C 485 32.05 -4.01 -39.03
CA PHE C 485 30.93 -4.94 -39.08
C PHE C 485 29.95 -4.63 -40.19
N GLY C 486 29.57 -5.66 -40.95
CA GLY C 486 28.64 -5.50 -42.10
C GLY C 486 28.80 -6.68 -43.03
N GLY C 487 27.76 -7.02 -43.79
CA GLY C 487 27.77 -8.24 -44.60
C GLY C 487 27.07 -8.23 -45.96
N PHE C 488 27.07 -9.38 -46.62
CA PHE C 488 26.67 -9.48 -48.03
C PHE C 488 25.25 -10.00 -48.13
N LYS C 489 24.73 -10.00 -49.35
CA LYS C 489 23.49 -10.70 -49.66
C LYS C 489 22.29 -10.11 -48.89
N MET C 490 21.48 -10.94 -48.23
CA MET C 490 20.32 -10.41 -47.49
C MET C 490 20.66 -9.86 -46.10
N SER C 491 21.97 -9.83 -45.77
CA SER C 491 22.45 -9.17 -44.57
C SER C 491 22.56 -7.65 -44.78
N GLY C 492 22.42 -7.21 -46.03
CA GLY C 492 22.25 -5.77 -46.33
C GLY C 492 23.29 -5.12 -47.20
N THR C 493 23.60 -3.85 -46.91
CA THR C 493 24.43 -3.04 -47.81
C THR C 493 25.95 -3.12 -47.56
N ASP C 494 26.37 -3.95 -46.59
CA ASP C 494 27.79 -4.09 -46.22
C ASP C 494 28.40 -2.69 -45.93
N SER C 495 27.70 -1.93 -45.09
CA SER C 495 28.12 -0.62 -44.66
C SER C 495 28.87 -0.88 -43.39
N LYS C 496 30.19 -0.91 -43.52
CA LYS C 496 31.04 -1.42 -42.46
C LYS C 496 31.14 -0.47 -41.27
N ALA C 497 30.21 -0.67 -40.33
CA ALA C 497 30.18 0.09 -39.07
C ALA C 497 31.43 -0.15 -38.25
N GLY C 498 31.92 0.90 -37.58
CA GLY C 498 33.17 0.81 -36.82
C GLY C 498 34.38 0.56 -37.70
N GLY C 499 34.33 1.05 -38.94
CA GLY C 499 35.43 0.92 -39.88
C GLY C 499 35.68 2.22 -40.61
N PRO C 500 36.76 2.27 -41.41
CA PRO C 500 37.24 3.51 -42.01
C PRO C 500 36.37 4.08 -43.16
N ASP C 501 35.50 3.27 -43.74
CA ASP C 501 34.66 3.74 -44.86
C ASP C 501 33.32 4.25 -44.39
N TYR C 502 33.05 4.13 -43.09
CA TYR C 502 31.70 4.34 -42.57
C TYR C 502 31.17 5.79 -42.62
N LEU C 503 31.98 6.75 -42.18
CA LEU C 503 31.54 8.15 -42.10
C LEU C 503 31.32 8.82 -43.45
N ALA C 504 32.13 8.43 -44.43
CA ALA C 504 31.97 8.89 -45.82
C ALA C 504 30.62 8.52 -46.47
N LEU C 505 30.05 7.39 -46.07
CA LEU C 505 28.71 7.00 -46.53
C LEU C 505 27.64 8.01 -46.07
N HIS C 506 27.98 8.87 -45.11
CA HIS C 506 27.03 9.85 -44.59
C HIS C 506 27.26 11.26 -45.12
N MET C 507 28.14 11.38 -46.10
CA MET C 507 28.59 12.68 -46.60
C MET C 507 28.61 12.71 -48.12
N GLN C 508 28.50 13.91 -48.67
CA GLN C 508 28.57 14.10 -50.11
C GLN C 508 29.90 14.71 -50.47
N ALA C 509 30.64 13.98 -51.30
CA ALA C 509 31.95 14.45 -51.73
C ALA C 509 31.81 15.71 -52.57
N LYS C 510 32.72 16.66 -52.39
CA LYS C 510 32.63 17.91 -53.16
C LYS C 510 33.98 18.24 -53.78
N THR C 511 34.01 18.50 -55.08
CA THR C 511 35.25 18.93 -55.75
C THR C 511 35.30 20.44 -55.89
N VAL C 512 36.39 21.04 -55.40
CA VAL C 512 36.57 22.49 -55.53
C VAL C 512 37.86 22.72 -56.30
N SER C 513 37.80 23.62 -57.28
CA SER C 513 38.93 23.87 -58.16
C SER C 513 39.11 25.35 -58.42
N GLU C 514 40.31 25.84 -58.13
CA GLU C 514 40.60 27.27 -58.33
C GLU C 514 41.60 27.45 -59.46
N MET C 515 41.19 28.20 -60.49
CA MET C 515 42.06 28.46 -61.64
C MET C 515 42.79 29.79 -61.49
N TYR C 516 44.11 29.78 -61.75
CA TYR C 516 44.91 31.01 -61.75
C TYR C 516 45.42 31.32 -63.16
N ALA C 517 45.61 30.26 -63.94
CA ALA C 517 46.02 30.36 -65.34
C ALA C 517 44.85 30.81 -66.21
#